data_1A2B
# 
_entry.id   1A2B 
# 
_audit_conform.dict_name       mmcif_pdbx.dic 
_audit_conform.dict_version    5.392 
_audit_conform.dict_location   http://mmcif.pdb.org/dictionaries/ascii/mmcif_pdbx.dic 
# 
loop_
_database_2.database_id 
_database_2.database_code 
_database_2.pdbx_database_accession 
_database_2.pdbx_DOI 
PDB   1A2B         pdb_00001a2b 10.2210/pdb1a2b/pdb 
WWPDB D_1000170305 ?            ?                   
# 
loop_
_pdbx_audit_revision_history.ordinal 
_pdbx_audit_revision_history.data_content_type 
_pdbx_audit_revision_history.major_revision 
_pdbx_audit_revision_history.minor_revision 
_pdbx_audit_revision_history.revision_date 
1 'Structure model' 1 0 1998-06-17 
2 'Structure model' 1 1 2008-03-24 
3 'Structure model' 1 2 2011-07-13 
4 'Structure model' 1 3 2021-11-03 
5 'Structure model' 1 4 2023-08-02 
6 'Structure model' 1 5 2024-05-22 
# 
_pdbx_audit_revision_details.ordinal             1 
_pdbx_audit_revision_details.revision_ordinal    1 
_pdbx_audit_revision_details.data_content_type   'Structure model' 
_pdbx_audit_revision_details.provider            repository 
_pdbx_audit_revision_details.type                'Initial release' 
_pdbx_audit_revision_details.description         ? 
_pdbx_audit_revision_details.details             ? 
# 
loop_
_pdbx_audit_revision_group.ordinal 
_pdbx_audit_revision_group.revision_ordinal 
_pdbx_audit_revision_group.data_content_type 
_pdbx_audit_revision_group.group 
1 2 'Structure model' 'Version format compliance' 
2 3 'Structure model' 'Version format compliance' 
3 4 'Structure model' 'Database references'       
4 4 'Structure model' 'Derived calculations'      
5 4 'Structure model' Other                       
6 5 'Structure model' 'Refinement description'    
7 6 'Structure model' 'Data collection'           
# 
loop_
_pdbx_audit_revision_category.ordinal 
_pdbx_audit_revision_category.revision_ordinal 
_pdbx_audit_revision_category.data_content_type 
_pdbx_audit_revision_category.category 
1 4 'Structure model' database_2                    
2 4 'Structure model' pdbx_database_status          
3 4 'Structure model' pdbx_struct_conn_angle        
4 4 'Structure model' struct_conn                   
5 4 'Structure model' struct_ref_seq_dif            
6 4 'Structure model' struct_site                   
7 5 'Structure model' pdbx_initial_refinement_model 
8 6 'Structure model' chem_comp_atom                
9 6 'Structure model' chem_comp_bond                
# 
loop_
_pdbx_audit_revision_item.ordinal 
_pdbx_audit_revision_item.revision_ordinal 
_pdbx_audit_revision_item.data_content_type 
_pdbx_audit_revision_item.item 
1  4 'Structure model' '_database_2.pdbx_DOI'                        
2  4 'Structure model' '_database_2.pdbx_database_accession'         
3  4 'Structure model' '_pdbx_database_status.process_site'          
4  4 'Structure model' '_pdbx_struct_conn_angle.ptnr1_auth_comp_id'  
5  4 'Structure model' '_pdbx_struct_conn_angle.ptnr1_auth_seq_id'   
6  4 'Structure model' '_pdbx_struct_conn_angle.ptnr1_label_asym_id' 
7  4 'Structure model' '_pdbx_struct_conn_angle.ptnr1_label_atom_id' 
8  4 'Structure model' '_pdbx_struct_conn_angle.ptnr1_label_comp_id' 
9  4 'Structure model' '_pdbx_struct_conn_angle.ptnr1_label_seq_id'  
10 4 'Structure model' '_pdbx_struct_conn_angle.ptnr3_auth_comp_id'  
11 4 'Structure model' '_pdbx_struct_conn_angle.ptnr3_auth_seq_id'   
12 4 'Structure model' '_pdbx_struct_conn_angle.ptnr3_label_asym_id' 
13 4 'Structure model' '_pdbx_struct_conn_angle.ptnr3_label_atom_id' 
14 4 'Structure model' '_pdbx_struct_conn_angle.ptnr3_label_comp_id' 
15 4 'Structure model' '_pdbx_struct_conn_angle.ptnr3_label_seq_id'  
16 4 'Structure model' '_pdbx_struct_conn_angle.value'               
17 4 'Structure model' '_struct_conn.pdbx_dist_value'                
18 4 'Structure model' '_struct_conn.ptnr1_auth_comp_id'             
19 4 'Structure model' '_struct_conn.ptnr1_auth_seq_id'              
20 4 'Structure model' '_struct_conn.ptnr1_label_asym_id'            
21 4 'Structure model' '_struct_conn.ptnr1_label_atom_id'            
22 4 'Structure model' '_struct_conn.ptnr1_label_comp_id'            
23 4 'Structure model' '_struct_conn.ptnr1_label_seq_id'             
24 4 'Structure model' '_struct_conn.ptnr2_auth_comp_id'             
25 4 'Structure model' '_struct_conn.ptnr2_auth_seq_id'              
26 4 'Structure model' '_struct_conn.ptnr2_label_asym_id'            
27 4 'Structure model' '_struct_conn.ptnr2_label_atom_id'            
28 4 'Structure model' '_struct_conn.ptnr2_label_comp_id'            
29 4 'Structure model' '_struct_conn.ptnr2_label_seq_id'             
30 4 'Structure model' '_struct_ref_seq_dif.details'                 
31 4 'Structure model' '_struct_site.pdbx_auth_asym_id'              
32 4 'Structure model' '_struct_site.pdbx_auth_comp_id'              
33 4 'Structure model' '_struct_site.pdbx_auth_seq_id'               
# 
_pdbx_database_status.status_code                     REL 
_pdbx_database_status.entry_id                        1A2B 
_pdbx_database_status.recvd_initial_deposition_date   1997-12-26 
_pdbx_database_status.deposit_site                    ? 
_pdbx_database_status.process_site                    BNL 
_pdbx_database_status.status_code_sf                  REL 
_pdbx_database_status.status_code_mr                  ? 
_pdbx_database_status.SG_entry                        ? 
_pdbx_database_status.pdb_format_compatible           Y 
_pdbx_database_status.status_code_cs                  ? 
_pdbx_database_status.status_code_nmr_data            ? 
_pdbx_database_status.methods_development_category    ? 
# 
loop_
_audit_author.name 
_audit_author.pdbx_ordinal 
'Ihara, K.'     1 
'Muraguchi, S.' 2 
'Kato, M.'      3 
'Shimizu, T.'   4 
'Shirakawa, M.' 5 
'Kuroda, S.'    6 
'Kaibuchi, K.'  7 
'Hakoshima, T.' 8 
# 
loop_
_citation.id 
_citation.title 
_citation.journal_abbrev 
_citation.journal_volume 
_citation.page_first 
_citation.page_last 
_citation.year 
_citation.journal_id_ASTM 
_citation.country 
_citation.journal_id_ISSN 
_citation.journal_id_CSD 
_citation.book_publisher 
_citation.pdbx_database_id_PubMed 
_citation.pdbx_database_id_DOI 
primary 'Crystal structure of human RhoA in a dominantly active form complexed with a GTP analogue.' J.Biol.Chem. 273 9656 9666 
1998 JBCHA3 US 0021-9258 0071 ? 9545299 10.1074/jbc.273.16.9656 
1       
;Refined Crystal Structure of the Triphosphate Conformation of H-Ras P21 at 1.35 A Resolution: Implications for the Mechanism of GTP Hydrolysis
;
'Embo J.'    9   2351 ?    1990 EMJODG UK 0261-4189 0897 ? ?       ?                       
# 
loop_
_citation_author.citation_id 
_citation_author.name 
_citation_author.ordinal 
_citation_author.identifier_ORCID 
primary 'Ihara, K.'        1  ? 
primary 'Muraguchi, S.'    2  ? 
primary 'Kato, M.'         3  ? 
primary 'Shimizu, T.'      4  ? 
primary 'Shirakawa, M.'    5  ? 
primary 'Kuroda, S.'       6  ? 
primary 'Kaibuchi, K.'     7  ? 
primary 'Hakoshima, T.'    8  ? 
1       'Pai, E.F.'        9  ? 
1       'Krengel, U.'      10 ? 
1       'Petsko, G.A.'     11 ? 
1       'Goody, R.S.'      12 ? 
1       'Kabsch, W.'       13 ? 
1       'Wittinghofer, A.' 14 ? 
# 
loop_
_entity.id 
_entity.type 
_entity.src_method 
_entity.pdbx_description 
_entity.formula_weight 
_entity.pdbx_number_of_molecules 
_entity.pdbx_ec 
_entity.pdbx_mutation 
_entity.pdbx_fragment 
_entity.details 
1 polymer     man 'TRANSFORMING PROTEIN RHOA'                  20596.615 1  ? 
'G14V, RESIDUES 1 - 181 WERE CLONED, THE N-TERMINUS CONTAINS A HIS-TAG' 'RESIDUES 1 - 181' 
'COMPLEXED WITH ONE GTPGAMMAS AND ONE MG ION' 
2 non-polymer syn 'MAGNESIUM ION'                              24.305    1  ? ? ?                  ? 
3 non-polymer syn "5'-GUANOSINE-DIPHOSPHATE-MONOTHIOPHOSPHATE" 539.246   1  ? ? ?                  ? 
4 water       nat water                                        18.015    38 ? ? ?                  ? 
# 
_entity_poly.entity_id                      1 
_entity_poly.type                           'polypeptide(L)' 
_entity_poly.nstd_linkage                   no 
_entity_poly.nstd_monomer                   no 
_entity_poly.pdbx_seq_one_letter_code       
;SMAAIRKKLVIVGDVACGKTCLLIVFSKDQFPEVYVPTVFENYVADIEVDGKQVELALWDTAGQEDYDRLRPLSYPDTDV
ILMCFSIDSPDSLENIPEKWTPEVKHFCPNVPIILVGNKKDLRNDEHTRRELAKMKQEPVKPEEGRDMANRIGAFGYMEC
SAKTKDGVREVFEMATRAALQA
;
_entity_poly.pdbx_seq_one_letter_code_can   
;SMAAIRKKLVIVGDVACGKTCLLIVFSKDQFPEVYVPTVFENYVADIEVDGKQVELALWDTAGQEDYDRLRPLSYPDTDV
ILMCFSIDSPDSLENIPEKWTPEVKHFCPNVPIILVGNKKDLRNDEHTRRELAKMKQEPVKPEEGRDMANRIGAFGYMEC
SAKTKDGVREVFEMATRAALQA
;
_entity_poly.pdbx_strand_id                 A 
_entity_poly.pdbx_target_identifier         ? 
# 
loop_
_pdbx_entity_nonpoly.entity_id 
_pdbx_entity_nonpoly.name 
_pdbx_entity_nonpoly.comp_id 
2 'MAGNESIUM ION'                              MG  
3 "5'-GUANOSINE-DIPHOSPHATE-MONOTHIOPHOSPHATE" GSP 
4 water                                        HOH 
# 
loop_
_entity_poly_seq.entity_id 
_entity_poly_seq.num 
_entity_poly_seq.mon_id 
_entity_poly_seq.hetero 
1 1   SER n 
1 2   MET n 
1 3   ALA n 
1 4   ALA n 
1 5   ILE n 
1 6   ARG n 
1 7   LYS n 
1 8   LYS n 
1 9   LEU n 
1 10  VAL n 
1 11  ILE n 
1 12  VAL n 
1 13  GLY n 
1 14  ASP n 
1 15  VAL n 
1 16  ALA n 
1 17  CYS n 
1 18  GLY n 
1 19  LYS n 
1 20  THR n 
1 21  CYS n 
1 22  LEU n 
1 23  LEU n 
1 24  ILE n 
1 25  VAL n 
1 26  PHE n 
1 27  SER n 
1 28  LYS n 
1 29  ASP n 
1 30  GLN n 
1 31  PHE n 
1 32  PRO n 
1 33  GLU n 
1 34  VAL n 
1 35  TYR n 
1 36  VAL n 
1 37  PRO n 
1 38  THR n 
1 39  VAL n 
1 40  PHE n 
1 41  GLU n 
1 42  ASN n 
1 43  TYR n 
1 44  VAL n 
1 45  ALA n 
1 46  ASP n 
1 47  ILE n 
1 48  GLU n 
1 49  VAL n 
1 50  ASP n 
1 51  GLY n 
1 52  LYS n 
1 53  GLN n 
1 54  VAL n 
1 55  GLU n 
1 56  LEU n 
1 57  ALA n 
1 58  LEU n 
1 59  TRP n 
1 60  ASP n 
1 61  THR n 
1 62  ALA n 
1 63  GLY n 
1 64  GLN n 
1 65  GLU n 
1 66  ASP n 
1 67  TYR n 
1 68  ASP n 
1 69  ARG n 
1 70  LEU n 
1 71  ARG n 
1 72  PRO n 
1 73  LEU n 
1 74  SER n 
1 75  TYR n 
1 76  PRO n 
1 77  ASP n 
1 78  THR n 
1 79  ASP n 
1 80  VAL n 
1 81  ILE n 
1 82  LEU n 
1 83  MET n 
1 84  CYS n 
1 85  PHE n 
1 86  SER n 
1 87  ILE n 
1 88  ASP n 
1 89  SER n 
1 90  PRO n 
1 91  ASP n 
1 92  SER n 
1 93  LEU n 
1 94  GLU n 
1 95  ASN n 
1 96  ILE n 
1 97  PRO n 
1 98  GLU n 
1 99  LYS n 
1 100 TRP n 
1 101 THR n 
1 102 PRO n 
1 103 GLU n 
1 104 VAL n 
1 105 LYS n 
1 106 HIS n 
1 107 PHE n 
1 108 CYS n 
1 109 PRO n 
1 110 ASN n 
1 111 VAL n 
1 112 PRO n 
1 113 ILE n 
1 114 ILE n 
1 115 LEU n 
1 116 VAL n 
1 117 GLY n 
1 118 ASN n 
1 119 LYS n 
1 120 LYS n 
1 121 ASP n 
1 122 LEU n 
1 123 ARG n 
1 124 ASN n 
1 125 ASP n 
1 126 GLU n 
1 127 HIS n 
1 128 THR n 
1 129 ARG n 
1 130 ARG n 
1 131 GLU n 
1 132 LEU n 
1 133 ALA n 
1 134 LYS n 
1 135 MET n 
1 136 LYS n 
1 137 GLN n 
1 138 GLU n 
1 139 PRO n 
1 140 VAL n 
1 141 LYS n 
1 142 PRO n 
1 143 GLU n 
1 144 GLU n 
1 145 GLY n 
1 146 ARG n 
1 147 ASP n 
1 148 MET n 
1 149 ALA n 
1 150 ASN n 
1 151 ARG n 
1 152 ILE n 
1 153 GLY n 
1 154 ALA n 
1 155 PHE n 
1 156 GLY n 
1 157 TYR n 
1 158 MET n 
1 159 GLU n 
1 160 CYS n 
1 161 SER n 
1 162 ALA n 
1 163 LYS n 
1 164 THR n 
1 165 LYS n 
1 166 ASP n 
1 167 GLY n 
1 168 VAL n 
1 169 ARG n 
1 170 GLU n 
1 171 VAL n 
1 172 PHE n 
1 173 GLU n 
1 174 MET n 
1 175 ALA n 
1 176 THR n 
1 177 ARG n 
1 178 ALA n 
1 179 ALA n 
1 180 LEU n 
1 181 GLN n 
1 182 ALA n 
# 
_entity_src_gen.entity_id                          1 
_entity_src_gen.pdbx_src_id                        1 
_entity_src_gen.pdbx_alt_source_flag               sample 
_entity_src_gen.pdbx_seq_type                      ? 
_entity_src_gen.pdbx_beg_seq_num                   ? 
_entity_src_gen.pdbx_end_seq_num                   ? 
_entity_src_gen.gene_src_common_name               human 
_entity_src_gen.gene_src_genus                     Homo 
_entity_src_gen.pdbx_gene_src_gene                 ? 
_entity_src_gen.gene_src_species                   ? 
_entity_src_gen.gene_src_strain                    ? 
_entity_src_gen.gene_src_tissue                    ? 
_entity_src_gen.gene_src_tissue_fraction           ? 
_entity_src_gen.gene_src_details                   ? 
_entity_src_gen.pdbx_gene_src_fragment             ? 
_entity_src_gen.pdbx_gene_src_scientific_name      'Homo sapiens' 
_entity_src_gen.pdbx_gene_src_ncbi_taxonomy_id     9606 
_entity_src_gen.pdbx_gene_src_variant              ? 
_entity_src_gen.pdbx_gene_src_cell_line            ? 
_entity_src_gen.pdbx_gene_src_atcc                 ? 
_entity_src_gen.pdbx_gene_src_organ                ? 
_entity_src_gen.pdbx_gene_src_organelle            ? 
_entity_src_gen.pdbx_gene_src_cell                 ? 
_entity_src_gen.pdbx_gene_src_cellular_location    ? 
_entity_src_gen.host_org_common_name               ? 
_entity_src_gen.pdbx_host_org_scientific_name      'Escherichia coli BL21' 
_entity_src_gen.pdbx_host_org_ncbi_taxonomy_id     511693 
_entity_src_gen.host_org_genus                     Escherichia 
_entity_src_gen.pdbx_host_org_gene                 ? 
_entity_src_gen.pdbx_host_org_organ                ? 
_entity_src_gen.host_org_species                   'Escherichia coli' 
_entity_src_gen.pdbx_host_org_tissue               ? 
_entity_src_gen.pdbx_host_org_tissue_fraction      ? 
_entity_src_gen.pdbx_host_org_strain               BL21 
_entity_src_gen.pdbx_host_org_variant              ? 
_entity_src_gen.pdbx_host_org_cell_line            ? 
_entity_src_gen.pdbx_host_org_atcc                 ? 
_entity_src_gen.pdbx_host_org_culture_collection   ? 
_entity_src_gen.pdbx_host_org_cell                 ? 
_entity_src_gen.pdbx_host_org_organelle            ? 
_entity_src_gen.pdbx_host_org_cellular_location    CYTOSOL 
_entity_src_gen.pdbx_host_org_vector_type          ? 
_entity_src_gen.pdbx_host_org_vector               ? 
_entity_src_gen.host_org_details                   ? 
_entity_src_gen.expression_system_id               ? 
_entity_src_gen.plasmid_name                       'PRSET B (INVITROGEN CO.)' 
_entity_src_gen.plasmid_details                    ? 
_entity_src_gen.pdbx_description                   ? 
# 
loop_
_chem_comp.id 
_chem_comp.type 
_chem_comp.mon_nstd_flag 
_chem_comp.name 
_chem_comp.pdbx_synonyms 
_chem_comp.formula 
_chem_comp.formula_weight 
ALA 'L-peptide linking' y ALANINE                                      ? 'C3 H7 N O2'          89.093  
ARG 'L-peptide linking' y ARGININE                                     ? 'C6 H15 N4 O2 1'      175.209 
ASN 'L-peptide linking' y ASPARAGINE                                   ? 'C4 H8 N2 O3'         132.118 
ASP 'L-peptide linking' y 'ASPARTIC ACID'                              ? 'C4 H7 N O4'          133.103 
CYS 'L-peptide linking' y CYSTEINE                                     ? 'C3 H7 N O2 S'        121.158 
GLN 'L-peptide linking' y GLUTAMINE                                    ? 'C5 H10 N2 O3'        146.144 
GLU 'L-peptide linking' y 'GLUTAMIC ACID'                              ? 'C5 H9 N O4'          147.129 
GLY 'peptide linking'   y GLYCINE                                      ? 'C2 H5 N O2'          75.067  
GSP non-polymer         . "5'-GUANOSINE-DIPHOSPHATE-MONOTHIOPHOSPHATE" ? 'C10 H16 N5 O13 P3 S' 539.246 
HIS 'L-peptide linking' y HISTIDINE                                    ? 'C6 H10 N3 O2 1'      156.162 
HOH non-polymer         . WATER                                        ? 'H2 O'                18.015  
ILE 'L-peptide linking' y ISOLEUCINE                                   ? 'C6 H13 N O2'         131.173 
LEU 'L-peptide linking' y LEUCINE                                      ? 'C6 H13 N O2'         131.173 
LYS 'L-peptide linking' y LYSINE                                       ? 'C6 H15 N2 O2 1'      147.195 
MET 'L-peptide linking' y METHIONINE                                   ? 'C5 H11 N O2 S'       149.211 
MG  non-polymer         . 'MAGNESIUM ION'                              ? 'Mg 2'                24.305  
PHE 'L-peptide linking' y PHENYLALANINE                                ? 'C9 H11 N O2'         165.189 
PRO 'L-peptide linking' y PROLINE                                      ? 'C5 H9 N O2'          115.130 
SER 'L-peptide linking' y SERINE                                       ? 'C3 H7 N O3'          105.093 
THR 'L-peptide linking' y THREONINE                                    ? 'C4 H9 N O3'          119.119 
TRP 'L-peptide linking' y TRYPTOPHAN                                   ? 'C11 H12 N2 O2'       204.225 
TYR 'L-peptide linking' y TYROSINE                                     ? 'C9 H11 N O3'         181.189 
VAL 'L-peptide linking' y VALINE                                       ? 'C5 H11 N O2'         117.146 
# 
loop_
_pdbx_poly_seq_scheme.asym_id 
_pdbx_poly_seq_scheme.entity_id 
_pdbx_poly_seq_scheme.seq_id 
_pdbx_poly_seq_scheme.mon_id 
_pdbx_poly_seq_scheme.ndb_seq_num 
_pdbx_poly_seq_scheme.pdb_seq_num 
_pdbx_poly_seq_scheme.auth_seq_num 
_pdbx_poly_seq_scheme.pdb_mon_id 
_pdbx_poly_seq_scheme.auth_mon_id 
_pdbx_poly_seq_scheme.pdb_strand_id 
_pdbx_poly_seq_scheme.pdb_ins_code 
_pdbx_poly_seq_scheme.hetero 
A 1 1   SER 1   0   ?   ?   ?   A . n 
A 1 2   MET 2   1   ?   ?   ?   A . n 
A 1 3   ALA 3   2   ?   ?   ?   A . n 
A 1 4   ALA 4   3   ?   ?   ?   A . n 
A 1 5   ILE 5   4   4   ILE ILE A . n 
A 1 6   ARG 6   5   5   ARG ARG A . n 
A 1 7   LYS 7   6   6   LYS LYS A . n 
A 1 8   LYS 8   7   7   LYS LYS A . n 
A 1 9   LEU 9   8   8   LEU LEU A . n 
A 1 10  VAL 10  9   9   VAL VAL A . n 
A 1 11  ILE 11  10  10  ILE ILE A . n 
A 1 12  VAL 12  11  11  VAL VAL A . n 
A 1 13  GLY 13  12  12  GLY GLY A . n 
A 1 14  ASP 14  13  13  ASP ASP A . n 
A 1 15  VAL 15  14  14  VAL VAL A . n 
A 1 16  ALA 16  15  15  ALA ALA A . n 
A 1 17  CYS 17  16  16  CYS CYS A . n 
A 1 18  GLY 18  17  17  GLY GLY A . n 
A 1 19  LYS 19  18  18  LYS LYS A . n 
A 1 20  THR 20  19  19  THR THR A . n 
A 1 21  CYS 21  20  20  CYS CYS A . n 
A 1 22  LEU 22  21  21  LEU LEU A . n 
A 1 23  LEU 23  22  22  LEU LEU A . n 
A 1 24  ILE 24  23  23  ILE ILE A . n 
A 1 25  VAL 25  24  24  VAL VAL A . n 
A 1 26  PHE 26  25  25  PHE PHE A . n 
A 1 27  SER 27  26  26  SER SER A . n 
A 1 28  LYS 28  27  27  LYS LYS A . n 
A 1 29  ASP 29  28  28  ASP ASP A . n 
A 1 30  GLN 30  29  29  GLN GLN A . n 
A 1 31  PHE 31  30  30  PHE PHE A . n 
A 1 32  PRO 32  31  31  PRO PRO A . n 
A 1 33  GLU 33  32  32  GLU GLU A . n 
A 1 34  VAL 34  33  33  VAL VAL A . n 
A 1 35  TYR 35  34  34  TYR TYR A . n 
A 1 36  VAL 36  35  35  VAL VAL A . n 
A 1 37  PRO 37  36  36  PRO PRO A . n 
A 1 38  THR 38  37  37  THR THR A . n 
A 1 39  VAL 39  38  38  VAL VAL A . n 
A 1 40  PHE 40  39  39  PHE PHE A . n 
A 1 41  GLU 41  40  40  GLU GLU A . n 
A 1 42  ASN 42  41  41  ASN ASN A . n 
A 1 43  TYR 43  42  42  TYR TYR A . n 
A 1 44  VAL 44  43  43  VAL VAL A . n 
A 1 45  ALA 45  44  44  ALA ALA A . n 
A 1 46  ASP 46  45  45  ASP ASP A . n 
A 1 47  ILE 47  46  46  ILE ILE A . n 
A 1 48  GLU 48  47  47  GLU GLU A . n 
A 1 49  VAL 49  48  48  VAL VAL A . n 
A 1 50  ASP 50  49  49  ASP ASP A . n 
A 1 51  GLY 51  50  50  GLY GLY A . n 
A 1 52  LYS 52  51  51  LYS LYS A . n 
A 1 53  GLN 53  52  52  GLN GLN A . n 
A 1 54  VAL 54  53  53  VAL VAL A . n 
A 1 55  GLU 55  54  54  GLU GLU A . n 
A 1 56  LEU 56  55  55  LEU LEU A . n 
A 1 57  ALA 57  56  56  ALA ALA A . n 
A 1 58  LEU 58  57  57  LEU LEU A . n 
A 1 59  TRP 59  58  58  TRP TRP A . n 
A 1 60  ASP 60  59  59  ASP ASP A . n 
A 1 61  THR 61  60  60  THR THR A . n 
A 1 62  ALA 62  61  61  ALA ALA A . n 
A 1 63  GLY 63  62  62  GLY GLY A . n 
A 1 64  GLN 64  63  63  GLN GLN A . n 
A 1 65  GLU 65  64  64  GLU GLU A . n 
A 1 66  ASP 66  65  65  ASP ASP A . n 
A 1 67  TYR 67  66  66  TYR TYR A . n 
A 1 68  ASP 68  67  67  ASP ASP A . n 
A 1 69  ARG 69  68  68  ARG ARG A . n 
A 1 70  LEU 70  69  69  LEU LEU A . n 
A 1 71  ARG 71  70  70  ARG ARG A . n 
A 1 72  PRO 72  71  71  PRO PRO A . n 
A 1 73  LEU 73  72  72  LEU LEU A . n 
A 1 74  SER 74  73  73  SER SER A . n 
A 1 75  TYR 75  74  74  TYR TYR A . n 
A 1 76  PRO 76  75  75  PRO PRO A . n 
A 1 77  ASP 77  76  76  ASP ASP A . n 
A 1 78  THR 78  77  77  THR THR A . n 
A 1 79  ASP 79  78  78  ASP ASP A . n 
A 1 80  VAL 80  79  79  VAL VAL A . n 
A 1 81  ILE 81  80  80  ILE ILE A . n 
A 1 82  LEU 82  81  81  LEU LEU A . n 
A 1 83  MET 83  82  82  MET MET A . n 
A 1 84  CYS 84  83  83  CYS CYS A . n 
A 1 85  PHE 85  84  84  PHE PHE A . n 
A 1 86  SER 86  85  85  SER SER A . n 
A 1 87  ILE 87  86  86  ILE ILE A . n 
A 1 88  ASP 88  87  87  ASP ASP A . n 
A 1 89  SER 89  88  88  SER SER A . n 
A 1 90  PRO 90  89  89  PRO PRO A . n 
A 1 91  ASP 91  90  90  ASP ASP A . n 
A 1 92  SER 92  91  91  SER SER A . n 
A 1 93  LEU 93  92  92  LEU LEU A . n 
A 1 94  GLU 94  93  93  GLU GLU A . n 
A 1 95  ASN 95  94  94  ASN ASN A . n 
A 1 96  ILE 96  95  95  ILE ILE A . n 
A 1 97  PRO 97  96  96  PRO PRO A . n 
A 1 98  GLU 98  97  97  GLU GLU A . n 
A 1 99  LYS 99  98  98  LYS LYS A . n 
A 1 100 TRP 100 99  99  TRP TRP A . n 
A 1 101 THR 101 100 100 THR THR A . n 
A 1 102 PRO 102 101 101 PRO PRO A . n 
A 1 103 GLU 103 102 102 GLU GLU A . n 
A 1 104 VAL 104 103 103 VAL VAL A . n 
A 1 105 LYS 105 104 104 LYS LYS A . n 
A 1 106 HIS 106 105 105 HIS HIS A . n 
A 1 107 PHE 107 106 106 PHE PHE A . n 
A 1 108 CYS 108 107 107 CYS CYS A . n 
A 1 109 PRO 109 108 108 PRO PRO A . n 
A 1 110 ASN 110 109 109 ASN ASN A . n 
A 1 111 VAL 111 110 110 VAL VAL A . n 
A 1 112 PRO 112 111 111 PRO PRO A . n 
A 1 113 ILE 113 112 112 ILE ILE A . n 
A 1 114 ILE 114 113 113 ILE ILE A . n 
A 1 115 LEU 115 114 114 LEU LEU A . n 
A 1 116 VAL 116 115 115 VAL VAL A . n 
A 1 117 GLY 117 116 116 GLY GLY A . n 
A 1 118 ASN 118 117 117 ASN ASN A . n 
A 1 119 LYS 119 118 118 LYS LYS A . n 
A 1 120 LYS 120 119 119 LYS LYS A . n 
A 1 121 ASP 121 120 120 ASP ASP A . n 
A 1 122 LEU 122 121 121 LEU LEU A . n 
A 1 123 ARG 123 122 122 ARG ARG A . n 
A 1 124 ASN 124 123 123 ASN ASN A . n 
A 1 125 ASP 125 124 124 ASP ASP A . n 
A 1 126 GLU 126 125 125 GLU GLU A . n 
A 1 127 HIS 127 126 126 HIS HIS A . n 
A 1 128 THR 128 127 127 THR THR A . n 
A 1 129 ARG 129 128 128 ARG ARG A . n 
A 1 130 ARG 130 129 129 ARG ARG A . n 
A 1 131 GLU 131 130 130 GLU GLU A . n 
A 1 132 LEU 132 131 131 LEU LEU A . n 
A 1 133 ALA 133 132 132 ALA ALA A . n 
A 1 134 LYS 134 133 133 LYS LYS A . n 
A 1 135 MET 135 134 134 MET MET A . n 
A 1 136 LYS 136 135 135 LYS LYS A . n 
A 1 137 GLN 137 136 136 GLN GLN A . n 
A 1 138 GLU 138 137 137 GLU GLU A . n 
A 1 139 PRO 139 138 138 PRO PRO A . n 
A 1 140 VAL 140 139 139 VAL VAL A . n 
A 1 141 LYS 141 140 140 LYS LYS A . n 
A 1 142 PRO 142 141 141 PRO PRO A . n 
A 1 143 GLU 143 142 142 GLU GLU A . n 
A 1 144 GLU 144 143 143 GLU GLU A . n 
A 1 145 GLY 145 144 144 GLY GLY A . n 
A 1 146 ARG 146 145 145 ARG ARG A . n 
A 1 147 ASP 147 146 146 ASP ASP A . n 
A 1 148 MET 148 147 147 MET MET A . n 
A 1 149 ALA 149 148 148 ALA ALA A . n 
A 1 150 ASN 150 149 149 ASN ASN A . n 
A 1 151 ARG 151 150 150 ARG ARG A . n 
A 1 152 ILE 152 151 151 ILE ILE A . n 
A 1 153 GLY 153 152 152 GLY GLY A . n 
A 1 154 ALA 154 153 153 ALA ALA A . n 
A 1 155 PHE 155 154 154 PHE PHE A . n 
A 1 156 GLY 156 155 155 GLY GLY A . n 
A 1 157 TYR 157 156 156 TYR TYR A . n 
A 1 158 MET 158 157 157 MET MET A . n 
A 1 159 GLU 159 158 158 GLU GLU A . n 
A 1 160 CYS 160 159 159 CYS CYS A . n 
A 1 161 SER 161 160 160 SER SER A . n 
A 1 162 ALA 162 161 161 ALA ALA A . n 
A 1 163 LYS 163 162 162 LYS LYS A . n 
A 1 164 THR 164 163 163 THR THR A . n 
A 1 165 LYS 165 164 164 LYS LYS A . n 
A 1 166 ASP 166 165 165 ASP ASP A . n 
A 1 167 GLY 167 166 166 GLY GLY A . n 
A 1 168 VAL 168 167 167 VAL VAL A . n 
A 1 169 ARG 169 168 168 ARG ARG A . n 
A 1 170 GLU 170 169 169 GLU GLU A . n 
A 1 171 VAL 171 170 170 VAL VAL A . n 
A 1 172 PHE 172 171 171 PHE PHE A . n 
A 1 173 GLU 173 172 172 GLU GLU A . n 
A 1 174 MET 174 173 173 MET MET A . n 
A 1 175 ALA 175 174 174 ALA ALA A . n 
A 1 176 THR 176 175 175 THR THR A . n 
A 1 177 ARG 177 176 176 ARG ARG A . n 
A 1 178 ALA 178 177 177 ALA ALA A . n 
A 1 179 ALA 179 178 178 ALA ALA A . n 
A 1 180 LEU 180 179 179 LEU LEU A . n 
A 1 181 GLN 181 180 180 GLN GLN A . n 
A 1 182 ALA 182 181 181 ALA ALA A . n 
# 
loop_
_pdbx_nonpoly_scheme.asym_id 
_pdbx_nonpoly_scheme.entity_id 
_pdbx_nonpoly_scheme.mon_id 
_pdbx_nonpoly_scheme.ndb_seq_num 
_pdbx_nonpoly_scheme.pdb_seq_num 
_pdbx_nonpoly_scheme.auth_seq_num 
_pdbx_nonpoly_scheme.pdb_mon_id 
_pdbx_nonpoly_scheme.auth_mon_id 
_pdbx_nonpoly_scheme.pdb_strand_id 
_pdbx_nonpoly_scheme.pdb_ins_code 
B 2 MG  1  550 550 MG  MG  A . 
C 3 GSP 1  538 538 GSP GSP A . 
D 4 HOH 1  601 601 HOH HOH A . 
D 4 HOH 2  602 602 HOH HOH A . 
D 4 HOH 3  603 603 HOH HOH A . 
D 4 HOH 4  604 604 HOH HOH A . 
D 4 HOH 5  605 605 HOH HOH A . 
D 4 HOH 6  606 606 HOH HOH A . 
D 4 HOH 7  607 607 HOH HOH A . 
D 4 HOH 8  608 608 HOH HOH A . 
D 4 HOH 9  609 609 HOH HOH A . 
D 4 HOH 10 610 610 HOH HOH A . 
D 4 HOH 11 611 611 HOH HOH A . 
D 4 HOH 12 612 612 HOH HOH A . 
D 4 HOH 13 613 613 HOH HOH A . 
D 4 HOH 14 614 614 HOH HOH A . 
D 4 HOH 15 615 615 HOH HOH A . 
D 4 HOH 16 616 616 HOH HOH A . 
D 4 HOH 17 617 617 HOH HOH A . 
D 4 HOH 18 618 618 HOH HOH A . 
D 4 HOH 19 619 619 HOH HOH A . 
D 4 HOH 20 620 620 HOH HOH A . 
D 4 HOH 21 621 621 HOH HOH A . 
D 4 HOH 22 622 622 HOH HOH A . 
D 4 HOH 23 623 623 HOH HOH A . 
D 4 HOH 24 624 624 HOH HOH A . 
D 4 HOH 25 625 625 HOH HOH A . 
D 4 HOH 26 626 626 HOH HOH A . 
D 4 HOH 27 627 627 HOH HOH A . 
D 4 HOH 28 628 628 HOH HOH A . 
D 4 HOH 29 629 629 HOH HOH A . 
D 4 HOH 30 630 630 HOH HOH A . 
D 4 HOH 31 631 631 HOH HOH A . 
D 4 HOH 32 632 632 HOH HOH A . 
D 4 HOH 33 633 633 HOH HOH A . 
D 4 HOH 34 634 634 HOH HOH A . 
D 4 HOH 35 635 635 HOH HOH A . 
D 4 HOH 36 636 636 HOH HOH A . 
D 4 HOH 37 637 637 HOH HOH A . 
D 4 HOH 38 638 638 HOH HOH A . 
# 
loop_
_software.name 
_software.classification 
_software.version 
_software.citation_id 
_software.pdbx_ordinal 
PROCESS 'data collection' .   ? 1 
PROCESS 'data reduction'  .   ? 2 
X-PLOR  'model building'  3.8 ? 3 
X-PLOR  refinement        3.8 ? 4 
PROCESS 'data scaling'    .   ? 5 
X-PLOR  phasing           3.8 ? 6 
# 
_cell.entry_id           1A2B 
_cell.length_a           62.020 
_cell.length_b           74.780 
_cell.length_c           50.520 
_cell.angle_alpha        90.00 
_cell.angle_beta         90.00 
_cell.angle_gamma        90.00 
_cell.Z_PDB              4 
_cell.pdbx_unique_axis   ? 
# 
_symmetry.entry_id                         1A2B 
_symmetry.space_group_name_H-M             'P 21 21 2' 
_symmetry.pdbx_full_space_group_name_H-M   ? 
_symmetry.cell_setting                     ? 
_symmetry.Int_Tables_number                18 
# 
_exptl.entry_id          1A2B 
_exptl.method            'X-RAY DIFFRACTION' 
_exptl.crystals_number   1 
# 
_exptl_crystal.id                    1 
_exptl_crystal.density_meas          ? 
_exptl_crystal.density_Matthews      2.77 
_exptl_crystal.density_percent_sol   56. 
_exptl_crystal.description           ? 
# 
_exptl_crystal_grow.crystal_id      1 
_exptl_crystal_grow.method          'VAPOR DIFFUSION, HANGING DROP' 
_exptl_crystal_grow.temp            277 
_exptl_crystal_grow.temp_details    ? 
_exptl_crystal_grow.pH              8.5 
_exptl_crystal_grow.pdbx_pH_range   7.5-8.5 
_exptl_crystal_grow.pdbx_details    
;CRYSTALS WERE OBTAINED AT 277 K BY THE HANGING-DROP VAPOR DIFFUSION METHOD FROM SOLUTIONS CONTAINING 10 MG/ML(PROTEIN,GTPGAMMAS,MG2+ MIXTURE), 10% PEG 8000,7.5% 14-DIOXANE, 50 MM TRIS-HCL PH 8.5, EQUILIBRATED AGAINST 20% PEG 8000,15% 14-DIOXANE, 100 MM TRIS-HCL PH 8.5, vapor diffusion - hanging drop
;
# 
_diffrn.id                     1 
_diffrn.ambient_temp           283 
_diffrn.ambient_temp_details   ? 
_diffrn.crystal_id             1 
# 
_diffrn_detector.diffrn_id              1 
_diffrn_detector.detector               'IMAGE PLATE' 
_diffrn_detector.type                   'RIGAKU RAXIS IIC' 
_diffrn_detector.pdbx_collection_date   1997-03 
_diffrn_detector.details                ? 
# 
_diffrn_radiation.diffrn_id                        1 
_diffrn_radiation.wavelength_id                    1 
_diffrn_radiation.pdbx_monochromatic_or_laue_m_l   M 
_diffrn_radiation.monochromator                    'GRAPHITE(002)' 
_diffrn_radiation.pdbx_diffrn_protocol             ? 
_diffrn_radiation.pdbx_scattering_type             x-ray 
# 
_diffrn_radiation_wavelength.id           1 
_diffrn_radiation_wavelength.wavelength   1.5418 
_diffrn_radiation_wavelength.wt           1.0 
# 
_diffrn_source.diffrn_id                   1 
_diffrn_source.source                      'ROTATING ANODE' 
_diffrn_source.type                        'RIGAKU RUH3R' 
_diffrn_source.pdbx_synchrotron_site       ? 
_diffrn_source.pdbx_synchrotron_beamline   ? 
_diffrn_source.pdbx_wavelength             1.5418 
_diffrn_source.pdbx_wavelength_list        ? 
# 
_reflns.entry_id                     1A2B 
_reflns.observed_criterion_sigma_I   1. 
_reflns.observed_criterion_sigma_F   ? 
_reflns.d_resolution_low             ? 
_reflns.d_resolution_high            2.4 
_reflns.number_obs                   8683 
_reflns.number_all                   ? 
_reflns.percent_possible_obs         89.3 
_reflns.pdbx_Rmerge_I_obs            0.0875 
_reflns.pdbx_Rsym_value              ? 
_reflns.pdbx_netI_over_sigmaI        7.91 
_reflns.B_iso_Wilson_estimate        31.6 
_reflns.pdbx_redundancy              ? 
_reflns.pdbx_diffrn_id               1 
_reflns.pdbx_ordinal                 1 
# 
_reflns_shell.d_res_high             2.4 
_reflns_shell.d_res_low              2.5 
_reflns_shell.percent_possible_all   74.8 
_reflns_shell.Rmerge_I_obs           0.267 
_reflns_shell.pdbx_Rsym_value        ? 
_reflns_shell.meanI_over_sigI_obs    2.04 
_reflns_shell.pdbx_redundancy        ? 
_reflns_shell.pdbx_diffrn_id         ? 
_reflns_shell.pdbx_ordinal           1 
# 
_refine.entry_id                                 1A2B 
_refine.ls_number_reflns_obs                     8382 
_refine.ls_number_reflns_all                     ? 
_refine.pdbx_ls_sigma_I                          ? 
_refine.pdbx_ls_sigma_F                          1. 
_refine.pdbx_data_cutoff_high_absF               10000000. 
_refine.pdbx_data_cutoff_low_absF                0.0001 
_refine.pdbx_data_cutoff_high_rms_absF           ? 
_refine.ls_d_res_low                             15. 
_refine.ls_d_res_high                            2.4 
_refine.ls_percent_reflns_obs                    86.7 
_refine.ls_R_factor_obs                          0.195 
_refine.ls_R_factor_all                          ? 
_refine.ls_R_factor_R_work                       0.195 
_refine.ls_R_factor_R_free                       0.268 
_refine.ls_R_factor_R_free_error                 ? 
_refine.ls_R_factor_R_free_error_details         ? 
_refine.ls_percent_reflns_R_free                 10. 
_refine.ls_number_reflns_R_free                  893 
_refine.ls_number_parameters                     ? 
_refine.ls_number_restraints                     ? 
_refine.occupancy_min                            ? 
_refine.occupancy_max                            ? 
_refine.B_iso_mean                               43.5 
_refine.aniso_B[1][1]                            ? 
_refine.aniso_B[2][2]                            ? 
_refine.aniso_B[3][3]                            ? 
_refine.aniso_B[1][2]                            ? 
_refine.aniso_B[1][3]                            ? 
_refine.aniso_B[2][3]                            ? 
_refine.solvent_model_details                    ? 
_refine.solvent_model_param_ksol                 ? 
_refine.solvent_model_param_bsol                 ? 
_refine.pdbx_ls_cross_valid_method               THROUGHOUT 
_refine.details                                  ? 
_refine.pdbx_starting_model                      'PDB ENTRY 5P21' 
_refine.pdbx_method_to_determine_struct          'MOLECULAR REPLACEMENT' 
_refine.pdbx_isotropic_thermal_model             ? 
_refine.pdbx_stereochemistry_target_values       ? 
_refine.pdbx_stereochem_target_val_spec_case     ? 
_refine.pdbx_R_Free_selection_details            RANDOM 
_refine.pdbx_overall_ESU_R                       ? 
_refine.pdbx_overall_ESU_R_Free                  ? 
_refine.overall_SU_ML                            ? 
_refine.overall_SU_B                             ? 
_refine.pdbx_refine_id                           'X-RAY DIFFRACTION' 
_refine.pdbx_diffrn_id                           1 
_refine.pdbx_TLS_residual_ADP_flag               ? 
_refine.correlation_coeff_Fo_to_Fc               ? 
_refine.correlation_coeff_Fo_to_Fc_free          ? 
_refine.pdbx_solvent_vdw_probe_radii             ? 
_refine.pdbx_solvent_ion_probe_radii             ? 
_refine.pdbx_solvent_shrinkage_radii             ? 
_refine.pdbx_overall_phase_error                 ? 
_refine.overall_SU_R_Cruickshank_DPI             ? 
_refine.pdbx_overall_SU_R_free_Cruickshank_DPI   ? 
_refine.pdbx_overall_SU_R_Blow_DPI               ? 
_refine.pdbx_overall_SU_R_free_Blow_DPI          ? 
# 
_refine_hist.pdbx_refine_id                   'X-RAY DIFFRACTION' 
_refine_hist.cycle_id                         LAST 
_refine_hist.pdbx_number_atoms_protein        1417 
_refine_hist.pdbx_number_atoms_nucleic_acid   0 
_refine_hist.pdbx_number_atoms_ligand         33 
_refine_hist.number_atoms_solvent             38 
_refine_hist.number_atoms_total               1488 
_refine_hist.d_res_high                       2.4 
_refine_hist.d_res_low                        15. 
# 
loop_
_refine_ls_restr.type 
_refine_ls_restr.dev_ideal 
_refine_ls_restr.dev_ideal_target 
_refine_ls_restr.weight 
_refine_ls_restr.number 
_refine_ls_restr.pdbx_refine_id 
_refine_ls_restr.pdbx_restraint_function 
x_bond_d                0.010 ? ? ? 'X-RAY DIFFRACTION' ? 
x_bond_d_na             ?     ? ? ? 'X-RAY DIFFRACTION' ? 
x_bond_d_prot           ?     ? ? ? 'X-RAY DIFFRACTION' ? 
x_angle_d               ?     ? ? ? 'X-RAY DIFFRACTION' ? 
x_angle_d_na            ?     ? ? ? 'X-RAY DIFFRACTION' ? 
x_angle_d_prot          ?     ? ? ? 'X-RAY DIFFRACTION' ? 
x_angle_deg             1.314 ? ? ? 'X-RAY DIFFRACTION' ? 
x_angle_deg_na          ?     ? ? ? 'X-RAY DIFFRACTION' ? 
x_angle_deg_prot        ?     ? ? ? 'X-RAY DIFFRACTION' ? 
x_dihedral_angle_d      22.36 ? ? ? 'X-RAY DIFFRACTION' ? 
x_dihedral_angle_d_na   ?     ? ? ? 'X-RAY DIFFRACTION' ? 
x_dihedral_angle_d_prot ?     ? ? ? 'X-RAY DIFFRACTION' ? 
x_improper_angle_d      1.099 ? ? ? 'X-RAY DIFFRACTION' ? 
x_improper_angle_d_na   ?     ? ? ? 'X-RAY DIFFRACTION' ? 
x_improper_angle_d_prot ?     ? ? ? 'X-RAY DIFFRACTION' ? 
x_mcbond_it             ?     ? ? ? 'X-RAY DIFFRACTION' ? 
x_mcangle_it            ?     ? ? ? 'X-RAY DIFFRACTION' ? 
x_scbond_it             ?     ? ? ? 'X-RAY DIFFRACTION' ? 
x_scangle_it            ?     ? ? ? 'X-RAY DIFFRACTION' ? 
# 
_refine_ls_shell.pdbx_total_number_of_bins_used   8 
_refine_ls_shell.d_res_high                       2.4 
_refine_ls_shell.d_res_low                        2.51 
_refine_ls_shell.number_reflns_R_work             717 
_refine_ls_shell.R_factor_R_work                  0.306 
_refine_ls_shell.percent_reflns_obs               66.4 
_refine_ls_shell.R_factor_R_free                  0.381 
_refine_ls_shell.R_factor_R_free_error            ? 
_refine_ls_shell.percent_reflns_R_free            9.70 
_refine_ls_shell.number_reflns_R_free             77 
_refine_ls_shell.pdbx_refine_id                   'X-RAY DIFFRACTION' 
_refine_ls_shell.number_reflns_all                ? 
_refine_ls_shell.R_factor_all                     ? 
# 
loop_
_pdbx_xplor_file.serial_no 
_pdbx_xplor_file.param_file 
_pdbx_xplor_file.topol_file 
_pdbx_xplor_file.pdbx_refine_id 
1 PARHCSDX.PRO TOPHCSDX.PRO 'X-RAY DIFFRACTION' 
2 ?            ?            'X-RAY DIFFRACTION' 
# 
_struct.entry_id                  1A2B 
_struct.title                     'HUMAN RHOA COMPLEXED WITH GTP ANALOGUE' 
_struct.pdbx_model_details        ? 
_struct.pdbx_CASP_flag            ? 
_struct.pdbx_model_type_details   ? 
# 
_struct_keywords.entry_id        1A2B 
_struct_keywords.pdbx_keywords   'ONCOGENE PROTEIN' 
_struct_keywords.text            'SMALL G-PROTEIN, SIGNAL TRANSDUCTION, GTPASE, RAS SUPERFAMILY, ONCOGENE PROTEIN' 
# 
loop_
_struct_asym.id 
_struct_asym.pdbx_blank_PDB_chainid_flag 
_struct_asym.pdbx_modified 
_struct_asym.entity_id 
_struct_asym.details 
A N N 1 ? 
B N N 2 ? 
C N N 3 ? 
D N N 4 ? 
# 
_struct_ref.id                         1 
_struct_ref.db_name                    UNP 
_struct_ref.db_code                    RHOA_HUMAN 
_struct_ref.entity_id                  1 
_struct_ref.pdbx_db_accession          P61586 
_struct_ref.pdbx_align_begin           1 
_struct_ref.pdbx_seq_one_letter_code   
;MAAIRKKLVIVGDGACGKTCLLIVFSKDQFPEVYVPTVFENYVADIEVDGKQVELALWDTAGQEDYDRLRPLSYPDTDVI
LMCFSIDSPDSLENIPEKWTPEVKHFCPNVPIILVGNKKDLRNDEHTRRELAKMKQEPVKPEEGRDMANRIGAFGYMECS
AKTKDGVREVFEMATRAALQARRGKKKSGCLVL
;
_struct_ref.pdbx_db_isoform            ? 
# 
_struct_ref_seq.align_id                      1 
_struct_ref_seq.ref_id                        1 
_struct_ref_seq.pdbx_PDB_id_code              1A2B 
_struct_ref_seq.pdbx_strand_id                A 
_struct_ref_seq.seq_align_beg                 2 
_struct_ref_seq.pdbx_seq_align_beg_ins_code   ? 
_struct_ref_seq.seq_align_end                 182 
_struct_ref_seq.pdbx_seq_align_end_ins_code   ? 
_struct_ref_seq.pdbx_db_accession             P61586 
_struct_ref_seq.db_align_beg                  1 
_struct_ref_seq.pdbx_db_align_beg_ins_code    ? 
_struct_ref_seq.db_align_end                  181 
_struct_ref_seq.pdbx_db_align_end_ins_code    ? 
_struct_ref_seq.pdbx_auth_seq_align_beg       1 
_struct_ref_seq.pdbx_auth_seq_align_end       181 
# 
_struct_ref_seq_dif.align_id                     1 
_struct_ref_seq_dif.pdbx_pdb_id_code             1A2B 
_struct_ref_seq_dif.mon_id                       VAL 
_struct_ref_seq_dif.pdbx_pdb_strand_id           A 
_struct_ref_seq_dif.seq_num                      15 
_struct_ref_seq_dif.pdbx_pdb_ins_code            ? 
_struct_ref_seq_dif.pdbx_seq_db_name             UNP 
_struct_ref_seq_dif.pdbx_seq_db_accession_code   P61586 
_struct_ref_seq_dif.db_mon_id                    GLY 
_struct_ref_seq_dif.pdbx_seq_db_seq_num          14 
_struct_ref_seq_dif.details                      'engineered mutation' 
_struct_ref_seq_dif.pdbx_auth_seq_num            14 
_struct_ref_seq_dif.pdbx_ordinal                 1 
# 
_pdbx_struct_assembly.id                   1 
_pdbx_struct_assembly.details              author_defined_assembly 
_pdbx_struct_assembly.method_details       ? 
_pdbx_struct_assembly.oligomeric_details   monomeric 
_pdbx_struct_assembly.oligomeric_count     1 
# 
_pdbx_struct_assembly_gen.assembly_id       1 
_pdbx_struct_assembly_gen.oper_expression   1 
_pdbx_struct_assembly_gen.asym_id_list      A,B,C,D 
# 
_pdbx_struct_oper_list.id                   1 
_pdbx_struct_oper_list.type                 'identity operation' 
_pdbx_struct_oper_list.name                 1_555 
_pdbx_struct_oper_list.symmetry_operation   x,y,z 
_pdbx_struct_oper_list.matrix[1][1]         1.0000000000 
_pdbx_struct_oper_list.matrix[1][2]         0.0000000000 
_pdbx_struct_oper_list.matrix[1][3]         0.0000000000 
_pdbx_struct_oper_list.vector[1]            0.0000000000 
_pdbx_struct_oper_list.matrix[2][1]         0.0000000000 
_pdbx_struct_oper_list.matrix[2][2]         1.0000000000 
_pdbx_struct_oper_list.matrix[2][3]         0.0000000000 
_pdbx_struct_oper_list.vector[2]            0.0000000000 
_pdbx_struct_oper_list.matrix[3][1]         0.0000000000 
_pdbx_struct_oper_list.matrix[3][2]         0.0000000000 
_pdbx_struct_oper_list.matrix[3][3]         1.0000000000 
_pdbx_struct_oper_list.vector[3]            0.0000000000 
# 
_struct_biol.id   1 
# 
loop_
_struct_conf.conf_type_id 
_struct_conf.id 
_struct_conf.pdbx_PDB_helix_id 
_struct_conf.beg_label_comp_id 
_struct_conf.beg_label_asym_id 
_struct_conf.beg_label_seq_id 
_struct_conf.pdbx_beg_PDB_ins_code 
_struct_conf.end_label_comp_id 
_struct_conf.end_label_asym_id 
_struct_conf.end_label_seq_id 
_struct_conf.pdbx_end_PDB_ins_code 
_struct_conf.beg_auth_comp_id 
_struct_conf.beg_auth_asym_id 
_struct_conf.beg_auth_seq_id 
_struct_conf.end_auth_comp_id 
_struct_conf.end_auth_asym_id 
_struct_conf.end_auth_seq_id 
_struct_conf.pdbx_PDB_helix_class 
_struct_conf.details 
_struct_conf.pdbx_PDB_helix_length 
HELX_P HELX_P1 1 LYS A 19  ? LYS A 28  ? LYS A 18  LYS A 27  1 ? 10 
HELX_P HELX_P2 2 GLU A 65  ? LEU A 73  ? GLU A 64  LEU A 72  5 ? 9  
HELX_P HELX_P3 3 PRO A 90  ? GLU A 98  ? PRO A 89  GLU A 97  5 ? 9  
HELX_P HELX_P4 4 TRP A 100 ? PHE A 107 ? TRP A 99  PHE A 106 1 ? 8  
HELX_P HELX_P5 5 LYS A 120 ? ARG A 123 ? LYS A 119 ARG A 122 5 ? 4  
HELX_P HELX_P6 6 GLU A 126 ? LYS A 134 ? GLU A 125 LYS A 133 1 ? 9  
HELX_P HELX_P7 7 PRO A 142 ? ARG A 151 ? PRO A 141 ARG A 150 1 ? 10 
HELX_P HELX_P8 8 VAL A 168 ? LEU A 180 ? VAL A 167 LEU A 179 1 ? 13 
# 
_struct_conf_type.id          HELX_P 
_struct_conf_type.criteria    ? 
_struct_conf_type.reference   ? 
# 
loop_
_struct_conn.id 
_struct_conn.conn_type_id 
_struct_conn.pdbx_leaving_atom_flag 
_struct_conn.pdbx_PDB_id 
_struct_conn.ptnr1_label_asym_id 
_struct_conn.ptnr1_label_comp_id 
_struct_conn.ptnr1_label_seq_id 
_struct_conn.ptnr1_label_atom_id 
_struct_conn.pdbx_ptnr1_label_alt_id 
_struct_conn.pdbx_ptnr1_PDB_ins_code 
_struct_conn.pdbx_ptnr1_standard_comp_id 
_struct_conn.ptnr1_symmetry 
_struct_conn.ptnr2_label_asym_id 
_struct_conn.ptnr2_label_comp_id 
_struct_conn.ptnr2_label_seq_id 
_struct_conn.ptnr2_label_atom_id 
_struct_conn.pdbx_ptnr2_label_alt_id 
_struct_conn.pdbx_ptnr2_PDB_ins_code 
_struct_conn.ptnr1_auth_asym_id 
_struct_conn.ptnr1_auth_comp_id 
_struct_conn.ptnr1_auth_seq_id 
_struct_conn.ptnr2_auth_asym_id 
_struct_conn.ptnr2_auth_comp_id 
_struct_conn.ptnr2_auth_seq_id 
_struct_conn.ptnr2_symmetry 
_struct_conn.pdbx_ptnr3_label_atom_id 
_struct_conn.pdbx_ptnr3_label_seq_id 
_struct_conn.pdbx_ptnr3_label_comp_id 
_struct_conn.pdbx_ptnr3_label_asym_id 
_struct_conn.pdbx_ptnr3_label_alt_id 
_struct_conn.pdbx_ptnr3_PDB_ins_code 
_struct_conn.details 
_struct_conn.pdbx_dist_value 
_struct_conn.pdbx_value_order 
_struct_conn.pdbx_role 
metalc1 metalc ? ? A THR 20 OG1 ? ? ? 1_555 B MG  . MG ? ? A THR 19  A MG  550 1_555 ? ? ? ? ? ? ? 2.003 ? ? 
metalc2 metalc ? ? A THR 38 OG1 ? ? ? 1_555 B MG  . MG ? ? A THR 37  A MG  550 1_555 ? ? ? ? ? ? ? 2.059 ? ? 
metalc3 metalc ? ? C GSP .  O2G ? ? ? 1_555 B MG  . MG ? ? A GSP 538 A MG  550 1_555 ? ? ? ? ? ? ? 2.270 ? ? 
metalc4 metalc ? ? C GSP .  O2B ? ? ? 1_555 B MG  . MG ? ? A GSP 538 A MG  550 1_555 ? ? ? ? ? ? ? 2.472 ? ? 
metalc5 metalc ? ? B MG  .  MG  ? ? ? 1_555 D HOH . O  ? ? A MG  550 A HOH 604 1_555 ? ? ? ? ? ? ? 1.949 ? ? 
metalc6 metalc ? ? B MG  .  MG  ? ? ? 1_555 D HOH . O  ? ? A MG  550 A HOH 605 1_555 ? ? ? ? ? ? ? 1.982 ? ? 
# 
_struct_conn_type.id          metalc 
_struct_conn_type.criteria    ? 
_struct_conn_type.reference   ? 
# 
loop_
_pdbx_struct_conn_angle.id 
_pdbx_struct_conn_angle.ptnr1_label_atom_id 
_pdbx_struct_conn_angle.ptnr1_label_alt_id 
_pdbx_struct_conn_angle.ptnr1_label_asym_id 
_pdbx_struct_conn_angle.ptnr1_label_comp_id 
_pdbx_struct_conn_angle.ptnr1_label_seq_id 
_pdbx_struct_conn_angle.ptnr1_auth_atom_id 
_pdbx_struct_conn_angle.ptnr1_auth_asym_id 
_pdbx_struct_conn_angle.ptnr1_auth_comp_id 
_pdbx_struct_conn_angle.ptnr1_auth_seq_id 
_pdbx_struct_conn_angle.ptnr1_PDB_ins_code 
_pdbx_struct_conn_angle.ptnr1_symmetry 
_pdbx_struct_conn_angle.ptnr2_label_atom_id 
_pdbx_struct_conn_angle.ptnr2_label_alt_id 
_pdbx_struct_conn_angle.ptnr2_label_asym_id 
_pdbx_struct_conn_angle.ptnr2_label_comp_id 
_pdbx_struct_conn_angle.ptnr2_label_seq_id 
_pdbx_struct_conn_angle.ptnr2_auth_atom_id 
_pdbx_struct_conn_angle.ptnr2_auth_asym_id 
_pdbx_struct_conn_angle.ptnr2_auth_comp_id 
_pdbx_struct_conn_angle.ptnr2_auth_seq_id 
_pdbx_struct_conn_angle.ptnr2_PDB_ins_code 
_pdbx_struct_conn_angle.ptnr2_symmetry 
_pdbx_struct_conn_angle.ptnr3_label_atom_id 
_pdbx_struct_conn_angle.ptnr3_label_alt_id 
_pdbx_struct_conn_angle.ptnr3_label_asym_id 
_pdbx_struct_conn_angle.ptnr3_label_comp_id 
_pdbx_struct_conn_angle.ptnr3_label_seq_id 
_pdbx_struct_conn_angle.ptnr3_auth_atom_id 
_pdbx_struct_conn_angle.ptnr3_auth_asym_id 
_pdbx_struct_conn_angle.ptnr3_auth_comp_id 
_pdbx_struct_conn_angle.ptnr3_auth_seq_id 
_pdbx_struct_conn_angle.ptnr3_PDB_ins_code 
_pdbx_struct_conn_angle.ptnr3_symmetry 
_pdbx_struct_conn_angle.value 
_pdbx_struct_conn_angle.value_esd 
1  OG1 ? A THR 20 ? A THR 19  ? 1_555 MG ? B MG . ? A MG 550 ? 1_555 OG1 ? A THR 38 ? A THR 37  ? 1_555 95.0  ? 
2  OG1 ? A THR 20 ? A THR 19  ? 1_555 MG ? B MG . ? A MG 550 ? 1_555 O2G ? C GSP .  ? A GSP 538 ? 1_555 173.5 ? 
3  OG1 ? A THR 38 ? A THR 37  ? 1_555 MG ? B MG . ? A MG 550 ? 1_555 O2G ? C GSP .  ? A GSP 538 ? 1_555 91.2  ? 
4  OG1 ? A THR 20 ? A THR 19  ? 1_555 MG ? B MG . ? A MG 550 ? 1_555 O2B ? C GSP .  ? A GSP 538 ? 1_555 91.8  ? 
5  OG1 ? A THR 38 ? A THR 37  ? 1_555 MG ? B MG . ? A MG 550 ? 1_555 O2B ? C GSP .  ? A GSP 538 ? 1_555 167.6 ? 
6  O2G ? C GSP .  ? A GSP 538 ? 1_555 MG ? B MG . ? A MG 550 ? 1_555 O2B ? C GSP .  ? A GSP 538 ? 1_555 81.7  ? 
7  OG1 ? A THR 20 ? A THR 19  ? 1_555 MG ? B MG . ? A MG 550 ? 1_555 O   ? D HOH .  ? A HOH 604 ? 1_555 84.0  ? 
8  OG1 ? A THR 38 ? A THR 37  ? 1_555 MG ? B MG . ? A MG 550 ? 1_555 O   ? D HOH .  ? A HOH 604 ? 1_555 85.9  ? 
9  O2G ? C GSP .  ? A GSP 538 ? 1_555 MG ? B MG . ? A MG 550 ? 1_555 O   ? D HOH .  ? A HOH 604 ? 1_555 94.3  ? 
10 O2B ? C GSP .  ? A GSP 538 ? 1_555 MG ? B MG . ? A MG 550 ? 1_555 O   ? D HOH .  ? A HOH 604 ? 1_555 84.5  ? 
11 OG1 ? A THR 20 ? A THR 19  ? 1_555 MG ? B MG . ? A MG 550 ? 1_555 O   ? D HOH .  ? A HOH 605 ? 1_555 96.8  ? 
12 OG1 ? A THR 38 ? A THR 37  ? 1_555 MG ? B MG . ? A MG 550 ? 1_555 O   ? D HOH .  ? A HOH 605 ? 1_555 102.2 ? 
13 O2G ? C GSP .  ? A GSP 538 ? 1_555 MG ? B MG . ? A MG 550 ? 1_555 O   ? D HOH .  ? A HOH 605 ? 1_555 83.9  ? 
14 O2B ? C GSP .  ? A GSP 538 ? 1_555 MG ? B MG . ? A MG 550 ? 1_555 O   ? D HOH .  ? A HOH 605 ? 1_555 87.2  ? 
15 O   ? D HOH .  ? A HOH 604 ? 1_555 MG ? B MG . ? A MG 550 ? 1_555 O   ? D HOH .  ? A HOH 605 ? 1_555 171.7 ? 
# 
_struct_sheet.id               A 
_struct_sheet.type             ? 
_struct_sheet.number_strands   6 
_struct_sheet.details          ? 
# 
loop_
_struct_sheet_order.sheet_id 
_struct_sheet_order.range_id_1 
_struct_sheet_order.range_id_2 
_struct_sheet_order.offset 
_struct_sheet_order.sense 
A 1 2 ? parallel      
A 2 3 ? parallel      
A 3 4 ? parallel      
A 4 5 ? parallel      
A 5 6 ? anti-parallel 
# 
loop_
_struct_sheet_range.sheet_id 
_struct_sheet_range.id 
_struct_sheet_range.beg_label_comp_id 
_struct_sheet_range.beg_label_asym_id 
_struct_sheet_range.beg_label_seq_id 
_struct_sheet_range.pdbx_beg_PDB_ins_code 
_struct_sheet_range.end_label_comp_id 
_struct_sheet_range.end_label_asym_id 
_struct_sheet_range.end_label_seq_id 
_struct_sheet_range.pdbx_end_PDB_ins_code 
_struct_sheet_range.beg_auth_comp_id 
_struct_sheet_range.beg_auth_asym_id 
_struct_sheet_range.beg_auth_seq_id 
_struct_sheet_range.end_auth_comp_id 
_struct_sheet_range.end_auth_asym_id 
_struct_sheet_range.end_auth_seq_id 
A 1 GLY A 156 ? GLU A 159 ? GLY A 155 GLU A 158 
A 2 PRO A 112 ? ASN A 118 ? PRO A 111 ASN A 117 
A 3 VAL A 80  ? SER A 86  ? VAL A 79  SER A 85  
A 4 ARG A 6   ? GLY A 13  ? ARG A 5   GLY A 12  
A 5 LYS A 52  ? THR A 61  ? LYS A 51  THR A 60  
A 6 PHE A 40  ? VAL A 49  ? PHE A 39  VAL A 48  
# 
loop_
_pdbx_struct_sheet_hbond.sheet_id 
_pdbx_struct_sheet_hbond.range_id_1 
_pdbx_struct_sheet_hbond.range_id_2 
_pdbx_struct_sheet_hbond.range_1_label_atom_id 
_pdbx_struct_sheet_hbond.range_1_label_comp_id 
_pdbx_struct_sheet_hbond.range_1_label_asym_id 
_pdbx_struct_sheet_hbond.range_1_label_seq_id 
_pdbx_struct_sheet_hbond.range_1_PDB_ins_code 
_pdbx_struct_sheet_hbond.range_1_auth_atom_id 
_pdbx_struct_sheet_hbond.range_1_auth_comp_id 
_pdbx_struct_sheet_hbond.range_1_auth_asym_id 
_pdbx_struct_sheet_hbond.range_1_auth_seq_id 
_pdbx_struct_sheet_hbond.range_2_label_atom_id 
_pdbx_struct_sheet_hbond.range_2_label_comp_id 
_pdbx_struct_sheet_hbond.range_2_label_asym_id 
_pdbx_struct_sheet_hbond.range_2_label_seq_id 
_pdbx_struct_sheet_hbond.range_2_PDB_ins_code 
_pdbx_struct_sheet_hbond.range_2_auth_atom_id 
_pdbx_struct_sheet_hbond.range_2_auth_comp_id 
_pdbx_struct_sheet_hbond.range_2_auth_asym_id 
_pdbx_struct_sheet_hbond.range_2_auth_seq_id 
A 1 2 O GLY A 156 ? O GLY A 155 N LEU A 115 ? N LEU A 114 
A 2 3 O PRO A 112 ? O PRO A 111 N ILE A 81  ? N ILE A 80  
A 3 4 O VAL A 80  ? O VAL A 79  N VAL A 10  ? N VAL A 9   
A 4 5 O LYS A 7   ? O LYS A 6   N GLU A 55  ? N GLU A 54  
A 5 6 O LYS A 52  ? O LYS A 51  N VAL A 49  ? N VAL A 48  
# 
loop_
_struct_site.id 
_struct_site.pdbx_evidence_code 
_struct_site.pdbx_auth_asym_id 
_struct_site.pdbx_auth_comp_id 
_struct_site.pdbx_auth_seq_id 
_struct_site.pdbx_auth_ins_code 
_struct_site.pdbx_num_residues 
_struct_site.details 
AC1 Software A MG  550 ? 5  'BINDING SITE FOR RESIDUE MG A 550'  
AC2 Software A GSP 538 ? 21 'BINDING SITE FOR RESIDUE GSP A 538' 
# 
loop_
_struct_site_gen.id 
_struct_site_gen.site_id 
_struct_site_gen.pdbx_num_res 
_struct_site_gen.label_comp_id 
_struct_site_gen.label_asym_id 
_struct_site_gen.label_seq_id 
_struct_site_gen.pdbx_auth_ins_code 
_struct_site_gen.auth_comp_id 
_struct_site_gen.auth_asym_id 
_struct_site_gen.auth_seq_id 
_struct_site_gen.label_atom_id 
_struct_site_gen.label_alt_id 
_struct_site_gen.symmetry 
_struct_site_gen.details 
1  AC1 5  THR A 20  ? THR A 19  . ? 1_555 ? 
2  AC1 5  THR A 38  ? THR A 37  . ? 1_555 ? 
3  AC1 5  GSP C .   ? GSP A 538 . ? 1_555 ? 
4  AC1 5  HOH D .   ? HOH A 604 . ? 1_555 ? 
5  AC1 5  HOH D .   ? HOH A 605 . ? 1_555 ? 
6  AC2 21 ASP A 14  ? ASP A 13  . ? 1_555 ? 
7  AC2 21 ALA A 16  ? ALA A 15  . ? 1_555 ? 
8  AC2 21 CYS A 17  ? CYS A 16  . ? 1_555 ? 
9  AC2 21 GLY A 18  ? GLY A 17  . ? 1_555 ? 
10 AC2 21 LYS A 19  ? LYS A 18  . ? 1_555 ? 
11 AC2 21 THR A 20  ? THR A 19  . ? 1_555 ? 
12 AC2 21 CYS A 21  ? CYS A 20  . ? 1_555 ? 
13 AC2 21 TYR A 35  ? TYR A 34  . ? 1_555 ? 
14 AC2 21 THR A 38  ? THR A 37  . ? 1_555 ? 
15 AC2 21 GLY A 63  ? GLY A 62  . ? 1_555 ? 
16 AC2 21 LYS A 119 ? LYS A 118 . ? 1_555 ? 
17 AC2 21 ASP A 121 ? ASP A 120 . ? 1_555 ? 
18 AC2 21 LEU A 122 ? LEU A 121 . ? 1_555 ? 
19 AC2 21 SER A 161 ? SER A 160 . ? 1_555 ? 
20 AC2 21 ALA A 162 ? ALA A 161 . ? 1_555 ? 
21 AC2 21 LYS A 163 ? LYS A 162 . ? 1_555 ? 
22 AC2 21 MG  B .   ? MG  A 550 . ? 1_555 ? 
23 AC2 21 HOH D .   ? HOH A 601 . ? 1_555 ? 
24 AC2 21 HOH D .   ? HOH A 602 . ? 1_555 ? 
25 AC2 21 HOH D .   ? HOH A 604 . ? 1_555 ? 
26 AC2 21 HOH D .   ? HOH A 605 . ? 1_555 ? 
# 
loop_
_pdbx_validate_torsion.id 
_pdbx_validate_torsion.PDB_model_num 
_pdbx_validate_torsion.auth_comp_id 
_pdbx_validate_torsion.auth_asym_id 
_pdbx_validate_torsion.auth_seq_id 
_pdbx_validate_torsion.PDB_ins_code 
_pdbx_validate_torsion.label_alt_id 
_pdbx_validate_torsion.phi 
_pdbx_validate_torsion.psi 
1 1 ASP A 13  ? ? -57.18  174.30 
2 1 LYS A 27  ? ? -142.98 -4.72  
3 1 ASP A 28  ? ? 63.87   -9.47  
4 1 ASP A 65  ? ? -47.83  -19.53 
5 1 PRO A 75  ? ? -23.27  -78.92 
6 1 LYS A 164 ? ? 83.49   -2.10  
7 1 ASP A 165 ? ? -53.50  107.97 
# 
loop_
_pdbx_unobs_or_zero_occ_residues.id 
_pdbx_unobs_or_zero_occ_residues.PDB_model_num 
_pdbx_unobs_or_zero_occ_residues.polymer_flag 
_pdbx_unobs_or_zero_occ_residues.occupancy_flag 
_pdbx_unobs_or_zero_occ_residues.auth_asym_id 
_pdbx_unobs_or_zero_occ_residues.auth_comp_id 
_pdbx_unobs_or_zero_occ_residues.auth_seq_id 
_pdbx_unobs_or_zero_occ_residues.PDB_ins_code 
_pdbx_unobs_or_zero_occ_residues.label_asym_id 
_pdbx_unobs_or_zero_occ_residues.label_comp_id 
_pdbx_unobs_or_zero_occ_residues.label_seq_id 
1 1 Y 1 A SER 0 ? A SER 1 
2 1 Y 1 A MET 1 ? A MET 2 
3 1 Y 1 A ALA 2 ? A ALA 3 
4 1 Y 1 A ALA 3 ? A ALA 4 
# 
loop_
_chem_comp_atom.comp_id 
_chem_comp_atom.atom_id 
_chem_comp_atom.type_symbol 
_chem_comp_atom.pdbx_aromatic_flag 
_chem_comp_atom.pdbx_stereo_config 
_chem_comp_atom.pdbx_ordinal 
ALA N      N  N N 1   
ALA CA     C  N S 2   
ALA C      C  N N 3   
ALA O      O  N N 4   
ALA CB     C  N N 5   
ALA OXT    O  N N 6   
ALA H      H  N N 7   
ALA H2     H  N N 8   
ALA HA     H  N N 9   
ALA HB1    H  N N 10  
ALA HB2    H  N N 11  
ALA HB3    H  N N 12  
ALA HXT    H  N N 13  
ARG N      N  N N 14  
ARG CA     C  N S 15  
ARG C      C  N N 16  
ARG O      O  N N 17  
ARG CB     C  N N 18  
ARG CG     C  N N 19  
ARG CD     C  N N 20  
ARG NE     N  N N 21  
ARG CZ     C  N N 22  
ARG NH1    N  N N 23  
ARG NH2    N  N N 24  
ARG OXT    O  N N 25  
ARG H      H  N N 26  
ARG H2     H  N N 27  
ARG HA     H  N N 28  
ARG HB2    H  N N 29  
ARG HB3    H  N N 30  
ARG HG2    H  N N 31  
ARG HG3    H  N N 32  
ARG HD2    H  N N 33  
ARG HD3    H  N N 34  
ARG HE     H  N N 35  
ARG HH11   H  N N 36  
ARG HH12   H  N N 37  
ARG HH21   H  N N 38  
ARG HH22   H  N N 39  
ARG HXT    H  N N 40  
ASN N      N  N N 41  
ASN CA     C  N S 42  
ASN C      C  N N 43  
ASN O      O  N N 44  
ASN CB     C  N N 45  
ASN CG     C  N N 46  
ASN OD1    O  N N 47  
ASN ND2    N  N N 48  
ASN OXT    O  N N 49  
ASN H      H  N N 50  
ASN H2     H  N N 51  
ASN HA     H  N N 52  
ASN HB2    H  N N 53  
ASN HB3    H  N N 54  
ASN HD21   H  N N 55  
ASN HD22   H  N N 56  
ASN HXT    H  N N 57  
ASP N      N  N N 58  
ASP CA     C  N S 59  
ASP C      C  N N 60  
ASP O      O  N N 61  
ASP CB     C  N N 62  
ASP CG     C  N N 63  
ASP OD1    O  N N 64  
ASP OD2    O  N N 65  
ASP OXT    O  N N 66  
ASP H      H  N N 67  
ASP H2     H  N N 68  
ASP HA     H  N N 69  
ASP HB2    H  N N 70  
ASP HB3    H  N N 71  
ASP HD2    H  N N 72  
ASP HXT    H  N N 73  
CYS N      N  N N 74  
CYS CA     C  N R 75  
CYS C      C  N N 76  
CYS O      O  N N 77  
CYS CB     C  N N 78  
CYS SG     S  N N 79  
CYS OXT    O  N N 80  
CYS H      H  N N 81  
CYS H2     H  N N 82  
CYS HA     H  N N 83  
CYS HB2    H  N N 84  
CYS HB3    H  N N 85  
CYS HG     H  N N 86  
CYS HXT    H  N N 87  
GLN N      N  N N 88  
GLN CA     C  N S 89  
GLN C      C  N N 90  
GLN O      O  N N 91  
GLN CB     C  N N 92  
GLN CG     C  N N 93  
GLN CD     C  N N 94  
GLN OE1    O  N N 95  
GLN NE2    N  N N 96  
GLN OXT    O  N N 97  
GLN H      H  N N 98  
GLN H2     H  N N 99  
GLN HA     H  N N 100 
GLN HB2    H  N N 101 
GLN HB3    H  N N 102 
GLN HG2    H  N N 103 
GLN HG3    H  N N 104 
GLN HE21   H  N N 105 
GLN HE22   H  N N 106 
GLN HXT    H  N N 107 
GLU N      N  N N 108 
GLU CA     C  N S 109 
GLU C      C  N N 110 
GLU O      O  N N 111 
GLU CB     C  N N 112 
GLU CG     C  N N 113 
GLU CD     C  N N 114 
GLU OE1    O  N N 115 
GLU OE2    O  N N 116 
GLU OXT    O  N N 117 
GLU H      H  N N 118 
GLU H2     H  N N 119 
GLU HA     H  N N 120 
GLU HB2    H  N N 121 
GLU HB3    H  N N 122 
GLU HG2    H  N N 123 
GLU HG3    H  N N 124 
GLU HE2    H  N N 125 
GLU HXT    H  N N 126 
GLY N      N  N N 127 
GLY CA     C  N N 128 
GLY C      C  N N 129 
GLY O      O  N N 130 
GLY OXT    O  N N 131 
GLY H      H  N N 132 
GLY H2     H  N N 133 
GLY HA2    H  N N 134 
GLY HA3    H  N N 135 
GLY HXT    H  N N 136 
GSP PG     P  N N 137 
GSP O3B    O  N N 138 
GSP S1G    S  N N 139 
GSP O2G    O  N N 140 
GSP O3G    O  N N 141 
GSP PB     P  N S 142 
GSP O1B    O  N N 143 
GSP O2B    O  N N 144 
GSP PA     P  N S 145 
GSP O1A    O  N N 146 
GSP O2A    O  N N 147 
GSP O3A    O  N N 148 
GSP "O5'"  O  N N 149 
GSP "C5'"  C  N N 150 
GSP "C4'"  C  N R 151 
GSP "O4'"  O  N N 152 
GSP "C3'"  C  N S 153 
GSP "O3'"  O  N N 154 
GSP "C2'"  C  N R 155 
GSP "O2'"  O  N N 156 
GSP "C1'"  C  N R 157 
GSP N9     N  Y N 158 
GSP C8     C  Y N 159 
GSP N7     N  Y N 160 
GSP C5     C  Y N 161 
GSP C6     C  N N 162 
GSP O6     O  N N 163 
GSP N1     N  N N 164 
GSP C2     C  N N 165 
GSP N2     N  N N 166 
GSP N3     N  N N 167 
GSP C4     C  Y N 168 
GSP HOG2   H  N N 169 
GSP HOG3   H  N N 170 
GSP HOB2   H  N N 171 
GSP HOA2   H  N N 172 
GSP "H5'1" H  N N 173 
GSP "H5'2" H  N N 174 
GSP "H4'"  H  N N 175 
GSP "H3'"  H  N N 176 
GSP "HO3'" H  N N 177 
GSP "H2'"  H  N N 178 
GSP "HO2'" H  N N 179 
GSP "H1'"  H  N N 180 
GSP H8     H  N N 181 
GSP HN1    H  N N 182 
GSP HN21   H  N N 183 
GSP HN22   H  N N 184 
HIS N      N  N N 185 
HIS CA     C  N S 186 
HIS C      C  N N 187 
HIS O      O  N N 188 
HIS CB     C  N N 189 
HIS CG     C  Y N 190 
HIS ND1    N  Y N 191 
HIS CD2    C  Y N 192 
HIS CE1    C  Y N 193 
HIS NE2    N  Y N 194 
HIS OXT    O  N N 195 
HIS H      H  N N 196 
HIS H2     H  N N 197 
HIS HA     H  N N 198 
HIS HB2    H  N N 199 
HIS HB3    H  N N 200 
HIS HD1    H  N N 201 
HIS HD2    H  N N 202 
HIS HE1    H  N N 203 
HIS HE2    H  N N 204 
HIS HXT    H  N N 205 
HOH O      O  N N 206 
HOH H1     H  N N 207 
HOH H2     H  N N 208 
ILE N      N  N N 209 
ILE CA     C  N S 210 
ILE C      C  N N 211 
ILE O      O  N N 212 
ILE CB     C  N S 213 
ILE CG1    C  N N 214 
ILE CG2    C  N N 215 
ILE CD1    C  N N 216 
ILE OXT    O  N N 217 
ILE H      H  N N 218 
ILE H2     H  N N 219 
ILE HA     H  N N 220 
ILE HB     H  N N 221 
ILE HG12   H  N N 222 
ILE HG13   H  N N 223 
ILE HG21   H  N N 224 
ILE HG22   H  N N 225 
ILE HG23   H  N N 226 
ILE HD11   H  N N 227 
ILE HD12   H  N N 228 
ILE HD13   H  N N 229 
ILE HXT    H  N N 230 
LEU N      N  N N 231 
LEU CA     C  N S 232 
LEU C      C  N N 233 
LEU O      O  N N 234 
LEU CB     C  N N 235 
LEU CG     C  N N 236 
LEU CD1    C  N N 237 
LEU CD2    C  N N 238 
LEU OXT    O  N N 239 
LEU H      H  N N 240 
LEU H2     H  N N 241 
LEU HA     H  N N 242 
LEU HB2    H  N N 243 
LEU HB3    H  N N 244 
LEU HG     H  N N 245 
LEU HD11   H  N N 246 
LEU HD12   H  N N 247 
LEU HD13   H  N N 248 
LEU HD21   H  N N 249 
LEU HD22   H  N N 250 
LEU HD23   H  N N 251 
LEU HXT    H  N N 252 
LYS N      N  N N 253 
LYS CA     C  N S 254 
LYS C      C  N N 255 
LYS O      O  N N 256 
LYS CB     C  N N 257 
LYS CG     C  N N 258 
LYS CD     C  N N 259 
LYS CE     C  N N 260 
LYS NZ     N  N N 261 
LYS OXT    O  N N 262 
LYS H      H  N N 263 
LYS H2     H  N N 264 
LYS HA     H  N N 265 
LYS HB2    H  N N 266 
LYS HB3    H  N N 267 
LYS HG2    H  N N 268 
LYS HG3    H  N N 269 
LYS HD2    H  N N 270 
LYS HD3    H  N N 271 
LYS HE2    H  N N 272 
LYS HE3    H  N N 273 
LYS HZ1    H  N N 274 
LYS HZ2    H  N N 275 
LYS HZ3    H  N N 276 
LYS HXT    H  N N 277 
MET N      N  N N 278 
MET CA     C  N S 279 
MET C      C  N N 280 
MET O      O  N N 281 
MET CB     C  N N 282 
MET CG     C  N N 283 
MET SD     S  N N 284 
MET CE     C  N N 285 
MET OXT    O  N N 286 
MET H      H  N N 287 
MET H2     H  N N 288 
MET HA     H  N N 289 
MET HB2    H  N N 290 
MET HB3    H  N N 291 
MET HG2    H  N N 292 
MET HG3    H  N N 293 
MET HE1    H  N N 294 
MET HE2    H  N N 295 
MET HE3    H  N N 296 
MET HXT    H  N N 297 
MG  MG     MG N N 298 
PHE N      N  N N 299 
PHE CA     C  N S 300 
PHE C      C  N N 301 
PHE O      O  N N 302 
PHE CB     C  N N 303 
PHE CG     C  Y N 304 
PHE CD1    C  Y N 305 
PHE CD2    C  Y N 306 
PHE CE1    C  Y N 307 
PHE CE2    C  Y N 308 
PHE CZ     C  Y N 309 
PHE OXT    O  N N 310 
PHE H      H  N N 311 
PHE H2     H  N N 312 
PHE HA     H  N N 313 
PHE HB2    H  N N 314 
PHE HB3    H  N N 315 
PHE HD1    H  N N 316 
PHE HD2    H  N N 317 
PHE HE1    H  N N 318 
PHE HE2    H  N N 319 
PHE HZ     H  N N 320 
PHE HXT    H  N N 321 
PRO N      N  N N 322 
PRO CA     C  N S 323 
PRO C      C  N N 324 
PRO O      O  N N 325 
PRO CB     C  N N 326 
PRO CG     C  N N 327 
PRO CD     C  N N 328 
PRO OXT    O  N N 329 
PRO H      H  N N 330 
PRO HA     H  N N 331 
PRO HB2    H  N N 332 
PRO HB3    H  N N 333 
PRO HG2    H  N N 334 
PRO HG3    H  N N 335 
PRO HD2    H  N N 336 
PRO HD3    H  N N 337 
PRO HXT    H  N N 338 
SER N      N  N N 339 
SER CA     C  N S 340 
SER C      C  N N 341 
SER O      O  N N 342 
SER CB     C  N N 343 
SER OG     O  N N 344 
SER OXT    O  N N 345 
SER H      H  N N 346 
SER H2     H  N N 347 
SER HA     H  N N 348 
SER HB2    H  N N 349 
SER HB3    H  N N 350 
SER HG     H  N N 351 
SER HXT    H  N N 352 
THR N      N  N N 353 
THR CA     C  N S 354 
THR C      C  N N 355 
THR O      O  N N 356 
THR CB     C  N R 357 
THR OG1    O  N N 358 
THR CG2    C  N N 359 
THR OXT    O  N N 360 
THR H      H  N N 361 
THR H2     H  N N 362 
THR HA     H  N N 363 
THR HB     H  N N 364 
THR HG1    H  N N 365 
THR HG21   H  N N 366 
THR HG22   H  N N 367 
THR HG23   H  N N 368 
THR HXT    H  N N 369 
TRP N      N  N N 370 
TRP CA     C  N S 371 
TRP C      C  N N 372 
TRP O      O  N N 373 
TRP CB     C  N N 374 
TRP CG     C  Y N 375 
TRP CD1    C  Y N 376 
TRP CD2    C  Y N 377 
TRP NE1    N  Y N 378 
TRP CE2    C  Y N 379 
TRP CE3    C  Y N 380 
TRP CZ2    C  Y N 381 
TRP CZ3    C  Y N 382 
TRP CH2    C  Y N 383 
TRP OXT    O  N N 384 
TRP H      H  N N 385 
TRP H2     H  N N 386 
TRP HA     H  N N 387 
TRP HB2    H  N N 388 
TRP HB3    H  N N 389 
TRP HD1    H  N N 390 
TRP HE1    H  N N 391 
TRP HE3    H  N N 392 
TRP HZ2    H  N N 393 
TRP HZ3    H  N N 394 
TRP HH2    H  N N 395 
TRP HXT    H  N N 396 
TYR N      N  N N 397 
TYR CA     C  N S 398 
TYR C      C  N N 399 
TYR O      O  N N 400 
TYR CB     C  N N 401 
TYR CG     C  Y N 402 
TYR CD1    C  Y N 403 
TYR CD2    C  Y N 404 
TYR CE1    C  Y N 405 
TYR CE2    C  Y N 406 
TYR CZ     C  Y N 407 
TYR OH     O  N N 408 
TYR OXT    O  N N 409 
TYR H      H  N N 410 
TYR H2     H  N N 411 
TYR HA     H  N N 412 
TYR HB2    H  N N 413 
TYR HB3    H  N N 414 
TYR HD1    H  N N 415 
TYR HD2    H  N N 416 
TYR HE1    H  N N 417 
TYR HE2    H  N N 418 
TYR HH     H  N N 419 
TYR HXT    H  N N 420 
VAL N      N  N N 421 
VAL CA     C  N S 422 
VAL C      C  N N 423 
VAL O      O  N N 424 
VAL CB     C  N N 425 
VAL CG1    C  N N 426 
VAL CG2    C  N N 427 
VAL OXT    O  N N 428 
VAL H      H  N N 429 
VAL H2     H  N N 430 
VAL HA     H  N N 431 
VAL HB     H  N N 432 
VAL HG11   H  N N 433 
VAL HG12   H  N N 434 
VAL HG13   H  N N 435 
VAL HG21   H  N N 436 
VAL HG22   H  N N 437 
VAL HG23   H  N N 438 
VAL HXT    H  N N 439 
# 
loop_
_chem_comp_bond.comp_id 
_chem_comp_bond.atom_id_1 
_chem_comp_bond.atom_id_2 
_chem_comp_bond.value_order 
_chem_comp_bond.pdbx_aromatic_flag 
_chem_comp_bond.pdbx_stereo_config 
_chem_comp_bond.pdbx_ordinal 
ALA N     CA     sing N N 1   
ALA N     H      sing N N 2   
ALA N     H2     sing N N 3   
ALA CA    C      sing N N 4   
ALA CA    CB     sing N N 5   
ALA CA    HA     sing N N 6   
ALA C     O      doub N N 7   
ALA C     OXT    sing N N 8   
ALA CB    HB1    sing N N 9   
ALA CB    HB2    sing N N 10  
ALA CB    HB3    sing N N 11  
ALA OXT   HXT    sing N N 12  
ARG N     CA     sing N N 13  
ARG N     H      sing N N 14  
ARG N     H2     sing N N 15  
ARG CA    C      sing N N 16  
ARG CA    CB     sing N N 17  
ARG CA    HA     sing N N 18  
ARG C     O      doub N N 19  
ARG C     OXT    sing N N 20  
ARG CB    CG     sing N N 21  
ARG CB    HB2    sing N N 22  
ARG CB    HB3    sing N N 23  
ARG CG    CD     sing N N 24  
ARG CG    HG2    sing N N 25  
ARG CG    HG3    sing N N 26  
ARG CD    NE     sing N N 27  
ARG CD    HD2    sing N N 28  
ARG CD    HD3    sing N N 29  
ARG NE    CZ     sing N N 30  
ARG NE    HE     sing N N 31  
ARG CZ    NH1    sing N N 32  
ARG CZ    NH2    doub N N 33  
ARG NH1   HH11   sing N N 34  
ARG NH1   HH12   sing N N 35  
ARG NH2   HH21   sing N N 36  
ARG NH2   HH22   sing N N 37  
ARG OXT   HXT    sing N N 38  
ASN N     CA     sing N N 39  
ASN N     H      sing N N 40  
ASN N     H2     sing N N 41  
ASN CA    C      sing N N 42  
ASN CA    CB     sing N N 43  
ASN CA    HA     sing N N 44  
ASN C     O      doub N N 45  
ASN C     OXT    sing N N 46  
ASN CB    CG     sing N N 47  
ASN CB    HB2    sing N N 48  
ASN CB    HB3    sing N N 49  
ASN CG    OD1    doub N N 50  
ASN CG    ND2    sing N N 51  
ASN ND2   HD21   sing N N 52  
ASN ND2   HD22   sing N N 53  
ASN OXT   HXT    sing N N 54  
ASP N     CA     sing N N 55  
ASP N     H      sing N N 56  
ASP N     H2     sing N N 57  
ASP CA    C      sing N N 58  
ASP CA    CB     sing N N 59  
ASP CA    HA     sing N N 60  
ASP C     O      doub N N 61  
ASP C     OXT    sing N N 62  
ASP CB    CG     sing N N 63  
ASP CB    HB2    sing N N 64  
ASP CB    HB3    sing N N 65  
ASP CG    OD1    doub N N 66  
ASP CG    OD2    sing N N 67  
ASP OD2   HD2    sing N N 68  
ASP OXT   HXT    sing N N 69  
CYS N     CA     sing N N 70  
CYS N     H      sing N N 71  
CYS N     H2     sing N N 72  
CYS CA    C      sing N N 73  
CYS CA    CB     sing N N 74  
CYS CA    HA     sing N N 75  
CYS C     O      doub N N 76  
CYS C     OXT    sing N N 77  
CYS CB    SG     sing N N 78  
CYS CB    HB2    sing N N 79  
CYS CB    HB3    sing N N 80  
CYS SG    HG     sing N N 81  
CYS OXT   HXT    sing N N 82  
GLN N     CA     sing N N 83  
GLN N     H      sing N N 84  
GLN N     H2     sing N N 85  
GLN CA    C      sing N N 86  
GLN CA    CB     sing N N 87  
GLN CA    HA     sing N N 88  
GLN C     O      doub N N 89  
GLN C     OXT    sing N N 90  
GLN CB    CG     sing N N 91  
GLN CB    HB2    sing N N 92  
GLN CB    HB3    sing N N 93  
GLN CG    CD     sing N N 94  
GLN CG    HG2    sing N N 95  
GLN CG    HG3    sing N N 96  
GLN CD    OE1    doub N N 97  
GLN CD    NE2    sing N N 98  
GLN NE2   HE21   sing N N 99  
GLN NE2   HE22   sing N N 100 
GLN OXT   HXT    sing N N 101 
GLU N     CA     sing N N 102 
GLU N     H      sing N N 103 
GLU N     H2     sing N N 104 
GLU CA    C      sing N N 105 
GLU CA    CB     sing N N 106 
GLU CA    HA     sing N N 107 
GLU C     O      doub N N 108 
GLU C     OXT    sing N N 109 
GLU CB    CG     sing N N 110 
GLU CB    HB2    sing N N 111 
GLU CB    HB3    sing N N 112 
GLU CG    CD     sing N N 113 
GLU CG    HG2    sing N N 114 
GLU CG    HG3    sing N N 115 
GLU CD    OE1    doub N N 116 
GLU CD    OE2    sing N N 117 
GLU OE2   HE2    sing N N 118 
GLU OXT   HXT    sing N N 119 
GLY N     CA     sing N N 120 
GLY N     H      sing N N 121 
GLY N     H2     sing N N 122 
GLY CA    C      sing N N 123 
GLY CA    HA2    sing N N 124 
GLY CA    HA3    sing N N 125 
GLY C     O      doub N N 126 
GLY C     OXT    sing N N 127 
GLY OXT   HXT    sing N N 128 
GSP PG    O3B    sing N N 129 
GSP PG    S1G    doub N N 130 
GSP PG    O2G    sing N N 131 
GSP PG    O3G    sing N N 132 
GSP O3B   PB     sing N N 133 
GSP O2G   HOG2   sing N N 134 
GSP O3G   HOG3   sing N N 135 
GSP PB    O1B    doub N N 136 
GSP PB    O2B    sing N N 137 
GSP PB    O3A    sing N N 138 
GSP O2B   HOB2   sing N N 139 
GSP PA    O1A    doub N N 140 
GSP PA    O2A    sing N N 141 
GSP PA    O3A    sing N N 142 
GSP PA    "O5'"  sing N N 143 
GSP O2A   HOA2   sing N N 144 
GSP "O5'" "C5'"  sing N N 145 
GSP "C5'" "C4'"  sing N N 146 
GSP "C5'" "H5'1" sing N N 147 
GSP "C5'" "H5'2" sing N N 148 
GSP "C4'" "O4'"  sing N N 149 
GSP "C4'" "C3'"  sing N N 150 
GSP "C4'" "H4'"  sing N N 151 
GSP "O4'" "C1'"  sing N N 152 
GSP "C3'" "O3'"  sing N N 153 
GSP "C3'" "C2'"  sing N N 154 
GSP "C3'" "H3'"  sing N N 155 
GSP "O3'" "HO3'" sing N N 156 
GSP "C2'" "O2'"  sing N N 157 
GSP "C2'" "C1'"  sing N N 158 
GSP "C2'" "H2'"  sing N N 159 
GSP "O2'" "HO2'" sing N N 160 
GSP "C1'" N9     sing N N 161 
GSP "C1'" "H1'"  sing N N 162 
GSP N9    C8     sing Y N 163 
GSP N9    C4     sing Y N 164 
GSP C8    N7     doub Y N 165 
GSP C8    H8     sing N N 166 
GSP N7    C5     sing Y N 167 
GSP C5    C6     sing N N 168 
GSP C5    C4     doub Y N 169 
GSP C6    O6     doub N N 170 
GSP C6    N1     sing N N 171 
GSP N1    C2     sing N N 172 
GSP N1    HN1    sing N N 173 
GSP C2    N2     sing N N 174 
GSP C2    N3     doub N N 175 
GSP N2    HN21   sing N N 176 
GSP N2    HN22   sing N N 177 
GSP N3    C4     sing N N 178 
HIS N     CA     sing N N 179 
HIS N     H      sing N N 180 
HIS N     H2     sing N N 181 
HIS CA    C      sing N N 182 
HIS CA    CB     sing N N 183 
HIS CA    HA     sing N N 184 
HIS C     O      doub N N 185 
HIS C     OXT    sing N N 186 
HIS CB    CG     sing N N 187 
HIS CB    HB2    sing N N 188 
HIS CB    HB3    sing N N 189 
HIS CG    ND1    sing Y N 190 
HIS CG    CD2    doub Y N 191 
HIS ND1   CE1    doub Y N 192 
HIS ND1   HD1    sing N N 193 
HIS CD2   NE2    sing Y N 194 
HIS CD2   HD2    sing N N 195 
HIS CE1   NE2    sing Y N 196 
HIS CE1   HE1    sing N N 197 
HIS NE2   HE2    sing N N 198 
HIS OXT   HXT    sing N N 199 
HOH O     H1     sing N N 200 
HOH O     H2     sing N N 201 
ILE N     CA     sing N N 202 
ILE N     H      sing N N 203 
ILE N     H2     sing N N 204 
ILE CA    C      sing N N 205 
ILE CA    CB     sing N N 206 
ILE CA    HA     sing N N 207 
ILE C     O      doub N N 208 
ILE C     OXT    sing N N 209 
ILE CB    CG1    sing N N 210 
ILE CB    CG2    sing N N 211 
ILE CB    HB     sing N N 212 
ILE CG1   CD1    sing N N 213 
ILE CG1   HG12   sing N N 214 
ILE CG1   HG13   sing N N 215 
ILE CG2   HG21   sing N N 216 
ILE CG2   HG22   sing N N 217 
ILE CG2   HG23   sing N N 218 
ILE CD1   HD11   sing N N 219 
ILE CD1   HD12   sing N N 220 
ILE CD1   HD13   sing N N 221 
ILE OXT   HXT    sing N N 222 
LEU N     CA     sing N N 223 
LEU N     H      sing N N 224 
LEU N     H2     sing N N 225 
LEU CA    C      sing N N 226 
LEU CA    CB     sing N N 227 
LEU CA    HA     sing N N 228 
LEU C     O      doub N N 229 
LEU C     OXT    sing N N 230 
LEU CB    CG     sing N N 231 
LEU CB    HB2    sing N N 232 
LEU CB    HB3    sing N N 233 
LEU CG    CD1    sing N N 234 
LEU CG    CD2    sing N N 235 
LEU CG    HG     sing N N 236 
LEU CD1   HD11   sing N N 237 
LEU CD1   HD12   sing N N 238 
LEU CD1   HD13   sing N N 239 
LEU CD2   HD21   sing N N 240 
LEU CD2   HD22   sing N N 241 
LEU CD2   HD23   sing N N 242 
LEU OXT   HXT    sing N N 243 
LYS N     CA     sing N N 244 
LYS N     H      sing N N 245 
LYS N     H2     sing N N 246 
LYS CA    C      sing N N 247 
LYS CA    CB     sing N N 248 
LYS CA    HA     sing N N 249 
LYS C     O      doub N N 250 
LYS C     OXT    sing N N 251 
LYS CB    CG     sing N N 252 
LYS CB    HB2    sing N N 253 
LYS CB    HB3    sing N N 254 
LYS CG    CD     sing N N 255 
LYS CG    HG2    sing N N 256 
LYS CG    HG3    sing N N 257 
LYS CD    CE     sing N N 258 
LYS CD    HD2    sing N N 259 
LYS CD    HD3    sing N N 260 
LYS CE    NZ     sing N N 261 
LYS CE    HE2    sing N N 262 
LYS CE    HE3    sing N N 263 
LYS NZ    HZ1    sing N N 264 
LYS NZ    HZ2    sing N N 265 
LYS NZ    HZ3    sing N N 266 
LYS OXT   HXT    sing N N 267 
MET N     CA     sing N N 268 
MET N     H      sing N N 269 
MET N     H2     sing N N 270 
MET CA    C      sing N N 271 
MET CA    CB     sing N N 272 
MET CA    HA     sing N N 273 
MET C     O      doub N N 274 
MET C     OXT    sing N N 275 
MET CB    CG     sing N N 276 
MET CB    HB2    sing N N 277 
MET CB    HB3    sing N N 278 
MET CG    SD     sing N N 279 
MET CG    HG2    sing N N 280 
MET CG    HG3    sing N N 281 
MET SD    CE     sing N N 282 
MET CE    HE1    sing N N 283 
MET CE    HE2    sing N N 284 
MET CE    HE3    sing N N 285 
MET OXT   HXT    sing N N 286 
PHE N     CA     sing N N 287 
PHE N     H      sing N N 288 
PHE N     H2     sing N N 289 
PHE CA    C      sing N N 290 
PHE CA    CB     sing N N 291 
PHE CA    HA     sing N N 292 
PHE C     O      doub N N 293 
PHE C     OXT    sing N N 294 
PHE CB    CG     sing N N 295 
PHE CB    HB2    sing N N 296 
PHE CB    HB3    sing N N 297 
PHE CG    CD1    doub Y N 298 
PHE CG    CD2    sing Y N 299 
PHE CD1   CE1    sing Y N 300 
PHE CD1   HD1    sing N N 301 
PHE CD2   CE2    doub Y N 302 
PHE CD2   HD2    sing N N 303 
PHE CE1   CZ     doub Y N 304 
PHE CE1   HE1    sing N N 305 
PHE CE2   CZ     sing Y N 306 
PHE CE2   HE2    sing N N 307 
PHE CZ    HZ     sing N N 308 
PHE OXT   HXT    sing N N 309 
PRO N     CA     sing N N 310 
PRO N     CD     sing N N 311 
PRO N     H      sing N N 312 
PRO CA    C      sing N N 313 
PRO CA    CB     sing N N 314 
PRO CA    HA     sing N N 315 
PRO C     O      doub N N 316 
PRO C     OXT    sing N N 317 
PRO CB    CG     sing N N 318 
PRO CB    HB2    sing N N 319 
PRO CB    HB3    sing N N 320 
PRO CG    CD     sing N N 321 
PRO CG    HG2    sing N N 322 
PRO CG    HG3    sing N N 323 
PRO CD    HD2    sing N N 324 
PRO CD    HD3    sing N N 325 
PRO OXT   HXT    sing N N 326 
SER N     CA     sing N N 327 
SER N     H      sing N N 328 
SER N     H2     sing N N 329 
SER CA    C      sing N N 330 
SER CA    CB     sing N N 331 
SER CA    HA     sing N N 332 
SER C     O      doub N N 333 
SER C     OXT    sing N N 334 
SER CB    OG     sing N N 335 
SER CB    HB2    sing N N 336 
SER CB    HB3    sing N N 337 
SER OG    HG     sing N N 338 
SER OXT   HXT    sing N N 339 
THR N     CA     sing N N 340 
THR N     H      sing N N 341 
THR N     H2     sing N N 342 
THR CA    C      sing N N 343 
THR CA    CB     sing N N 344 
THR CA    HA     sing N N 345 
THR C     O      doub N N 346 
THR C     OXT    sing N N 347 
THR CB    OG1    sing N N 348 
THR CB    CG2    sing N N 349 
THR CB    HB     sing N N 350 
THR OG1   HG1    sing N N 351 
THR CG2   HG21   sing N N 352 
THR CG2   HG22   sing N N 353 
THR CG2   HG23   sing N N 354 
THR OXT   HXT    sing N N 355 
TRP N     CA     sing N N 356 
TRP N     H      sing N N 357 
TRP N     H2     sing N N 358 
TRP CA    C      sing N N 359 
TRP CA    CB     sing N N 360 
TRP CA    HA     sing N N 361 
TRP C     O      doub N N 362 
TRP C     OXT    sing N N 363 
TRP CB    CG     sing N N 364 
TRP CB    HB2    sing N N 365 
TRP CB    HB3    sing N N 366 
TRP CG    CD1    doub Y N 367 
TRP CG    CD2    sing Y N 368 
TRP CD1   NE1    sing Y N 369 
TRP CD1   HD1    sing N N 370 
TRP CD2   CE2    doub Y N 371 
TRP CD2   CE3    sing Y N 372 
TRP NE1   CE2    sing Y N 373 
TRP NE1   HE1    sing N N 374 
TRP CE2   CZ2    sing Y N 375 
TRP CE3   CZ3    doub Y N 376 
TRP CE3   HE3    sing N N 377 
TRP CZ2   CH2    doub Y N 378 
TRP CZ2   HZ2    sing N N 379 
TRP CZ3   CH2    sing Y N 380 
TRP CZ3   HZ3    sing N N 381 
TRP CH2   HH2    sing N N 382 
TRP OXT   HXT    sing N N 383 
TYR N     CA     sing N N 384 
TYR N     H      sing N N 385 
TYR N     H2     sing N N 386 
TYR CA    C      sing N N 387 
TYR CA    CB     sing N N 388 
TYR CA    HA     sing N N 389 
TYR C     O      doub N N 390 
TYR C     OXT    sing N N 391 
TYR CB    CG     sing N N 392 
TYR CB    HB2    sing N N 393 
TYR CB    HB3    sing N N 394 
TYR CG    CD1    doub Y N 395 
TYR CG    CD2    sing Y N 396 
TYR CD1   CE1    sing Y N 397 
TYR CD1   HD1    sing N N 398 
TYR CD2   CE2    doub Y N 399 
TYR CD2   HD2    sing N N 400 
TYR CE1   CZ     doub Y N 401 
TYR CE1   HE1    sing N N 402 
TYR CE2   CZ     sing Y N 403 
TYR CE2   HE2    sing N N 404 
TYR CZ    OH     sing N N 405 
TYR OH    HH     sing N N 406 
TYR OXT   HXT    sing N N 407 
VAL N     CA     sing N N 408 
VAL N     H      sing N N 409 
VAL N     H2     sing N N 410 
VAL CA    C      sing N N 411 
VAL CA    CB     sing N N 412 
VAL CA    HA     sing N N 413 
VAL C     O      doub N N 414 
VAL C     OXT    sing N N 415 
VAL CB    CG1    sing N N 416 
VAL CB    CG2    sing N N 417 
VAL CB    HB     sing N N 418 
VAL CG1   HG11   sing N N 419 
VAL CG1   HG12   sing N N 420 
VAL CG1   HG13   sing N N 421 
VAL CG2   HG21   sing N N 422 
VAL CG2   HG22   sing N N 423 
VAL CG2   HG23   sing N N 424 
VAL OXT   HXT    sing N N 425 
# 
_pdbx_initial_refinement_model.id               1 
_pdbx_initial_refinement_model.entity_id_list   ? 
_pdbx_initial_refinement_model.type             'experimental model' 
_pdbx_initial_refinement_model.source_name      PDB 
_pdbx_initial_refinement_model.accession_code   5P21 
_pdbx_initial_refinement_model.details          'PDB ENTRY 5P21' 
# 
_atom_sites.entry_id                    1A2B 
_atom_sites.fract_transf_matrix[1][1]   -0.01430608 
_atom_sites.fract_transf_matrix[1][2]   -0.00127377 
_atom_sites.fract_transf_matrix[1][3]   0.00732782 
_atom_sites.fract_transf_matrix[2][1]   0.00000869 
_atom_sites.fract_transf_matrix[2][2]   0.01317255 
_atom_sites.fract_transf_matrix[2][3]   0.00230670 
_atom_sites.fract_transf_matrix[3][1]   -0.00913060 
_atom_sites.fract_transf_matrix[3][2]   0.00303516 
_atom_sites.fract_transf_matrix[3][3]   -0.01729805 
_atom_sites.fract_transf_vector[1]      0.228875 
_atom_sites.fract_transf_vector[2]      0.302950 
_atom_sites.fract_transf_vector[3]      0.403334 
# 
loop_
_atom_type.symbol 
C  
MG 
N  
O  
P  
S  
# 
loop_
_atom_site.group_PDB 
_atom_site.id 
_atom_site.type_symbol 
_atom_site.label_atom_id 
_atom_site.label_alt_id 
_atom_site.label_comp_id 
_atom_site.label_asym_id 
_atom_site.label_entity_id 
_atom_site.label_seq_id 
_atom_site.pdbx_PDB_ins_code 
_atom_site.Cartn_x 
_atom_site.Cartn_y 
_atom_site.Cartn_z 
_atom_site.occupancy 
_atom_site.B_iso_or_equiv 
_atom_site.pdbx_formal_charge 
_atom_site.auth_seq_id 
_atom_site.auth_comp_id 
_atom_site.auth_asym_id 
_atom_site.auth_atom_id 
_atom_site.pdbx_PDB_model_num 
ATOM   1    N  N     . ILE A 1 5   ? 1.241   4.612   22.565  1.00 75.65  ? 4   ILE A N     1 
ATOM   2    C  CA    . ILE A 1 5   ? 2.428   3.982   21.920  1.00 76.11  ? 4   ILE A CA    1 
ATOM   3    C  C     . ILE A 1 5   ? 2.562   4.546   20.515  1.00 75.48  ? 4   ILE A C     1 
ATOM   4    O  O     . ILE A 1 5   ? 1.592   4.569   19.761  1.00 73.39  ? 4   ILE A O     1 
ATOM   5    C  CB    . ILE A 1 5   ? 2.290   2.436   21.841  1.00 77.53  ? 4   ILE A CB    1 
ATOM   6    C  CG1   . ILE A 1 5   ? 2.406   1.810   23.234  1.00 82.58  ? 4   ILE A CG1   1 
ATOM   7    C  CG2   . ILE A 1 5   ? 3.356   1.848   20.935  1.00 77.58  ? 4   ILE A CG2   1 
ATOM   8    C  CD1   . ILE A 1 5   ? 1.191   2.002   24.116  1.00 88.82  ? 4   ILE A CD1   1 
ATOM   9    N  N     . ARG A 1 6   ? 3.763   4.999   20.171  1.00 71.59  ? 5   ARG A N     1 
ATOM   10   C  CA    . ARG A 1 6   ? 4.017   5.574   18.855  1.00 68.22  ? 5   ARG A CA    1 
ATOM   11   C  C     . ARG A 1 6   ? 4.705   4.598   17.895  1.00 62.86  ? 5   ARG A C     1 
ATOM   12   O  O     . ARG A 1 6   ? 5.617   3.857   18.283  1.00 55.92  ? 5   ARG A O     1 
ATOM   13   C  CB    . ARG A 1 6   ? 4.843   6.848   18.997  1.00 69.04  ? 5   ARG A CB    1 
ATOM   14   C  CG    . ARG A 1 6   ? 5.050   7.613   17.706  1.00 75.18  ? 5   ARG A CG    1 
ATOM   15   C  CD    . ARG A 1 6   ? 5.400   9.070   17.970  1.00 83.99  ? 5   ARG A CD    1 
ATOM   16   N  NE    . ARG A 1 6   ? 4.232   9.851   18.375  1.00 95.80  ? 5   ARG A NE    1 
ATOM   17   C  CZ    . ARG A 1 6   ? 3.834   10.031  19.632  1.00 100.00 ? 5   ARG A CZ    1 
ATOM   18   N  NH1   . ARG A 1 6   ? 4.501   9.482   20.637  1.00 100.00 ? 5   ARG A NH1   1 
ATOM   19   N  NH2   . ARG A 1 6   ? 2.765   10.774  19.884  1.00 100.00 ? 5   ARG A NH2   1 
ATOM   20   N  N     . LYS A 1 7   ? 4.226   4.591   16.650  1.00 55.83  ? 6   LYS A N     1 
ATOM   21   C  CA    . LYS A 1 7   ? 4.769   3.733   15.598  1.00 48.51  ? 6   LYS A CA    1 
ATOM   22   C  C     . LYS A 1 7   ? 4.840   4.489   14.278  1.00 48.98  ? 6   LYS A C     1 
ATOM   23   O  O     . LYS A 1 7   ? 4.028   5.391   14.020  1.00 47.27  ? 6   LYS A O     1 
ATOM   24   C  CB    . LYS A 1 7   ? 3.918   2.471   15.422  1.00 44.29  ? 6   LYS A CB    1 
ATOM   25   C  CG    . LYS A 1 7   ? 4.017   1.486   16.571  1.00 37.60  ? 6   LYS A CG    1 
ATOM   26   C  CD    . LYS A 1 7   ? 5.460   1.129   16.839  1.00 33.16  ? 6   LYS A CD    1 
ATOM   27   C  CE    . LYS A 1 7   ? 5.587   0.162   17.994  1.00 37.99  ? 6   LYS A CE    1 
ATOM   28   N  NZ    . LYS A 1 7   ? 6.998   -0.226  18.236  1.00 38.54  ? 6   LYS A NZ    1 
ATOM   29   N  N     . LYS A 1 8   ? 5.819   4.122   13.454  1.00 46.08  ? 7   LYS A N     1 
ATOM   30   C  CA    . LYS A 1 8   ? 6.042   4.742   12.147  1.00 45.62  ? 7   LYS A CA    1 
ATOM   31   C  C     . LYS A 1 8   ? 5.820   3.734   11.020  1.00 45.32  ? 7   LYS A C     1 
ATOM   32   O  O     . LYS A 1 8   ? 6.261   2.578   11.101  1.00 38.07  ? 7   LYS A O     1 
ATOM   33   C  CB    . LYS A 1 8   ? 7.471   5.294   12.052  1.00 51.69  ? 7   LYS A CB    1 
ATOM   34   C  CG    . LYS A 1 8   ? 7.897   5.721   10.648  1.00 55.61  ? 7   LYS A CG    1 
ATOM   35   C  CD    . LYS A 1 8   ? 9.346   6.209   10.628  1.00 63.64  ? 7   LYS A CD    1 
ATOM   36   C  CE    . LYS A 1 8   ? 9.829   6.492   9.206   1.00 63.80  ? 7   LYS A CE    1 
ATOM   37   N  NZ    . LYS A 1 8   ? 11.158  7.176   9.183   1.00 60.53  ? 7   LYS A NZ    1 
ATOM   38   N  N     . LEU A 1 9   ? 5.147   4.190   9.966   1.00 39.85  ? 8   LEU A N     1 
ATOM   39   C  CA    . LEU A 1 9   ? 4.879   3.331   8.821   1.00 37.50  ? 8   LEU A CA    1 
ATOM   40   C  C     . LEU A 1 9   ? 5.063   4.070   7.502   1.00 35.32  ? 8   LEU A C     1 
ATOM   41   O  O     . LEU A 1 9   ? 4.750   5.261   7.385   1.00 29.44  ? 8   LEU A O     1 
ATOM   42   C  CB    . LEU A 1 9   ? 3.496   2.671   8.933   1.00 36.19  ? 8   LEU A CB    1 
ATOM   43   C  CG    . LEU A 1 9   ? 2.192   3.188   8.322   1.00 35.19  ? 8   LEU A CG    1 
ATOM   44   C  CD1   . LEU A 1 9   ? 2.109   2.842   6.840   1.00 29.36  ? 8   LEU A CD1   1 
ATOM   45   C  CD2   . LEU A 1 9   ? 1.047   2.518   9.049   1.00 30.76  ? 8   LEU A CD2   1 
ATOM   46   N  N     . VAL A 1 10  ? 5.610   3.344   6.536   1.00 37.35  ? 9   VAL A N     1 
ATOM   47   C  CA    . VAL A 1 10  ? 5.907   3.850   5.202   1.00 30.06  ? 9   VAL A CA    1 
ATOM   48   C  C     . VAL A 1 10  ? 5.141   3.069   4.125   1.00 28.93  ? 9   VAL A C     1 
ATOM   49   O  O     . VAL A 1 10  ? 5.120   1.831   4.133   1.00 27.14  ? 9   VAL A O     1 
ATOM   50   C  CB    . VAL A 1 10  ? 7.426   3.701   4.919   1.00 33.15  ? 9   VAL A CB    1 
ATOM   51   C  CG1   . VAL A 1 10  ? 7.758   4.103   3.487   1.00 31.82  ? 9   VAL A CG1   1 
ATOM   52   C  CG2   . VAL A 1 10  ? 8.229   4.521   5.918   1.00 29.40  ? 9   VAL A CG2   1 
ATOM   53   N  N     . ILE A 1 11  ? 4.533   3.803   3.190   1.00 28.04  ? 10  ILE A N     1 
ATOM   54   C  CA    . ILE A 1 11  ? 3.778   3.213   2.083   1.00 28.56  ? 10  ILE A CA    1 
ATOM   55   C  C     . ILE A 1 11  ? 4.606   3.302   0.779   1.00 32.02  ? 10  ILE A C     1 
ATOM   56   O  O     . ILE A 1 11  ? 5.265   4.314   0.541   1.00 38.33  ? 10  ILE A O     1 
ATOM   57   C  CB    . ILE A 1 11  ? 2.431   3.951   1.902   1.00 25.82  ? 10  ILE A CB    1 
ATOM   58   C  CG1   . ILE A 1 11  ? 1.559   3.237   0.868   1.00 25.30  ? 10  ILE A CG1   1 
ATOM   59   C  CG2   . ILE A 1 11  ? 2.672   5.397   1.485   1.00 33.86  ? 10  ILE A CG2   1 
ATOM   60   C  CD1   . ILE A 1 11  ? 0.126   3.738   0.836   1.00 23.92  ? 10  ILE A CD1   1 
ATOM   61   N  N     . VAL A 1 12  ? 4.599   2.242   -0.032  1.00 31.17  ? 11  VAL A N     1 
ATOM   62   C  CA    . VAL A 1 12  ? 5.360   2.211   -1.293  1.00 26.07  ? 11  VAL A CA    1 
ATOM   63   C  C     . VAL A 1 12  ? 4.649   1.397   -2.388  1.00 25.97  ? 11  VAL A C     1 
ATOM   64   O  O     . VAL A 1 12  ? 3.871   0.495   -2.085  1.00 27.95  ? 11  VAL A O     1 
ATOM   65   C  CB    . VAL A 1 12  ? 6.795   1.618   -1.098  1.00 25.85  ? 11  VAL A CB    1 
ATOM   66   C  CG1   . VAL A 1 12  ? 7.549   2.336   0.028   1.00 25.95  ? 11  VAL A CG1   1 
ATOM   67   C  CG2   . VAL A 1 12  ? 6.734   0.136   -0.834  1.00 20.63  ? 11  VAL A CG2   1 
ATOM   68   N  N     . GLY A 1 13  ? 4.910   1.733   -3.652  1.00 19.53  ? 12  GLY A N     1 
ATOM   69   C  CA    . GLY A 1 13  ? 4.296   1.030   -4.773  1.00 11.95  ? 12  GLY A CA    1 
ATOM   70   C  C     . GLY A 1 13  ? 4.372   1.858   -6.047  1.00 8.41   ? 12  GLY A C     1 
ATOM   71   O  O     . GLY A 1 13  ? 4.783   3.022   -5.987  1.00 16.65  ? 12  GLY A O     1 
ATOM   72   N  N     . ASP A 1 14  ? 3.910   1.304   -7.172  1.00 9.37   ? 13  ASP A N     1 
ATOM   73   C  CA    . ASP A 1 14  ? 3.952   1.995   -8.468  1.00 11.17  ? 13  ASP A CA    1 
ATOM   74   C  C     . ASP A 1 14  ? 3.252   3.344   -8.532  1.00 18.45  ? 13  ASP A C     1 
ATOM   75   O  O     . ASP A 1 14  ? 2.615   3.787   -7.567  1.00 23.50  ? 13  ASP A O     1 
ATOM   76   C  CB    . ASP A 1 14  ? 3.403   1.105   -9.590  1.00 18.75  ? 13  ASP A CB    1 
ATOM   77   C  CG    . ASP A 1 14  ? 4.421   0.090   -10.098 1.00 24.55  ? 13  ASP A CG    1 
ATOM   78   O  OD1   . ASP A 1 14  ? 5.508   -0.038  -9.494  1.00 32.63  ? 13  ASP A OD1   1 
ATOM   79   O  OD2   . ASP A 1 14  ? 4.134   -0.585  -11.112 1.00 19.80  ? 13  ASP A OD2   1 
ATOM   80   N  N     . VAL A 1 15  ? 3.398   4.010   -9.671  1.00 17.56  ? 14  VAL A N     1 
ATOM   81   C  CA    . VAL A 1 15  ? 2.800   5.318   -9.902  1.00 19.95  ? 14  VAL A CA    1 
ATOM   82   C  C     . VAL A 1 15  ? 1.272   5.211   -10.025 1.00 20.80  ? 14  VAL A C     1 
ATOM   83   O  O     . VAL A 1 15  ? 0.750   4.271   -10.630 1.00 24.39  ? 14  VAL A O     1 
ATOM   84   C  CB    . VAL A 1 15  ? 3.455   5.988   -11.157 1.00 17.73  ? 14  VAL A CB    1 
ATOM   85   C  CG1   . VAL A 1 15  ? 2.591   7.111   -11.729 1.00 9.99   ? 14  VAL A CG1   1 
ATOM   86   C  CG2   . VAL A 1 15  ? 4.798   6.552   -10.763 1.00 24.74  ? 14  VAL A CG2   1 
ATOM   87   N  N     . ALA A 1 16  ? 0.568   6.131   -9.366  1.00 23.06  ? 15  ALA A N     1 
ATOM   88   C  CA    . ALA A 1 16  ? -0.898  6.181   -9.386  1.00 17.88  ? 15  ALA A CA    1 
ATOM   89   C  C     . ALA A 1 16  ? -1.569  4.855   -9.026  1.00 16.22  ? 15  ALA A C     1 
ATOM   90   O  O     . ALA A 1 16  ? -2.552  4.457   -9.659  1.00 16.10  ? 15  ALA A O     1 
ATOM   91   C  CB    . ALA A 1 16  ? -1.402  6.677   -10.748 1.00 16.28  ? 15  ALA A CB    1 
ATOM   92   N  N     . CYS A 1 17  ? -1.040  4.165   -8.022  1.00 15.43  ? 16  CYS A N     1 
ATOM   93   C  CA    . CYS A 1 17  ? -1.637  2.906   -7.592  1.00 16.61  ? 16  CYS A CA    1 
ATOM   94   C  C     . CYS A 1 17  ? -2.562  3.159   -6.375  1.00 22.10  ? 16  CYS A C     1 
ATOM   95   O  O     . CYS A 1 17  ? -3.129  2.230   -5.791  1.00 19.63  ? 16  CYS A O     1 
ATOM   96   C  CB    . CYS A 1 17  ? -0.559  1.838   -7.314  1.00 10.53  ? 16  CYS A CB    1 
ATOM   97   S  SG    . CYS A 1 17  ? 0.352   1.981   -5.744  1.00 22.30  ? 16  CYS A SG    1 
ATOM   98   N  N     . GLY A 1 18  ? -2.727  4.432   -6.009  1.00 25.99  ? 17  GLY A N     1 
ATOM   99   C  CA    . GLY A 1 18  ? -3.599  4.791   -4.908  1.00 24.77  ? 17  GLY A CA    1 
ATOM   100  C  C     . GLY A 1 18  ? -2.967  4.994   -3.543  1.00 27.44  ? 17  GLY A C     1 
ATOM   101  O  O     . GLY A 1 18  ? -3.672  5.244   -2.568  1.00 32.61  ? 17  GLY A O     1 
ATOM   102  N  N     . LYS A 1 19  ? -1.647  4.974   -3.475  1.00 30.44  ? 18  LYS A N     1 
ATOM   103  C  CA    . LYS A 1 19  ? -0.951  5.152   -2.205  1.00 31.31  ? 18  LYS A CA    1 
ATOM   104  C  C     . LYS A 1 19  ? -1.495  6.305   -1.367  1.00 33.77  ? 18  LYS A C     1 
ATOM   105  O  O     . LYS A 1 19  ? -1.891  6.116   -0.216  1.00 46.08  ? 18  LYS A O     1 
ATOM   106  C  CB    . LYS A 1 19  ? 0.549   5.372   -2.436  1.00 31.32  ? 18  LYS A CB    1 
ATOM   107  C  CG    . LYS A 1 19  ? 1.344   4.121   -2.772  1.00 30.73  ? 18  LYS A CG    1 
ATOM   108  C  CD    . LYS A 1 19  ? 2.843   4.423   -2.792  1.00 35.49  ? 18  LYS A CD    1 
ATOM   109  C  CE    . LYS A 1 19  ? 3.215   5.451   -3.864  1.00 21.37  ? 18  LYS A CE    1 
ATOM   110  N  NZ    . LYS A 1 19  ? 2.963   4.918   -5.223  1.00 15.03  ? 18  LYS A NZ    1 
ATOM   111  N  N     . THR A 1 20  ? -1.532  7.492   -1.959  1.00 35.57  ? 19  THR A N     1 
ATOM   112  C  CA    . THR A 1 20  ? -1.977  8.700   -1.277  1.00 33.97  ? 19  THR A CA    1 
ATOM   113  C  C     . THR A 1 20  ? -3.436  8.699   -0.863  1.00 41.63  ? 19  THR A C     1 
ATOM   114  O  O     . THR A 1 20  ? -3.756  8.926   0.310   1.00 48.73  ? 19  THR A O     1 
ATOM   115  C  CB    . THR A 1 20  ? -1.688  9.941   -2.130  1.00 30.82  ? 19  THR A CB    1 
ATOM   116  O  OG1   . THR A 1 20  ? -0.271  10.082  -2.325  1.00 40.29  ? 19  THR A OG1   1 
ATOM   117  C  CG2   . THR A 1 20  ? -2.316  11.184  -1.520  1.00 24.47  ? 19  THR A CG2   1 
ATOM   118  N  N     . CYS A 1 21  ? -4.326  8.490   -1.830  1.00 38.36  ? 20  CYS A N     1 
ATOM   119  C  CA    . CYS A 1 21  ? -5.749  8.473   -1.529  1.00 33.49  ? 20  CYS A CA    1 
ATOM   120  C  C     . CYS A 1 21  ? -6.019  7.584   -0.321  1.00 32.63  ? 20  CYS A C     1 
ATOM   121  O  O     . CYS A 1 21  ? -6.693  8.005   0.610   1.00 35.76  ? 20  CYS A O     1 
ATOM   122  C  CB    . CYS A 1 21  ? -6.557  8.035   -2.747  1.00 28.43  ? 20  CYS A CB    1 
ATOM   123  S  SG    . CYS A 1 21  ? -6.619  9.317   -4.038  1.00 33.59  ? 20  CYS A SG    1 
ATOM   124  N  N     . LEU A 1 22  ? -5.402  6.408   -0.286  1.00 29.77  ? 21  LEU A N     1 
ATOM   125  C  CA    . LEU A 1 22  ? -5.565  5.501   0.846   1.00 28.18  ? 21  LEU A CA    1 
ATOM   126  C  C     . LEU A 1 22  ? -5.222  6.196   2.168   1.00 31.09  ? 21  LEU A C     1 
ATOM   127  O  O     . LEU A 1 22  ? -6.052  6.263   3.077   1.00 33.97  ? 21  LEU A O     1 
ATOM   128  C  CB    . LEU A 1 22  ? -4.683  4.263   0.677   1.00 28.39  ? 21  LEU A CB    1 
ATOM   129  C  CG    . LEU A 1 22  ? -4.703  3.306   1.872   1.00 34.04  ? 21  LEU A CG    1 
ATOM   130  C  CD1   . LEU A 1 22  ? -6.113  2.744   2.046   1.00 35.76  ? 21  LEU A CD1   1 
ATOM   131  C  CD2   . LEU A 1 22  ? -3.696  2.180   1.675   1.00 31.15  ? 21  LEU A CD2   1 
ATOM   132  N  N     . LEU A 1 23  ? -4.018  6.746   2.262   1.00 28.96  ? 22  LEU A N     1 
ATOM   133  C  CA    . LEU A 1 23  ? -3.579  7.424   3.475   1.00 27.70  ? 22  LEU A CA    1 
ATOM   134  C  C     . LEU A 1 23  ? -4.417  8.639   3.879   1.00 26.69  ? 22  LEU A C     1 
ATOM   135  O  O     . LEU A 1 23  ? -4.576  8.904   5.067   1.00 21.91  ? 22  LEU A O     1 
ATOM   136  C  CB    . LEU A 1 23  ? -2.108  7.831   3.367   1.00 32.10  ? 22  LEU A CB    1 
ATOM   137  C  CG    . LEU A 1 23  ? -1.069  7.039   4.178   1.00 30.31  ? 22  LEU A CG    1 
ATOM   138  C  CD1   . LEU A 1 23  ? -0.980  5.622   3.660   1.00 24.37  ? 22  LEU A CD1   1 
ATOM   139  C  CD2   . LEU A 1 23  ? 0.300   7.718   4.080   1.00 30.22  ? 22  LEU A CD2   1 
ATOM   140  N  N     . ILE A 1 24  ? -4.922  9.391   2.902   1.00 29.60  ? 23  ILE A N     1 
ATOM   141  C  CA    . ILE A 1 24  ? -5.734  10.576  3.203   1.00 30.79  ? 23  ILE A CA    1 
ATOM   142  C  C     . ILE A 1 24  ? -7.113  10.162  3.710   1.00 35.90  ? 23  ILE A C     1 
ATOM   143  O  O     . ILE A 1 24  ? -7.630  10.731  4.674   1.00 38.04  ? 23  ILE A O     1 
ATOM   144  C  CB    . ILE A 1 24  ? -5.932  11.501  1.972   1.00 33.50  ? 23  ILE A CB    1 
ATOM   145  C  CG1   . ILE A 1 24  ? -4.582  11.992  1.442   1.00 34.44  ? 23  ILE A CG1   1 
ATOM   146  C  CG2   . ILE A 1 24  ? -6.795  12.712  2.362   1.00 25.21  ? 23  ILE A CG2   1 
ATOM   147  C  CD1   . ILE A 1 24  ? -3.843  12.885  2.408   1.00 32.34  ? 23  ILE A CD1   1 
ATOM   148  N  N     . VAL A 1 25  ? -7.715  9.184   3.039   1.00 32.97  ? 24  VAL A N     1 
ATOM   149  C  CA    . VAL A 1 25  ? -9.021  8.686   3.429   1.00 26.03  ? 24  VAL A CA    1 
ATOM   150  C  C     . VAL A 1 25  ? -8.948  8.273   4.886   1.00 30.36  ? 24  VAL A C     1 
ATOM   151  O  O     . VAL A 1 25  ? -9.623  8.856   5.731   1.00 36.92  ? 24  VAL A O     1 
ATOM   152  C  CB    . VAL A 1 25  ? -9.452  7.486   2.553   1.00 22.48  ? 24  VAL A CB    1 
ATOM   153  C  CG1   . VAL A 1 25  ? -10.677 6.796   3.128   1.00 16.31  ? 24  VAL A CG1   1 
ATOM   154  C  CG2   . VAL A 1 25  ? -9.761  7.970   1.159   1.00 24.42  ? 24  VAL A CG2   1 
ATOM   155  N  N     . PHE A 1 26  ? -8.039  7.358   5.195   1.00 30.32  ? 25  PHE A N     1 
ATOM   156  C  CA    . PHE A 1 26  ? -7.884  6.871   6.553   1.00 34.49  ? 25  PHE A CA    1 
ATOM   157  C  C     . PHE A 1 26  ? -7.673  7.930   7.627   1.00 40.36  ? 25  PHE A C     1 
ATOM   158  O  O     . PHE A 1 26  ? -8.193  7.782   8.715   1.00 47.78  ? 25  PHE A O     1 
ATOM   159  C  CB    . PHE A 1 26  ? -6.765  5.824   6.622   1.00 30.75  ? 25  PHE A CB    1 
ATOM   160  C  CG    . PHE A 1 26  ? -6.426  5.387   8.021   1.00 29.23  ? 25  PHE A CG    1 
ATOM   161  C  CD1   . PHE A 1 26  ? -7.315  4.618   8.759   1.00 26.82  ? 25  PHE A CD1   1 
ATOM   162  C  CD2   . PHE A 1 26  ? -5.227  5.772   8.609   1.00 31.50  ? 25  PHE A CD2   1 
ATOM   163  C  CE1   . PHE A 1 26  ? -7.018  4.243   10.059  1.00 22.54  ? 25  PHE A CE1   1 
ATOM   164  C  CE2   . PHE A 1 26  ? -4.922  5.401   9.911   1.00 34.97  ? 25  PHE A CE2   1 
ATOM   165  C  CZ    . PHE A 1 26  ? -5.818  4.636   10.637  1.00 28.65  ? 25  PHE A CZ    1 
ATOM   166  N  N     . SER A 1 27  ? -6.961  9.014   7.336   1.00 46.23  ? 26  SER A N     1 
ATOM   167  C  CA    . SER A 1 27  ? -6.700  10.021  8.363   1.00 47.60  ? 26  SER A CA    1 
ATOM   168  C  C     . SER A 1 27  ? -7.432  11.366  8.253   1.00 50.60  ? 26  SER A C     1 
ATOM   169  O  O     . SER A 1 27  ? -7.228  12.258  9.088   1.00 47.72  ? 26  SER A O     1 
ATOM   170  C  CB    . SER A 1 27  ? -5.184  10.270  8.457   1.00 48.22  ? 26  SER A CB    1 
ATOM   171  O  OG    . SER A 1 27  ? -4.642  10.731  7.222   1.00 48.04  ? 26  SER A OG    1 
ATOM   172  N  N     . LYS A 1 28  ? -8.271  11.520  7.233   1.00 47.31  ? 27  LYS A N     1 
ATOM   173  C  CA    . LYS A 1 28  ? -8.989  12.776  7.027   1.00 51.19  ? 27  LYS A CA    1 
ATOM   174  C  C     . LYS A 1 28  ? -10.402 12.538  6.514   1.00 56.06  ? 27  LYS A C     1 
ATOM   175  O  O     . LYS A 1 28  ? -11.157 13.483  6.290   1.00 62.45  ? 27  LYS A O     1 
ATOM   176  C  CB    . LYS A 1 28  ? -8.242  13.655  6.008   1.00 49.25  ? 27  LYS A CB    1 
ATOM   177  C  CG    . LYS A 1 28  ? -6.828  14.089  6.390   1.00 57.10  ? 27  LYS A CG    1 
ATOM   178  C  CD    . LYS A 1 28  ? -6.816  15.287  7.335   1.00 59.09  ? 27  LYS A CD    1 
ATOM   179  C  CE    . LYS A 1 28  ? -5.387  15.728  7.656   1.00 56.85  ? 27  LYS A CE    1 
ATOM   180  N  NZ    . LYS A 1 28  ? -4.587  14.685  8.367   1.00 51.62  ? 27  LYS A NZ    1 
ATOM   181  N  N     . ASP A 1 29  ? -10.728 11.279  6.244   1.00 56.91  ? 28  ASP A N     1 
ATOM   182  C  CA    . ASP A 1 29  ? -12.043 10.887  5.744   1.00 55.52  ? 28  ASP A CA    1 
ATOM   183  C  C     . ASP A 1 29  ? -12.432 11.426  4.371   1.00 54.84  ? 28  ASP A C     1 
ATOM   184  O  O     . ASP A 1 29  ? -13.425 10.984  3.782   1.00 53.26  ? 28  ASP A O     1 
ATOM   185  C  CB    . ASP A 1 29  ? -13.140 11.198  6.766   1.00 57.06  ? 28  ASP A CB    1 
ATOM   186  C  CG    . ASP A 1 29  ? -13.724 9.946   7.373   1.00 62.28  ? 28  ASP A CG    1 
ATOM   187  O  OD1   . ASP A 1 29  ? -13.030 9.307   8.190   1.00 59.02  ? 28  ASP A OD1   1 
ATOM   188  O  OD2   . ASP A 1 29  ? -14.868 9.588   7.015   1.00 68.99  ? 28  ASP A OD2   1 
ATOM   189  N  N     . GLN A 1 30  ? -11.641 12.348  3.841   1.00 53.87  ? 29  GLN A N     1 
ATOM   190  C  CA    . GLN A 1 30  ? -11.933 12.905  2.528   1.00 56.77  ? 29  GLN A CA    1 
ATOM   191  C  C     . GLN A 1 30  ? -11.136 12.190  1.438   1.00 53.59  ? 29  GLN A C     1 
ATOM   192  O  O     . GLN A 1 30  ? -10.034 11.687  1.688   1.00 48.63  ? 29  GLN A O     1 
ATOM   193  C  CB    . GLN A 1 30  ? -11.677 14.418  2.515   1.00 59.99  ? 29  GLN A CB    1 
ATOM   194  C  CG    . GLN A 1 30  ? -10.394 14.860  3.214   1.00 65.40  ? 29  GLN A CG    1 
ATOM   195  C  CD    . GLN A 1 30  ? -10.246 16.371  3.263   1.00 69.14  ? 29  GLN A CD    1 
ATOM   196  O  OE1   . GLN A 1 30  ? -11.156 17.082  3.695   1.00 65.25  ? 29  GLN A OE1   1 
ATOM   197  N  NE2   . GLN A 1 30  ? -9.102  16.874  2.805   1.00 68.45  ? 29  GLN A NE2   1 
ATOM   198  N  N     . PHE A 1 31  ? -11.722 12.116  0.246   1.00 51.10  ? 30  PHE A N     1 
ATOM   199  C  CA    . PHE A 1 31  ? -11.098 11.470  -0.908  1.00 48.44  ? 30  PHE A CA    1 
ATOM   200  C  C     . PHE A 1 31  ? -10.624 12.564  -1.856  1.00 54.62  ? 30  PHE A C     1 
ATOM   201  O  O     . PHE A 1 31  ? -11.438 13.199  -2.522  1.00 57.09  ? 30  PHE A O     1 
ATOM   202  C  CB    . PHE A 1 31  ? -12.129 10.588  -1.615  1.00 45.22  ? 30  PHE A CB    1 
ATOM   203  C  CG    . PHE A 1 31  ? -11.548 9.685   -2.670  1.00 41.51  ? 30  PHE A CG    1 
ATOM   204  C  CD1   . PHE A 1 31  ? -10.819 8.555   -2.318  1.00 37.01  ? 30  PHE A CD1   1 
ATOM   205  C  CD2   . PHE A 1 31  ? -11.773 9.940   -4.020  1.00 40.27  ? 30  PHE A CD2   1 
ATOM   206  C  CE1   . PHE A 1 31  ? -10.323 7.682   -3.295  1.00 35.19  ? 30  PHE A CE1   1 
ATOM   207  C  CE2   . PHE A 1 31  ? -11.279 9.072   -5.006  1.00 37.84  ? 30  PHE A CE2   1 
ATOM   208  C  CZ    . PHE A 1 31  ? -10.553 7.945   -4.642  1.00 26.89  ? 30  PHE A CZ    1 
ATOM   209  N  N     . PRO A 1 32  ? -9.301  12.804  -1.911  1.00 55.36  ? 31  PRO A N     1 
ATOM   210  C  CA    . PRO A 1 32  ? -8.672  13.820  -2.761  1.00 53.22  ? 31  PRO A CA    1 
ATOM   211  C  C     . PRO A 1 32  ? -9.277  13.931  -4.155  1.00 58.38  ? 31  PRO A C     1 
ATOM   212  O  O     . PRO A 1 32  ? -9.439  12.932  -4.862  1.00 52.92  ? 31  PRO A O     1 
ATOM   213  C  CB    . PRO A 1 32  ? -7.226  13.357  -2.800  1.00 51.76  ? 31  PRO A CB    1 
ATOM   214  C  CG    . PRO A 1 32  ? -7.032  12.847  -1.417  1.00 50.64  ? 31  PRO A CG    1 
ATOM   215  C  CD    . PRO A 1 32  ? -8.273  12.025  -1.200  1.00 51.45  ? 31  PRO A CD    1 
ATOM   216  N  N     . GLU A 1 33  ? -9.599  15.163  -4.534  1.00 69.57  ? 32  GLU A N     1 
ATOM   217  C  CA    . GLU A 1 33  ? -10.217 15.480  -5.826  1.00 79.16  ? 32  GLU A CA    1 
ATOM   218  C  C     . GLU A 1 33  ? -9.241  15.479  -7.007  1.00 77.37  ? 32  GLU A C     1 
ATOM   219  O  O     . GLU A 1 33  ? -9.516  14.894  -8.057  1.00 76.24  ? 32  GLU A O     1 
ATOM   220  C  CB    . GLU A 1 33  ? -10.916 16.843  -5.750  1.00 85.91  ? 32  GLU A CB    1 
ATOM   221  C  CG    . GLU A 1 33  ? -12.171 16.878  -4.884  1.00 93.65  ? 32  GLU A CG    1 
ATOM   222  C  CD    . GLU A 1 33  ? -13.321 16.086  -5.490  1.00 98.30  ? 32  GLU A CD    1 
ATOM   223  O  OE1   . GLU A 1 33  ? -13.632 16.297  -6.682  1.00 99.95  ? 32  GLU A OE1   1 
ATOM   224  O  OE2   . GLU A 1 33  ? -13.923 15.261  -4.769  1.00 100.00 ? 32  GLU A OE2   1 
ATOM   225  N  N     . VAL A 1 34  ? -8.131  16.198  -6.855  1.00 75.02  ? 33  VAL A N     1 
ATOM   226  C  CA    . VAL A 1 34  ? -7.125  16.276  -7.909  1.00 72.41  ? 33  VAL A CA    1 
ATOM   227  C  C     . VAL A 1 34  ? -5.905  15.405  -7.634  1.00 71.98  ? 33  VAL A C     1 
ATOM   228  O  O     . VAL A 1 34  ? -5.316  15.465  -6.553  1.00 74.43  ? 33  VAL A O     1 
ATOM   229  C  CB    . VAL A 1 34  ? -6.658  17.737  -8.166  1.00 70.82  ? 33  VAL A CB    1 
ATOM   230  C  CG1   . VAL A 1 34  ? -7.667  18.462  -9.043  1.00 71.41  ? 33  VAL A CG1   1 
ATOM   231  C  CG2   . VAL A 1 34  ? -6.461  18.488  -6.841  1.00 66.83  ? 33  VAL A CG2   1 
ATOM   232  N  N     . TYR A 1 35  ? -5.544  14.579  -8.610  1.00 69.65  ? 34  TYR A N     1 
ATOM   233  C  CA    . TYR A 1 35  ? -4.385  13.708  -8.481  1.00 64.73  ? 34  TYR A CA    1 
ATOM   234  C  C     . TYR A 1 35  ? -3.095  14.485  -8.747  1.00 62.84  ? 34  TYR A C     1 
ATOM   235  O  O     . TYR A 1 35  ? -2.890  15.020  -9.838  1.00 65.76  ? 34  TYR A O     1 
ATOM   236  C  CB    . TYR A 1 35  ? -4.501  12.528  -9.452  1.00 64.01  ? 34  TYR A CB    1 
ATOM   237  C  CG    . TYR A 1 35  ? -3.187  11.846  -9.789  1.00 61.27  ? 34  TYR A CG    1 
ATOM   238  C  CD1   . TYR A 1 35  ? -2.259  11.526  -8.793  1.00 62.49  ? 34  TYR A CD1   1 
ATOM   239  C  CD2   . TYR A 1 35  ? -2.869  11.531  -11.109 1.00 60.51  ? 34  TYR A CD2   1 
ATOM   240  C  CE1   . TYR A 1 35  ? -1.047  10.915  -9.105  1.00 60.12  ? 34  TYR A CE1   1 
ATOM   241  C  CE2   . TYR A 1 35  ? -1.663  10.918  -11.433 1.00 59.53  ? 34  TYR A CE2   1 
ATOM   242  C  CZ    . TYR A 1 35  ? -0.753  10.610  -10.427 1.00 60.27  ? 34  TYR A CZ    1 
ATOM   243  O  OH    . TYR A 1 35  ? 0.450   10.003  -10.738 1.00 54.94  ? 34  TYR A OH    1 
ATOM   244  N  N     . VAL A 1 36  ? -2.248  14.570  -7.726  1.00 56.12  ? 35  VAL A N     1 
ATOM   245  C  CA    . VAL A 1 36  ? -0.961  15.237  -7.852  1.00 52.42  ? 35  VAL A CA    1 
ATOM   246  C  C     . VAL A 1 36  ? 0.109   14.246  -7.408  1.00 54.18  ? 35  VAL A C     1 
ATOM   247  O  O     . VAL A 1 36  ? 0.006   13.646  -6.329  1.00 60.33  ? 35  VAL A O     1 
ATOM   248  C  CB    . VAL A 1 36  ? -0.873  16.543  -7.003  1.00 46.97  ? 35  VAL A CB    1 
ATOM   249  C  CG1   . VAL A 1 36  ? -2.006  17.477  -7.373  1.00 50.71  ? 35  VAL A CG1   1 
ATOM   250  C  CG2   . VAL A 1 36  ? -0.875  16.246  -5.506  1.00 44.07  ? 35  VAL A CG2   1 
ATOM   251  N  N     . PRO A 1 37  ? 1.072   13.938  -8.292  1.00 49.39  ? 36  PRO A N     1 
ATOM   252  C  CA    . PRO A 1 37  ? 2.133   12.997  -7.926  1.00 44.16  ? 36  PRO A CA    1 
ATOM   253  C  C     . PRO A 1 37  ? 2.873   13.480  -6.675  1.00 43.96  ? 36  PRO A C     1 
ATOM   254  O  O     . PRO A 1 37  ? 3.053   14.684  -6.471  1.00 45.77  ? 36  PRO A O     1 
ATOM   255  C  CB    . PRO A 1 37  ? 3.012   12.995  -9.168  1.00 46.51  ? 36  PRO A CB    1 
ATOM   256  C  CG    . PRO A 1 37  ? 1.996   13.116  -10.266 1.00 41.55  ? 36  PRO A CG    1 
ATOM   257  C  CD    . PRO A 1 37  ? 1.108   14.225  -9.737  1.00 46.34  ? 36  PRO A CD    1 
ATOM   258  N  N     . THR A 1 38  ? 3.214   12.538  -5.809  1.00 41.63  ? 37  THR A N     1 
ATOM   259  C  CA    . THR A 1 38  ? 3.886   12.832  -4.555  1.00 39.62  ? 37  THR A CA    1 
ATOM   260  C  C     . THR A 1 38  ? 5.415   12.860  -4.626  1.00 40.18  ? 37  THR A C     1 
ATOM   261  O  O     . THR A 1 38  ? 6.025   12.028  -5.290  1.00 32.78  ? 37  THR A O     1 
ATOM   262  C  CB    . THR A 1 38  ? 3.459   11.793  -3.477  1.00 41.53  ? 37  THR A CB    1 
ATOM   263  O  OG1   . THR A 1 38  ? 2.029   11.594  -3.504  1.00 51.87  ? 37  THR A OG1   1 
ATOM   264  C  CG2   . THR A 1 38  ? 3.952   12.218  -2.103  1.00 46.22  ? 37  THR A CG2   1 
ATOM   265  N  N     . VAL A 1 39  ? 6.006   13.839  -3.946  1.00 41.62  ? 38  VAL A N     1 
ATOM   266  C  CA    . VAL A 1 39  ? 7.459   13.954  -3.852  1.00 45.46  ? 38  VAL A CA    1 
ATOM   267  C  C     . VAL A 1 39  ? 7.738   13.270  -2.508  1.00 48.60  ? 38  VAL A C     1 
ATOM   268  O  O     . VAL A 1 39  ? 8.542   12.348  -2.414  1.00 48.83  ? 38  VAL A O     1 
ATOM   269  C  CB    . VAL A 1 39  ? 7.929   15.444  -3.835  1.00 43.07  ? 38  VAL A CB    1 
ATOM   270  C  CG1   . VAL A 1 39  ? 9.446   15.528  -3.722  1.00 39.34  ? 38  VAL A CG1   1 
ATOM   271  C  CG2   . VAL A 1 39  ? 7.471   16.159  -5.099  1.00 31.56  ? 38  VAL A CG2   1 
ATOM   272  N  N     . PHE A 1 40  ? 7.026   13.726  -1.482  1.00 52.55  ? 39  PHE A N     1 
ATOM   273  C  CA    . PHE A 1 40  ? 7.081   13.177  -0.124  1.00 54.28  ? 39  PHE A CA    1 
ATOM   274  C  C     . PHE A 1 40  ? 6.081   13.955  0.729   1.00 54.45  ? 39  PHE A C     1 
ATOM   275  O  O     . PHE A 1 40  ? 5.711   15.080  0.374   1.00 48.80  ? 39  PHE A O     1 
ATOM   276  C  CB    . PHE A 1 40  ? 8.496   13.197  0.484   1.00 56.31  ? 39  PHE A CB    1 
ATOM   277  C  CG    . PHE A 1 40  ? 9.003   14.564  0.838   1.00 65.26  ? 39  PHE A CG    1 
ATOM   278  C  CD1   . PHE A 1 40  ? 9.485   15.420  -0.147  1.00 64.47  ? 39  PHE A CD1   1 
ATOM   279  C  CD2   . PHE A 1 40  ? 9.041   14.978  2.170   1.00 69.18  ? 39  PHE A CD2   1 
ATOM   280  C  CE1   . PHE A 1 40  ? 9.997   16.674  0.182   1.00 68.78  ? 39  PHE A CE1   1 
ATOM   281  C  CE2   . PHE A 1 40  ? 9.549   16.233  2.513   1.00 74.82  ? 39  PHE A CE2   1 
ATOM   282  C  CZ    . PHE A 1 40  ? 10.033  17.081  1.517   1.00 73.45  ? 39  PHE A CZ    1 
ATOM   283  N  N     . GLU A 1 41  ? 5.584   13.312  1.786   1.00 55.08  ? 40  GLU A N     1 
ATOM   284  C  CA    . GLU A 1 41  ? 4.600   13.907  2.698   1.00 52.55  ? 40  GLU A CA    1 
ATOM   285  C  C     . GLU A 1 41  ? 4.523   13.137  4.012   1.00 52.09  ? 40  GLU A C     1 
ATOM   286  O  O     . GLU A 1 41  ? 4.971   11.995  4.108   1.00 53.60  ? 40  GLU A O     1 
ATOM   287  C  CB    . GLU A 1 41  ? 3.207   13.935  2.058   1.00 50.04  ? 40  GLU A CB    1 
ATOM   288  C  CG    . GLU A 1 41  ? 2.826   15.266  1.418   1.00 45.45  ? 40  GLU A CG    1 
ATOM   289  C  CD    . GLU A 1 41  ? 2.700   16.404  2.422   1.00 46.13  ? 40  GLU A CD    1 
ATOM   290  O  OE1   . GLU A 1 41  ? 2.891   16.174  3.641   1.00 37.17  ? 40  GLU A OE1   1 
ATOM   291  O  OE2   . GLU A 1 41  ? 2.407   17.538  1.980   1.00 47.28  ? 40  GLU A OE2   1 
ATOM   292  N  N     . ASN A 1 42  ? 3.986   13.785  5.041   1.00 58.97  ? 41  ASN A N     1 
ATOM   293  C  CA    . ASN A 1 42  ? 3.848   13.160  6.348   1.00 62.37  ? 41  ASN A CA    1 
ATOM   294  C  C     . ASN A 1 42  ? 2.457   13.373  6.926   1.00 63.33  ? 41  ASN A C     1 
ATOM   295  O  O     . ASN A 1 42  ? 1.842   14.419  6.723   1.00 67.24  ? 41  ASN A O     1 
ATOM   296  C  CB    . ASN A 1 42  ? 4.898   13.697  7.310   1.00 67.19  ? 41  ASN A CB    1 
ATOM   297  C  CG    . ASN A 1 42  ? 6.170   12.890  7.274   1.00 73.50  ? 41  ASN A CG    1 
ATOM   298  O  OD1   . ASN A 1 42  ? 6.494   12.187  8.232   1.00 75.88  ? 41  ASN A OD1   1 
ATOM   299  N  ND2   . ASN A 1 42  ? 6.895   12.973  6.167   1.00 77.66  ? 41  ASN A ND2   1 
ATOM   300  N  N     . TYR A 1 43  ? 1.966   12.369  7.639   1.00 59.10  ? 42  TYR A N     1 
ATOM   301  C  CA    . TYR A 1 43  ? 0.645   12.442  8.251   1.00 52.28  ? 42  TYR A CA    1 
ATOM   302  C  C     . TYR A 1 43  ? 0.640   11.739  9.592   1.00 48.01  ? 42  TYR A C     1 
ATOM   303  O  O     . TYR A 1 43  ? 1.565   10.989  9.926   1.00 50.89  ? 42  TYR A O     1 
ATOM   304  C  CB    . TYR A 1 43  ? -0.403  11.773  7.360   1.00 43.94  ? 42  TYR A CB    1 
ATOM   305  C  CG    . TYR A 1 43  ? -0.508  12.353  5.975   1.00 40.45  ? 42  TYR A CG    1 
ATOM   306  C  CD1   . TYR A 1 43  ? -1.072  13.607  5.759   1.00 36.78  ? 42  TYR A CD1   1 
ATOM   307  C  CD2   . TYR A 1 43  ? -0.055  11.634  4.875   1.00 47.43  ? 42  TYR A CD2   1 
ATOM   308  C  CE1   . TYR A 1 43  ? -1.181  14.128  4.479   1.00 43.61  ? 42  TYR A CE1   1 
ATOM   309  C  CE2   . TYR A 1 43  ? -0.160  12.146  3.591   1.00 48.13  ? 42  TYR A CE2   1 
ATOM   310  C  CZ    . TYR A 1 43  ? -0.724  13.389  3.401   1.00 47.84  ? 42  TYR A CZ    1 
ATOM   311  O  OH    . TYR A 1 43  ? -0.834  13.885  2.124   1.00 57.93  ? 42  TYR A OH    1 
ATOM   312  N  N     . VAL A 1 44  ? -0.408  11.993  10.365  1.00 47.23  ? 43  VAL A N     1 
ATOM   313  C  CA    . VAL A 1 44  ? -0.571  11.366  11.666  1.00 47.08  ? 43  VAL A CA    1 
ATOM   314  C  C     . VAL A 1 44  ? -2.048  10.990  11.826  1.00 43.52  ? 43  VAL A C     1 
ATOM   315  O  O     . VAL A 1 44  ? -2.925  11.568  11.163  1.00 36.14  ? 43  VAL A O     1 
ATOM   316  C  CB    . VAL A 1 44  ? -0.094  12.289  12.824  1.00 46.53  ? 43  VAL A CB    1 
ATOM   317  C  CG1   . VAL A 1 44  ? -1.085  13.423  13.064  1.00 44.44  ? 43  VAL A CG1   1 
ATOM   318  C  CG2   . VAL A 1 44  ? 0.148   11.478  14.086  1.00 46.92  ? 43  VAL A CG2   1 
ATOM   319  N  N     . ALA A 1 45  ? -2.291  9.962   12.636  1.00 37.92  ? 44  ALA A N     1 
ATOM   320  C  CA    . ALA A 1 45  ? -3.629  9.464   12.918  1.00 41.70  ? 44  ALA A CA    1 
ATOM   321  C  C     . ALA A 1 45  ? -3.519  8.553   14.136  1.00 48.35  ? 44  ALA A C     1 
ATOM   322  O  O     . ALA A 1 45  ? -2.444  8.006   14.411  1.00 49.97  ? 44  ALA A O     1 
ATOM   323  C  CB    . ALA A 1 45  ? -4.179  8.689   11.722  1.00 32.85  ? 44  ALA A CB    1 
ATOM   324  N  N     . ASP A 1 46  ? -4.616  8.416   14.874  1.00 50.65  ? 45  ASP A N     1 
ATOM   325  C  CA    . ASP A 1 46  ? -4.650  7.577   16.067  1.00 48.24  ? 45  ASP A CA    1 
ATOM   326  C  C     . ASP A 1 46  ? -5.466  6.321   15.804  1.00 47.72  ? 45  ASP A C     1 
ATOM   327  O  O     . ASP A 1 46  ? -6.327  6.299   14.925  1.00 46.46  ? 45  ASP A O     1 
ATOM   328  C  CB    . ASP A 1 46  ? -5.247  8.344   17.247  1.00 50.58  ? 45  ASP A CB    1 
ATOM   329  C  CG    . ASP A 1 46  ? -4.383  9.509   17.670  1.00 51.08  ? 45  ASP A CG    1 
ATOM   330  O  OD1   . ASP A 1 46  ? -3.368  9.274   18.358  1.00 48.66  ? 45  ASP A OD1   1 
ATOM   331  O  OD2   . ASP A 1 46  ? -4.720  10.657  17.306  1.00 50.78  ? 45  ASP A OD2   1 
ATOM   332  N  N     . ILE A 1 47  ? -5.192  5.273   16.568  1.00 45.44  ? 46  ILE A N     1 
ATOM   333  C  CA    . ILE A 1 47  ? -5.909  4.032   16.382  1.00 51.88  ? 46  ILE A CA    1 
ATOM   334  C  C     . ILE A 1 47  ? -5.848  3.168   17.628  1.00 57.40  ? 46  ILE A C     1 
ATOM   335  O  O     . ILE A 1 47  ? -4.847  3.159   18.350  1.00 59.48  ? 46  ILE A O     1 
ATOM   336  C  CB    . ILE A 1 47  ? -5.347  3.245   15.170  1.00 54.24  ? 46  ILE A CB    1 
ATOM   337  C  CG1   . ILE A 1 47  ? -6.243  2.047   14.845  1.00 54.01  ? 46  ILE A CG1   1 
ATOM   338  C  CG2   . ILE A 1 47  ? -3.920  2.779   15.444  1.00 59.43  ? 46  ILE A CG2   1 
ATOM   339  C  CD1   . ILE A 1 47  ? -5.763  1.218   13.682  1.00 51.95  ? 46  ILE A CD1   1 
ATOM   340  N  N     . GLU A 1 48  ? -6.950  2.481   17.892  1.00 62.55  ? 47  GLU A N     1 
ATOM   341  C  CA    . GLU A 1 48  ? -7.048  1.572   19.019  1.00 63.77  ? 47  GLU A CA    1 
ATOM   342  C  C     . GLU A 1 48  ? -7.198  0.168   18.451  1.00 61.40  ? 47  GLU A C     1 
ATOM   343  O  O     . GLU A 1 48  ? -8.043  -0.080  17.592  1.00 54.13  ? 47  GLU A O     1 
ATOM   344  C  CB    . GLU A 1 48  ? -8.260  1.896   19.894  1.00 73.57  ? 47  GLU A CB    1 
ATOM   345  C  CG    . GLU A 1 48  ? -8.196  3.236   20.614  1.00 79.62  ? 47  GLU A CG    1 
ATOM   346  C  CD    . GLU A 1 48  ? -9.394  3.458   21.517  1.00 78.52  ? 47  GLU A CD    1 
ATOM   347  O  OE1   . GLU A 1 48  ? -9.500  2.757   22.549  1.00 73.36  ? 47  GLU A OE1   1 
ATOM   348  O  OE2   . GLU A 1 48  ? -10.230 4.326   21.185  1.00 77.91  ? 47  GLU A OE2   1 
ATOM   349  N  N     . VAL A 1 49  ? -6.314  -0.726  18.869  1.00 59.31  ? 48  VAL A N     1 
ATOM   350  C  CA    . VAL A 1 49  ? -6.362  -2.108  18.419  1.00 63.03  ? 48  VAL A CA    1 
ATOM   351  C  C     . VAL A 1 49  ? -6.037  -2.954  19.640  1.00 63.82  ? 48  VAL A C     1 
ATOM   352  O  O     . VAL A 1 49  ? -5.087  -2.658  20.369  1.00 63.56  ? 48  VAL A O     1 
ATOM   353  C  CB    . VAL A 1 49  ? -5.321  -2.400  17.314  1.00 63.31  ? 48  VAL A CB    1 
ATOM   354  C  CG1   . VAL A 1 49  ? -5.544  -3.787  16.746  1.00 64.37  ? 48  VAL A CG1   1 
ATOM   355  C  CG2   . VAL A 1 49  ? -5.404  -1.364  16.212  1.00 63.64  ? 48  VAL A CG2   1 
ATOM   356  N  N     . ASP A 1 50  ? -6.890  -3.933  19.914  1.00 63.79  ? 49  ASP A N     1 
ATOM   357  C  CA    . ASP A 1 50  ? -6.708  -4.836  21.047  1.00 67.01  ? 49  ASP A CA    1 
ATOM   358  C  C     . ASP A 1 50  ? -6.512  -4.076  22.361  1.00 68.19  ? 49  ASP A C     1 
ATOM   359  O  O     . ASP A 1 50  ? -5.731  -4.477  23.231  1.00 66.80  ? 49  ASP A O     1 
ATOM   360  C  CB    . ASP A 1 50  ? -5.535  -5.788  20.776  1.00 66.06  ? 49  ASP A CB    1 
ATOM   361  C  CG    . ASP A 1 50  ? -5.658  -6.505  19.443  1.00 68.50  ? 49  ASP A CG    1 
ATOM   362  O  OD1   . ASP A 1 50  ? -6.689  -6.327  18.748  1.00 69.31  ? 49  ASP A OD1   1 
ATOM   363  O  OD2   . ASP A 1 50  ? -4.720  -7.243  19.072  1.00 72.10  ? 49  ASP A OD2   1 
ATOM   364  N  N     . GLY A 1 51  ? -7.225  -2.958  22.490  1.00 73.13  ? 50  GLY A N     1 
ATOM   365  C  CA    . GLY A 1 51  ? -7.152  -2.147  23.692  1.00 77.29  ? 50  GLY A CA    1 
ATOM   366  C  C     . GLY A 1 51  ? -6.065  -1.089  23.709  1.00 84.99  ? 50  GLY A C     1 
ATOM   367  O  O     . GLY A 1 51  ? -6.190  -0.083  24.408  1.00 86.71  ? 50  GLY A O     1 
ATOM   368  N  N     . LYS A 1 52  ? -4.994  -1.317  22.951  1.00 88.15  ? 51  LYS A N     1 
ATOM   369  C  CA    . LYS A 1 52  ? -3.870  -0.383  22.882  1.00 88.47  ? 51  LYS A CA    1 
ATOM   370  C  C     . LYS A 1 52  ? -4.163  0.906   22.108  1.00 87.73  ? 51  LYS A C     1 
ATOM   371  O  O     . LYS A 1 52  ? -4.869  0.890   21.099  1.00 87.31  ? 51  LYS A O     1 
ATOM   372  C  CB    . LYS A 1 52  ? -2.645  -1.066  22.255  1.00 88.88  ? 51  LYS A CB    1 
ATOM   373  C  CG    . LYS A 1 52  ? -1.886  -2.043  23.151  1.00 90.09  ? 51  LYS A CG    1 
ATOM   374  C  CD    . LYS A 1 52  ? -2.664  -3.323  23.423  1.00 90.41  ? 51  LYS A CD    1 
ATOM   375  C  CE    . LYS A 1 52  ? -1.774  -4.392  24.047  1.00 89.55  ? 51  LYS A CE    1 
ATOM   376  N  NZ    . LYS A 1 52  ? -1.096  -3.929  25.297  1.00 91.73  ? 51  LYS A NZ    1 
ATOM   377  N  N     . GLN A 1 53  ? -3.609  2.015   22.599  1.00 85.90  ? 52  GLN A N     1 
ATOM   378  C  CA    . GLN A 1 53  ? -3.749  3.320   21.956  1.00 87.33  ? 52  GLN A CA    1 
ATOM   379  C  C     . GLN A 1 53  ? -2.427  3.574   21.226  1.00 84.45  ? 52  GLN A C     1 
ATOM   380  O  O     . GLN A 1 53  ? -1.358  3.581   21.854  1.00 86.67  ? 52  GLN A O     1 
ATOM   381  C  CB    . GLN A 1 53  ? -4.009  4.411   23.003  1.00 88.29  ? 52  GLN A CB    1 
ATOM   382  C  CG    . GLN A 1 53  ? -3.888  5.855   22.490  1.00 94.37  ? 52  GLN A CG    1 
ATOM   383  C  CD    . GLN A 1 53  ? -4.921  6.239   21.435  1.00 97.30  ? 52  GLN A CD    1 
ATOM   384  O  OE1   . GLN A 1 53  ? -5.191  5.480   20.496  1.00 99.52  ? 52  GLN A OE1   1 
ATOM   385  N  NE2   . GLN A 1 53  ? -5.492  7.432   21.574  1.00 97.19  ? 52  GLN A NE2   1 
ATOM   386  N  N     . VAL A 1 54  ? -2.495  3.768   19.908  1.00 79.45  ? 53  VAL A N     1 
ATOM   387  C  CA    . VAL A 1 54  ? -1.292  3.979   19.106  1.00 74.84  ? 53  VAL A CA    1 
ATOM   388  C  C     . VAL A 1 54  ? -1.329  5.180   18.153  1.00 70.54  ? 53  VAL A C     1 
ATOM   389  O  O     . VAL A 1 54  ? -2.228  5.296   17.317  1.00 68.37  ? 53  VAL A O     1 
ATOM   390  C  CB    . VAL A 1 54  ? -0.959  2.707   18.270  1.00 74.76  ? 53  VAL A CB    1 
ATOM   391  C  CG1   . VAL A 1 54  ? 0.323   2.909   17.479  1.00 76.98  ? 53  VAL A CG1   1 
ATOM   392  C  CG2   . VAL A 1 54  ? -0.831  1.486   19.170  1.00 74.13  ? 53  VAL A CG2   1 
ATOM   393  N  N     . GLU A 1 55  ? -0.332  6.054   18.286  1.00 67.62  ? 54  GLU A N     1 
ATOM   394  C  CA    . GLU A 1 55  ? -0.194  7.225   17.420  1.00 66.32  ? 54  GLU A CA    1 
ATOM   395  C  C     . GLU A 1 55  ? 0.573   6.720   16.196  1.00 60.54  ? 54  GLU A C     1 
ATOM   396  O  O     . GLU A 1 55  ? 1.604   6.058   16.331  1.00 57.00  ? 54  GLU A O     1 
ATOM   397  C  CB    . GLU A 1 55  ? 0.603   8.336   18.115  1.00 75.88  ? 54  GLU A CB    1 
ATOM   398  C  CG    . GLU A 1 55  ? -0.003  8.870   19.429  1.00 90.45  ? 54  GLU A CG    1 
ATOM   399  C  CD    . GLU A 1 55  ? 0.282   7.989   20.650  1.00 99.05  ? 54  GLU A CD    1 
ATOM   400  O  OE1   . GLU A 1 55  ? 1.418   7.471   20.785  1.00 100.00 ? 54  GLU A OE1   1 
ATOM   401  O  OE2   . GLU A 1 55  ? -0.626  7.826   21.496  1.00 97.44  ? 54  GLU A OE2   1 
ATOM   402  N  N     . LEU A 1 56  ? 0.093   7.053   15.009  1.00 57.93  ? 55  LEU A N     1 
ATOM   403  C  CA    . LEU A 1 56  ? 0.728   6.570   13.786  1.00 59.32  ? 55  LEU A CA    1 
ATOM   404  C  C     . LEU A 1 56  ? 1.350   7.635   12.888  1.00 54.27  ? 55  LEU A C     1 
ATOM   405  O  O     . LEU A 1 56  ? 0.718   8.642   12.575  1.00 58.61  ? 55  LEU A O     1 
ATOM   406  C  CB    . LEU A 1 56  ? -0.289  5.750   12.985  1.00 56.90  ? 55  LEU A CB    1 
ATOM   407  C  CG    . LEU A 1 56  ? 0.047   4.277   12.740  1.00 59.15  ? 55  LEU A CG    1 
ATOM   408  C  CD1   . LEU A 1 56  ? 0.556   3.624   14.016  1.00 59.05  ? 55  LEU A CD1   1 
ATOM   409  C  CD2   . LEU A 1 56  ? -1.182  3.555   12.204  1.00 55.99  ? 55  LEU A CD2   1 
ATOM   410  N  N     . ALA A 1 57  ? 2.596   7.391   12.478  1.00 49.30  ? 56  ALA A N     1 
ATOM   411  C  CA    . ALA A 1 57  ? 3.324   8.292   11.580  1.00 44.20  ? 56  ALA A CA    1 
ATOM   412  C  C     . ALA A 1 57  ? 3.185   7.728   10.164  1.00 43.30  ? 56  ALA A C     1 
ATOM   413  O  O     . ALA A 1 57  ? 3.683   6.639   9.862   1.00 42.32  ? 56  ALA A O     1 
ATOM   414  C  CB    . ALA A 1 57  ? 4.790   8.361   11.982  1.00 42.50  ? 56  ALA A CB    1 
ATOM   415  N  N     . LEU A 1 58  ? 2.488   8.459   9.302   1.00 37.55  ? 57  LEU A N     1 
ATOM   416  C  CA    . LEU A 1 58  ? 2.254   8.009   7.932   1.00 37.80  ? 57  LEU A CA    1 
ATOM   417  C  C     . LEU A 1 58  ? 3.138   8.735   6.925   1.00 38.94  ? 57  LEU A C     1 
ATOM   418  O  O     . LEU A 1 58  ? 2.822   9.849   6.502   1.00 34.82  ? 57  LEU A O     1 
ATOM   419  C  CB    . LEU A 1 58  ? 0.776   8.198   7.563   1.00 33.70  ? 57  LEU A CB    1 
ATOM   420  C  CG    . LEU A 1 58  ? -0.304  7.708   8.543   1.00 29.57  ? 57  LEU A CG    1 
ATOM   421  C  CD1   . LEU A 1 58  ? -1.677  8.094   8.023   1.00 31.26  ? 57  LEU A CD1   1 
ATOM   422  C  CD2   . LEU A 1 58  ? -0.216  6.207   8.749   1.00 19.31  ? 57  LEU A CD2   1 
ATOM   423  N  N     . TRP A 1 59  ? 4.245   8.098   6.555   1.00 38.58  ? 58  TRP A N     1 
ATOM   424  C  CA    . TRP A 1 59  ? 5.177   8.673   5.591   1.00 35.34  ? 58  TRP A CA    1 
ATOM   425  C  C     . TRP A 1 59  ? 4.812   8.250   4.181   1.00 31.31  ? 58  TRP A C     1 
ATOM   426  O  O     . TRP A 1 59  ? 4.885   7.065   3.827   1.00 20.26  ? 58  TRP A O     1 
ATOM   427  C  CB    . TRP A 1 59  ? 6.614   8.259   5.901   1.00 43.25  ? 58  TRP A CB    1 
ATOM   428  C  CG    . TRP A 1 59  ? 7.125   8.747   7.223   1.00 55.24  ? 58  TRP A CG    1 
ATOM   429  C  CD1   . TRP A 1 59  ? 6.536   8.575   8.445   1.00 61.22  ? 58  TRP A CD1   1 
ATOM   430  C  CD2   . TRP A 1 59  ? 8.359   9.427   7.467   1.00 58.40  ? 58  TRP A CD2   1 
ATOM   431  N  NE1   . TRP A 1 59  ? 7.332   9.099   9.433   1.00 62.09  ? 58  TRP A NE1   1 
ATOM   432  C  CE2   . TRP A 1 59  ? 8.460   9.633   8.860   1.00 60.74  ? 58  TRP A CE2   1 
ATOM   433  C  CE3   . TRP A 1 59  ? 9.394   9.883   6.643   1.00 61.81  ? 58  TRP A CE3   1 
ATOM   434  C  CZ2   . TRP A 1 59  ? 9.550   10.268  9.448   1.00 63.90  ? 58  TRP A CZ2   1 
ATOM   435  C  CZ3   . TRP A 1 59  ? 10.485  10.513  7.230   1.00 68.65  ? 58  TRP A CZ3   1 
ATOM   436  C  CH2   . TRP A 1 59  ? 10.551  10.704  8.621   1.00 66.61  ? 58  TRP A CH2   1 
ATOM   437  N  N     . ASP A 1 60  ? 4.385   9.230   3.396   1.00 28.72  ? 59  ASP A N     1 
ATOM   438  C  CA    . ASP A 1 60  ? 3.994   9.025   2.012   1.00 28.39  ? 59  ASP A CA    1 
ATOM   439  C  C     . ASP A 1 60  ? 5.241   9.141   1.119   1.00 36.34  ? 59  ASP A C     1 
ATOM   440  O  O     . ASP A 1 60  ? 6.156   9.916   1.427   1.00 38.40  ? 59  ASP A O     1 
ATOM   441  C  CB    . ASP A 1 60  ? 2.969   10.093  1.618   1.00 21.90  ? 59  ASP A CB    1 
ATOM   442  C  CG    . ASP A 1 60  ? 2.232   9.760   0.335   1.00 30.75  ? 59  ASP A CG    1 
ATOM   443  O  OD1   . ASP A 1 60  ? 2.539   8.711   -0.270  1.00 12.81  ? 59  ASP A OD1   1 
ATOM   444  O  OD2   . ASP A 1 60  ? 1.326   10.523  -0.077  1.00 22.05  ? 59  ASP A OD2   1 
ATOM   445  N  N     . THR A 1 61  ? 5.309   8.320   0.071   1.00 36.19  ? 60  THR A N     1 
ATOM   446  C  CA    . THR A 1 61  ? 6.446   8.358   -0.840  1.00 27.88  ? 60  THR A CA    1 
ATOM   447  C  C     . THR A 1 61  ? 6.022   8.453   -2.297  1.00 33.68  ? 60  THR A C     1 
ATOM   448  O  O     . THR A 1 61  ? 4.851   8.271   -2.643  1.00 31.39  ? 60  THR A O     1 
ATOM   449  C  CB    . THR A 1 61  ? 7.378   7.130   -0.701  1.00 26.14  ? 60  THR A CB    1 
ATOM   450  O  OG1   . THR A 1 61  ? 6.842   6.022   -1.438  1.00 23.86  ? 60  THR A OG1   1 
ATOM   451  C  CG2   . THR A 1 61  ? 7.592   6.740   0.765   1.00 26.47  ? 60  THR A CG2   1 
ATOM   452  N  N     . ALA A 1 62  ? 7.007   8.674   -3.161  1.00 34.96  ? 61  ALA A N     1 
ATOM   453  C  CA    . ALA A 1 62  ? 6.782   8.798   -4.589  1.00 30.25  ? 61  ALA A CA    1 
ATOM   454  C  C     . ALA A 1 62  ? 7.024   7.462   -5.270  1.00 32.13  ? 61  ALA A C     1 
ATOM   455  O  O     . ALA A 1 62  ? 7.898   6.685   -4.851  1.00 32.76  ? 61  ALA A O     1 
ATOM   456  C  CB    . ALA A 1 62  ? 7.707   9.832   -5.167  1.00 28.96  ? 61  ALA A CB    1 
ATOM   457  N  N     . GLY A 1 63  ? 6.222   7.194   -6.293  1.00 24.76  ? 62  GLY A N     1 
ATOM   458  C  CA    . GLY A 1 63  ? 6.370   5.965   -7.049  1.00 33.43  ? 62  GLY A CA    1 
ATOM   459  C  C     . GLY A 1 63  ? 7.130   6.221   -8.337  1.00 35.73  ? 62  GLY A C     1 
ATOM   460  O  O     . GLY A 1 63  ? 7.415   5.289   -9.085  1.00 32.87  ? 62  GLY A O     1 
ATOM   461  N  N     . GLN A 1 64  ? 7.423   7.490   -8.616  1.00 36.36  ? 63  GLN A N     1 
ATOM   462  C  CA    . GLN A 1 64  ? 8.151   7.860   -9.822  1.00 39.43  ? 63  GLN A CA    1 
ATOM   463  C  C     . GLN A 1 64  ? 9.634   7.542   -9.771  1.00 36.49  ? 63  GLN A C     1 
ATOM   464  O  O     . GLN A 1 64  ? 10.264  7.629   -8.713  1.00 36.78  ? 63  GLN A O     1 
ATOM   465  C  CB    . GLN A 1 64  ? 7.959   9.338   -10.136 1.00 40.41  ? 63  GLN A CB    1 
ATOM   466  C  CG    . GLN A 1 64  ? 6.639   9.640   -10.806 1.00 42.43  ? 63  GLN A CG    1 
ATOM   467  C  CD    . GLN A 1 64  ? 6.499   11.098  -11.169 1.00 50.79  ? 63  GLN A CD    1 
ATOM   468  O  OE1   . GLN A 1 64  ? 6.750   11.983  -10.349 1.00 51.69  ? 63  GLN A OE1   1 
ATOM   469  N  NE2   . GLN A 1 64  ? 6.084   11.359  -12.398 1.00 59.17  ? 63  GLN A NE2   1 
ATOM   470  N  N     . GLU A 1 65  ? 10.179  7.196   -10.935 1.00 41.39  ? 64  GLU A N     1 
ATOM   471  C  CA    . GLU A 1 65  ? 11.597  6.865   -11.095 1.00 38.46  ? 64  GLU A CA    1 
ATOM   472  C  C     . GLU A 1 65  ? 12.465  8.036   -10.670 1.00 32.55  ? 64  GLU A C     1 
ATOM   473  O  O     . GLU A 1 65  ? 13.418  7.888   -9.888  1.00 25.20  ? 64  GLU A O     1 
ATOM   474  C  CB    . GLU A 1 65  ? 11.891  6.554   -12.565 1.00 44.16  ? 64  GLU A CB    1 
ATOM   475  C  CG    . GLU A 1 65  ? 11.268  5.274   -13.085 1.00 64.44  ? 64  GLU A CG    1 
ATOM   476  C  CD    . GLU A 1 65  ? 12.062  4.033   -12.713 1.00 72.76  ? 64  GLU A CD    1 
ATOM   477  O  OE1   . GLU A 1 65  ? 12.484  3.894   -11.541 1.00 80.20  ? 64  GLU A OE1   1 
ATOM   478  O  OE2   . GLU A 1 65  ? 12.259  3.180   -13.606 1.00 74.09  ? 64  GLU A OE2   1 
ATOM   479  N  N     . ASP A 1 66  ? 12.082  9.217   -11.149 1.00 23.19  ? 65  ASP A N     1 
ATOM   480  C  CA    . ASP A 1 66  ? 12.787  10.461  -10.882 1.00 31.66  ? 65  ASP A CA    1 
ATOM   481  C  C     . ASP A 1 66  ? 13.127  10.675  -9.416  1.00 33.72  ? 65  ASP A C     1 
ATOM   482  O  O     . ASP A 1 66  ? 14.002  11.485  -9.093  1.00 41.67  ? 65  ASP A O     1 
ATOM   483  C  CB    . ASP A 1 66  ? 11.960  11.669  -11.356 1.00 37.32  ? 65  ASP A CB    1 
ATOM   484  C  CG    . ASP A 1 66  ? 11.352  11.471  -12.729 1.00 44.59  ? 65  ASP A CG    1 
ATOM   485  O  OD1   . ASP A 1 66  ? 12.103  11.199  -13.687 1.00 52.82  ? 65  ASP A OD1   1 
ATOM   486  O  OD2   . ASP A 1 66  ? 10.114  11.578  -12.847 1.00 49.70  ? 65  ASP A OD2   1 
ATOM   487  N  N     . TYR A 1 67  ? 12.439  9.974   -8.518  1.00 30.85  ? 66  TYR A N     1 
ATOM   488  C  CA    . TYR A 1 67  ? 12.680  10.180  -7.103  1.00 29.49  ? 66  TYR A CA    1 
ATOM   489  C  C     . TYR A 1 67  ? 13.370  9.059   -6.341  1.00 27.84  ? 66  TYR A C     1 
ATOM   490  O  O     . TYR A 1 67  ? 13.536  9.143   -5.118  1.00 30.50  ? 66  TYR A O     1 
ATOM   491  C  CB    . TYR A 1 67  ? 11.370  10.594  -6.426  1.00 34.69  ? 66  TYR A CB    1 
ATOM   492  C  CG    . TYR A 1 67  ? 10.741  11.822  -7.061  1.00 32.08  ? 66  TYR A CG    1 
ATOM   493  C  CD1   . TYR A 1 67  ? 11.081  13.111  -6.635  1.00 31.36  ? 66  TYR A CD1   1 
ATOM   494  C  CD2   . TYR A 1 67  ? 9.841   11.702  -8.117  1.00 28.46  ? 66  TYR A CD2   1 
ATOM   495  C  CE1   . TYR A 1 67  ? 10.536  14.246  -7.241  1.00 32.98  ? 66  TYR A CE1   1 
ATOM   496  C  CE2   . TYR A 1 67  ? 9.293   12.830  -8.735  1.00 38.32  ? 66  TYR A CE2   1 
ATOM   497  C  CZ    . TYR A 1 67  ? 9.645   14.098  -8.296  1.00 36.11  ? 66  TYR A CZ    1 
ATOM   498  O  OH    . TYR A 1 67  ? 9.128   15.209  -8.936  1.00 35.89  ? 66  TYR A OH    1 
ATOM   499  N  N     . ASP A 1 68  ? 13.847  8.056   -7.075  1.00 21.11  ? 67  ASP A N     1 
ATOM   500  C  CA    . ASP A 1 68  ? 14.527  6.911   -6.475  1.00 25.29  ? 67  ASP A CA    1 
ATOM   501  C  C     . ASP A 1 68  ? 15.601  7.278   -5.437  1.00 34.72  ? 67  ASP A C     1 
ATOM   502  O  O     . ASP A 1 68  ? 15.793  6.560   -4.452  1.00 36.92  ? 67  ASP A O     1 
ATOM   503  C  CB    . ASP A 1 68  ? 15.142  6.036   -7.575  1.00 16.60  ? 67  ASP A CB    1 
ATOM   504  C  CG    . ASP A 1 68  ? 14.095  5.243   -8.358  1.00 32.97  ? 67  ASP A CG    1 
ATOM   505  O  OD1   . ASP A 1 68  ? 12.887  5.565   -8.300  1.00 43.72  ? 67  ASP A OD1   1 
ATOM   506  O  OD2   . ASP A 1 68  ? 14.465  4.247   -9.009  1.00 28.22  ? 67  ASP A OD2   1 
ATOM   507  N  N     . ARG A 1 69  ? 16.273  8.405   -5.643  1.00 38.69  ? 68  ARG A N     1 
ATOM   508  C  CA    . ARG A 1 69  ? 17.331  8.837   -4.733  1.00 46.42  ? 68  ARG A CA    1 
ATOM   509  C  C     . ARG A 1 69  ? 16.870  9.382   -3.387  1.00 50.91  ? 68  ARG A C     1 
ATOM   510  O  O     . ARG A 1 69  ? 17.570  9.215   -2.386  1.00 52.42  ? 68  ARG A O     1 
ATOM   511  C  CB    . ARG A 1 69  ? 18.232  9.873   -5.405  1.00 52.66  ? 68  ARG A CB    1 
ATOM   512  C  CG    . ARG A 1 69  ? 19.595  9.338   -5.832  1.00 71.46  ? 68  ARG A CG    1 
ATOM   513  C  CD    . ARG A 1 69  ? 19.527  8.483   -7.105  1.00 81.26  ? 68  ARG A CD    1 
ATOM   514  N  NE    . ARG A 1 69  ? 18.946  9.235   -8.218  1.00 88.69  ? 68  ARG A NE    1 
ATOM   515  C  CZ    . ARG A 1 69  ? 19.586  10.141  -8.953  1.00 89.60  ? 68  ARG A CZ    1 
ATOM   516  N  NH1   . ARG A 1 69  ? 20.845  10.440  -8.712  1.00 87.21  ? 68  ARG A NH1   1 
ATOM   517  N  NH2   . ARG A 1 69  ? 18.964  10.800  -9.896  1.00 91.32  ? 68  ARG A NH2   1 
ATOM   518  N  N     . LEU A 1 70  ? 15.731  10.071  -3.362  1.00 50.23  ? 69  LEU A N     1 
ATOM   519  C  CA    . LEU A 1 70  ? 15.241  10.642  -2.110  1.00 49.09  ? 69  LEU A CA    1 
ATOM   520  C  C     . LEU A 1 70  ? 14.337  9.724   -1.303  1.00 46.46  ? 69  LEU A C     1 
ATOM   521  O  O     . LEU A 1 70  ? 14.277  9.836   -0.076  1.00 52.61  ? 69  LEU A O     1 
ATOM   522  C  CB    . LEU A 1 70  ? 14.552  11.986  -2.331  1.00 50.41  ? 69  LEU A CB    1 
ATOM   523  C  CG    . LEU A 1 70  ? 13.379  12.055  -3.298  1.00 51.78  ? 69  LEU A CG    1 
ATOM   524  C  CD1   . LEU A 1 70  ? 12.410  13.147  -2.852  1.00 51.97  ? 69  LEU A CD1   1 
ATOM   525  C  CD2   . LEU A 1 70  ? 13.906  12.317  -4.697  1.00 56.03  ? 69  LEU A CD2   1 
ATOM   526  N  N     . ARG A 1 71  ? 13.643  8.822   -1.980  1.00 35.16  ? 70  ARG A N     1 
ATOM   527  C  CA    . ARG A 1 71  ? 12.754  7.884   -1.305  1.00 32.83  ? 70  ARG A CA    1 
ATOM   528  C  C     . ARG A 1 71  ? 13.416  7.148   -0.129  1.00 34.69  ? 70  ARG A C     1 
ATOM   529  O  O     . ARG A 1 71  ? 12.809  6.999   0.926   1.00 33.35  ? 70  ARG A O     1 
ATOM   530  C  CB    . ARG A 1 71  ? 12.175  6.902   -2.326  1.00 30.49  ? 70  ARG A CB    1 
ATOM   531  C  CG    . ARG A 1 71  ? 11.288  5.817   -1.780  1.00 21.04  ? 70  ARG A CG    1 
ATOM   532  C  CD    . ARG A 1 71  ? 10.483  5.204   -2.912  1.00 23.32  ? 70  ARG A CD    1 
ATOM   533  N  NE    . ARG A 1 71  ? 11.322  4.547   -3.903  1.00 31.45  ? 70  ARG A NE    1 
ATOM   534  C  CZ    . ARG A 1 71  ? 11.428  4.917   -5.178  1.00 34.07  ? 70  ARG A CZ    1 
ATOM   535  N  NH1   . ARG A 1 71  ? 10.752  5.950   -5.649  1.00 18.81  ? 70  ARG A NH1   1 
ATOM   536  N  NH2   . ARG A 1 71  ? 12.187  4.198   -5.988  1.00 34.64  ? 70  ARG A NH2   1 
ATOM   537  N  N     . PRO A 1 72  ? 14.687  6.711   -0.285  1.00 36.54  ? 71  PRO A N     1 
ATOM   538  C  CA    . PRO A 1 72  ? 15.393  5.999   0.786   1.00 37.86  ? 71  PRO A CA    1 
ATOM   539  C  C     . PRO A 1 72  ? 15.673  6.797   2.059   1.00 39.60  ? 71  PRO A C     1 
ATOM   540  O  O     . PRO A 1 72  ? 16.226  6.263   3.019   1.00 39.15  ? 71  PRO A O     1 
ATOM   541  C  CB    . PRO A 1 72  ? 16.696  5.583   0.112   1.00 37.93  ? 71  PRO A CB    1 
ATOM   542  C  CG    . PRO A 1 72  ? 16.286  5.385   -1.311  1.00 39.48  ? 71  PRO A CG    1 
ATOM   543  C  CD    . PRO A 1 72  ? 15.441  6.599   -1.548  1.00 37.10  ? 71  PRO A CD    1 
ATOM   544  N  N     . LEU A 1 73  ? 15.304  8.071   2.064   1.00 43.89  ? 72  LEU A N     1 
ATOM   545  C  CA    . LEU A 1 73  ? 15.525  8.918   3.232   1.00 52.30  ? 72  LEU A CA    1 
ATOM   546  C  C     . LEU A 1 73  ? 14.429  8.785   4.291   1.00 53.88  ? 72  LEU A C     1 
ATOM   547  O  O     . LEU A 1 73  ? 14.584  9.235   5.428   1.00 53.62  ? 72  LEU A O     1 
ATOM   548  C  CB    . LEU A 1 73  ? 15.667  10.376  2.804   1.00 55.05  ? 72  LEU A CB    1 
ATOM   549  C  CG    . LEU A 1 73  ? 16.938  10.627  1.992   1.00 64.01  ? 72  LEU A CG    1 
ATOM   550  C  CD1   . LEU A 1 73  ? 16.934  12.035  1.410   1.00 64.40  ? 72  LEU A CD1   1 
ATOM   551  C  CD2   . LEU A 1 73  ? 18.158  10.391  2.879   1.00 61.41  ? 72  LEU A CD2   1 
ATOM   552  N  N     . SER A 1 74  ? 13.331  8.136   3.920   1.00 50.77  ? 73  SER A N     1 
ATOM   553  C  CA    . SER A 1 74  ? 12.224  7.951   4.843   1.00 43.02  ? 73  SER A CA    1 
ATOM   554  C  C     . SER A 1 74  ? 12.293  6.601   5.557   1.00 41.64  ? 73  SER A C     1 
ATOM   555  O  O     . SER A 1 74  ? 11.750  6.444   6.660   1.00 40.09  ? 73  SER A O     1 
ATOM   556  C  CB    . SER A 1 74  ? 10.904  8.120   4.092   1.00 37.82  ? 73  SER A CB    1 
ATOM   557  O  OG    . SER A 1 74  ? 10.940  7.416   2.870   1.00 40.08  ? 73  SER A OG    1 
ATOM   558  N  N     . TYR A 1 75  ? 13.053  5.669   4.990   1.00 36.31  ? 74  TYR A N     1 
ATOM   559  C  CA    . TYR A 1 75  ? 13.215  4.328   5.564   1.00 40.13  ? 74  TYR A CA    1 
ATOM   560  C  C     . TYR A 1 75  ? 13.891  4.174   6.949   1.00 43.07  ? 74  TYR A C     1 
ATOM   561  O  O     . TYR A 1 75  ? 13.642  3.185   7.639   1.00 41.12  ? 74  TYR A O     1 
ATOM   562  C  CB    . TYR A 1 75  ? 13.927  3.394   4.577   1.00 37.35  ? 74  TYR A CB    1 
ATOM   563  C  CG    . TYR A 1 75  ? 13.245  3.208   3.236   1.00 39.58  ? 74  TYR A CG    1 
ATOM   564  C  CD1   . TYR A 1 75  ? 11.863  3.056   3.138   1.00 41.07  ? 74  TYR A CD1   1 
ATOM   565  C  CD2   . TYR A 1 75  ? 13.992  3.162   2.063   1.00 39.95  ? 74  TYR A CD2   1 
ATOM   566  C  CE1   . TYR A 1 75  ? 11.244  2.866   1.895   1.00 35.75  ? 74  TYR A CE1   1 
ATOM   567  C  CE2   . TYR A 1 75  ? 13.387  2.970   0.822   1.00 39.88  ? 74  TYR A CE2   1 
ATOM   568  C  CZ    . TYR A 1 75  ? 12.016  2.818   0.744   1.00 37.79  ? 74  TYR A CZ    1 
ATOM   569  O  OH    . TYR A 1 75  ? 11.421  2.614   -0.483  1.00 26.17  ? 74  TYR A OH    1 
ATOM   570  N  N     . PRO A 1 76  ? 14.756  5.124   7.368   1.00 41.95  ? 75  PRO A N     1 
ATOM   571  C  CA    . PRO A 1 76  ? 15.453  5.067   8.657   1.00 46.87  ? 75  PRO A CA    1 
ATOM   572  C  C     . PRO A 1 76  ? 14.900  4.253   9.829   1.00 50.42  ? 75  PRO A C     1 
ATOM   573  O  O     . PRO A 1 76  ? 15.385  3.149   10.074  1.00 58.60  ? 75  PRO A O     1 
ATOM   574  C  CB    . PRO A 1 76  ? 15.614  6.535   8.992   1.00 48.65  ? 75  PRO A CB    1 
ATOM   575  C  CG    . PRO A 1 76  ? 16.043  7.073   7.671   1.00 43.44  ? 75  PRO A CG    1 
ATOM   576  C  CD    . PRO A 1 76  ? 15.182  6.337   6.645   1.00 39.47  ? 75  PRO A CD    1 
ATOM   577  N  N     . ASP A 1 77  ? 13.905  4.768   10.550  1.00 52.02  ? 76  ASP A N     1 
ATOM   578  C  CA    . ASP A 1 77  ? 13.365  4.041   11.711  1.00 57.22  ? 76  ASP A CA    1 
ATOM   579  C  C     . ASP A 1 77  ? 11.937  3.511   11.525  1.00 57.23  ? 76  ASP A C     1 
ATOM   580  O  O     . ASP A 1 77  ? 11.068  3.703   12.377  1.00 57.70  ? 76  ASP A O     1 
ATOM   581  C  CB    . ASP A 1 77  ? 13.441  4.918   12.981  1.00 60.36  ? 76  ASP A CB    1 
ATOM   582  C  CG    . ASP A 1 77  ? 14.870  5.225   13.412  1.00 63.16  ? 76  ASP A CG    1 
ATOM   583  O  OD1   . ASP A 1 77  ? 15.587  4.298   13.846  1.00 58.94  ? 76  ASP A OD1   1 
ATOM   584  O  OD2   . ASP A 1 77  ? 15.269  6.407   13.330  1.00 63.54  ? 76  ASP A OD2   1 
ATOM   585  N  N     . THR A 1 78  ? 11.693  2.850   10.398  1.00 52.78  ? 77  THR A N     1 
ATOM   586  C  CA    . THR A 1 78  ? 10.382  2.304   10.075  1.00 50.14  ? 77  THR A CA    1 
ATOM   587  C  C     . THR A 1 78  ? 9.989   1.062   10.882  1.00 50.56  ? 77  THR A C     1 
ATOM   588  O  O     . THR A 1 78  ? 10.785  0.131   11.027  1.00 55.95  ? 77  THR A O     1 
ATOM   589  C  CB    . THR A 1 78  ? 10.293  2.021   8.560   1.00 47.86  ? 77  THR A CB    1 
ATOM   590  O  OG1   . THR A 1 78  ? 10.192  3.268   7.858   1.00 46.71  ? 77  THR A OG1   1 
ATOM   591  C  CG2   . THR A 1 78  ? 9.097   1.154   8.223   1.00 50.56  ? 77  THR A CG2   1 
ATOM   592  N  N     . ASP A 1 79  ? 8.741   1.037   11.358  1.00 50.03  ? 78  ASP A N     1 
ATOM   593  C  CA    . ASP A 1 79  ? 8.222   -0.086  12.145  1.00 45.70  ? 78  ASP A CA    1 
ATOM   594  C  C     . ASP A 1 79  ? 7.441   -1.085  11.290  1.00 39.90  ? 78  ASP A C     1 
ATOM   595  O  O     . ASP A 1 79  ? 7.498   -2.297  11.528  1.00 48.24  ? 78  ASP A O     1 
ATOM   596  C  CB    . ASP A 1 79  ? 7.347   0.406   13.307  1.00 47.71  ? 78  ASP A CB    1 
ATOM   597  C  CG    . ASP A 1 79  ? 8.134   1.194   14.340  1.00 50.54  ? 78  ASP A CG    1 
ATOM   598  O  OD1   . ASP A 1 79  ? 8.852   0.567   15.154  1.00 46.20  ? 78  ASP A OD1   1 
ATOM   599  O  OD2   . ASP A 1 79  ? 8.018   2.439   14.348  1.00 47.57  ? 78  ASP A OD2   1 
ATOM   600  N  N     . VAL A 1 80  ? 6.715   -0.593  10.296  1.00 25.36  ? 79  VAL A N     1 
ATOM   601  C  CA    . VAL A 1 80  ? 5.964   -1.480  9.409   1.00 24.39  ? 79  VAL A CA    1 
ATOM   602  C  C     . VAL A 1 80  ? 5.841   -0.822  8.035   1.00 25.34  ? 79  VAL A C     1 
ATOM   603  O  O     . VAL A 1 80  ? 5.881   0.410   7.926   1.00 25.92  ? 79  VAL A O     1 
ATOM   604  C  CB    . VAL A 1 80  ? 4.564   -1.822  9.998   1.00 23.14  ? 79  VAL A CB    1 
ATOM   605  C  CG1   . VAL A 1 80  ? 3.725   -0.569  10.169  1.00 23.33  ? 79  VAL A CG1   1 
ATOM   606  C  CG2   . VAL A 1 80  ? 3.844   -2.835  9.121   1.00 24.42  ? 79  VAL A CG2   1 
ATOM   607  N  N     . ILE A 1 81  ? 5.702   -1.634  6.990   1.00 26.83  ? 80  ILE A N     1 
ATOM   608  C  CA    . ILE A 1 81  ? 5.607   -1.135  5.619   1.00 24.69  ? 80  ILE A CA    1 
ATOM   609  C  C     . ILE A 1 81  ? 4.412   -1.720  4.882   1.00 21.63  ? 80  ILE A C     1 
ATOM   610  O  O     . ILE A 1 81  ? 4.136   -2.914  4.992   1.00 32.86  ? 80  ILE A O     1 
ATOM   611  C  CB    . ILE A 1 81  ? 6.905   -1.509  4.815   1.00 30.94  ? 80  ILE A CB    1 
ATOM   612  C  CG1   . ILE A 1 81  ? 8.097   -0.705  5.333   1.00 25.76  ? 80  ILE A CG1   1 
ATOM   613  C  CG2   . ILE A 1 81  ? 6.720   -1.285  3.298   1.00 24.50  ? 80  ILE A CG2   1 
ATOM   614  C  CD1   . ILE A 1 81  ? 9.417   -1.137  4.752   1.00 41.89  ? 80  ILE A CD1   1 
ATOM   615  N  N     . LEU A 1 82  ? 3.717   -0.878  4.122   1.00 23.42  ? 81  LEU A N     1 
ATOM   616  C  CA    . LEU A 1 82  ? 2.568   -1.299  3.318   1.00 28.66  ? 81  LEU A CA    1 
ATOM   617  C  C     . LEU A 1 82  ? 3.006   -1.255  1.854   1.00 33.63  ? 81  LEU A C     1 
ATOM   618  O  O     . LEU A 1 82  ? 3.158   -0.172  1.282   1.00 43.51  ? 81  LEU A O     1 
ATOM   619  C  CB    . LEU A 1 82  ? 1.388   -0.332  3.508   1.00 34.14  ? 81  LEU A CB    1 
ATOM   620  C  CG    . LEU A 1 82  ? 0.696   -0.224  4.870   1.00 27.56  ? 81  LEU A CG    1 
ATOM   621  C  CD1   . LEU A 1 82  ? -0.314  0.914   4.845   1.00 36.35  ? 81  LEU A CD1   1 
ATOM   622  C  CD2   . LEU A 1 82  ? 0.018   -1.539  5.216   1.00 35.30  ? 81  LEU A CD2   1 
ATOM   623  N  N     . MET A 1 83  ? 3.255   -2.420  1.261   1.00 32.44  ? 82  MET A N     1 
ATOM   624  C  CA    . MET A 1 83  ? 3.695   -2.506  -0.132  1.00 21.57  ? 82  MET A CA    1 
ATOM   625  C  C     . MET A 1 83  ? 2.464   -2.665  -1.009  1.00 18.73  ? 82  MET A C     1 
ATOM   626  O  O     . MET A 1 83  ? 1.892   -3.743  -1.073  1.00 23.92  ? 82  MET A O     1 
ATOM   627  C  CB    . MET A 1 83  ? 4.617   -3.716  -0.290  1.00 25.55  ? 82  MET A CB    1 
ATOM   628  C  CG    . MET A 1 83  ? 5.810   -3.519  -1.221  1.00 29.34  ? 82  MET A CG    1 
ATOM   629  S  SD    . MET A 1 83  ? 6.790   -5.032  -1.424  1.00 32.01  ? 82  MET A SD    1 
ATOM   630  C  CE    . MET A 1 83  ? 7.882   -4.942  0.047   1.00 11.08  ? 82  MET A CE    1 
ATOM   631  N  N     . CYS A 1 84  ? 2.068   -1.597  -1.689  1.00 20.41  ? 83  CYS A N     1 
ATOM   632  C  CA    . CYS A 1 84  ? 0.868   -1.607  -2.525  1.00 21.40  ? 83  CYS A CA    1 
ATOM   633  C  C     . CYS A 1 84  ? 1.009   -1.803  -4.028  1.00 21.58  ? 83  CYS A C     1 
ATOM   634  O  O     . CYS A 1 84  ? 2.032   -1.477  -4.636  1.00 23.71  ? 83  CYS A O     1 
ATOM   635  C  CB    . CYS A 1 84  ? 0.088   -0.303  -2.320  1.00 19.80  ? 83  CYS A CB    1 
ATOM   636  S  SG    . CYS A 1 84  ? -0.020  0.294   -0.630  1.00 26.39  ? 83  CYS A SG    1 
ATOM   637  N  N     . PHE A 1 85  ? -0.099  -2.244  -4.617  1.00 23.24  ? 84  PHE A N     1 
ATOM   638  C  CA    . PHE A 1 85  ? -0.242  -2.432  -6.057  1.00 26.95  ? 84  PHE A CA    1 
ATOM   639  C  C     . PHE A 1 85  ? -1.706  -2.160  -6.429  1.00 32.41  ? 84  PHE A C     1 
ATOM   640  O  O     . PHE A 1 85  ? -2.532  -1.911  -5.547  1.00 25.15  ? 84  PHE A O     1 
ATOM   641  C  CB    . PHE A 1 85  ? 0.201   -3.820  -6.503  1.00 27.09  ? 84  PHE A CB    1 
ATOM   642  C  CG    . PHE A 1 85  ? -0.734  -4.920  -6.129  1.00 23.68  ? 84  PHE A CG    1 
ATOM   643  C  CD1   . PHE A 1 85  ? -0.574  -5.605  -4.924  1.00 24.89  ? 84  PHE A CD1   1 
ATOM   644  C  CD2   . PHE A 1 85  ? -1.719  -5.348  -7.026  1.00 19.86  ? 84  PHE A CD2   1 
ATOM   645  C  CE1   . PHE A 1 85  ? -1.379  -6.710  -4.614  1.00 20.96  ? 84  PHE A CE1   1 
ATOM   646  C  CE2   . PHE A 1 85  ? -2.529  -6.448  -6.727  1.00 15.95  ? 84  PHE A CE2   1 
ATOM   647  C  CZ    . PHE A 1 85  ? -2.354  -7.132  -5.517  1.00 12.26  ? 84  PHE A CZ    1 
ATOM   648  N  N     . SER A 1 86  ? -2.019  -2.176  -7.719  1.00 32.39  ? 85  SER A N     1 
ATOM   649  C  CA    . SER A 1 86  ? -3.375  -1.898  -8.183  1.00 25.38  ? 85  SER A CA    1 
ATOM   650  C  C     . SER A 1 86  ? -4.057  -3.101  -8.815  1.00 29.79  ? 85  SER A C     1 
ATOM   651  O  O     . SER A 1 86  ? -3.433  -3.871  -9.544  1.00 32.73  ? 85  SER A O     1 
ATOM   652  C  CB    . SER A 1 86  ? -3.351  -0.748  -9.172  1.00 22.82  ? 85  SER A CB    1 
ATOM   653  O  OG    . SER A 1 86  ? -4.659  -0.296  -9.430  1.00 31.90  ? 85  SER A OG    1 
ATOM   654  N  N     . ILE A 1 87  ? -5.355  -3.235  -8.572  1.00 30.56  ? 86  ILE A N     1 
ATOM   655  C  CA    . ILE A 1 87  ? -6.106  -4.368  -9.097  1.00 28.06  ? 86  ILE A CA    1 
ATOM   656  C  C     . ILE A 1 87  ? -6.392  -4.277  -10.595 1.00 28.27  ? 86  ILE A C     1 
ATOM   657  O  O     . ILE A 1 87  ? -6.481  -5.309  -11.272 1.00 22.20  ? 86  ILE A O     1 
ATOM   658  C  CB    . ILE A 1 87  ? -7.386  -4.641  -8.239  1.00 23.61  ? 86  ILE A CB    1 
ATOM   659  C  CG1   . ILE A 1 87  ? -6.966  -4.988  -6.805  1.00 19.48  ? 86  ILE A CG1   1 
ATOM   660  C  CG2   . ILE A 1 87  ? -8.164  -5.827  -8.780  1.00 23.97  ? 86  ILE A CG2   1 
ATOM   661  C  CD1   . ILE A 1 87  ? -8.071  -5.557  -5.956  1.00 36.56  ? 86  ILE A CD1   1 
ATOM   662  N  N     . ASP A 1 88  ? -6.486  -3.058  -11.120 1.00 21.51  ? 87  ASP A N     1 
ATOM   663  C  CA    . ASP A 1 88  ? -6.735  -2.874  -12.550 1.00 28.92  ? 87  ASP A CA    1 
ATOM   664  C  C     . ASP A 1 88  ? -5.453  -3.002  -13.366 1.00 28.38  ? 87  ASP A C     1 
ATOM   665  O  O     . ASP A 1 88  ? -5.507  -3.211  -14.573 1.00 30.31  ? 87  ASP A O     1 
ATOM   666  C  CB    . ASP A 1 88  ? -7.395  -1.519  -12.853 1.00 26.46  ? 87  ASP A CB    1 
ATOM   667  C  CG    . ASP A 1 88  ? -6.535  -0.325  -12.456 1.00 33.26  ? 87  ASP A CG    1 
ATOM   668  O  OD1   . ASP A 1 88  ? -5.480  -0.497  -11.810 1.00 36.08  ? 87  ASP A OD1   1 
ATOM   669  O  OD2   . ASP A 1 88  ? -6.933  0.814   -12.771 1.00 39.28  ? 87  ASP A OD2   1 
ATOM   670  N  N     . SER A 1 89  ? -4.308  -2.911  -12.694 1.00 31.16  ? 88  SER A N     1 
ATOM   671  C  CA    . SER A 1 89  ? -3.015  -2.997  -13.368 1.00 28.20  ? 88  SER A CA    1 
ATOM   672  C  C     . SER A 1 89  ? -2.180  -4.193  -12.927 1.00 23.40  ? 88  SER A C     1 
ATOM   673  O  O     . SER A 1 89  ? -1.469  -4.116  -11.924 1.00 15.74  ? 88  SER A O     1 
ATOM   674  C  CB    . SER A 1 89  ? -2.209  -1.719  -13.144 1.00 35.43  ? 88  SER A CB    1 
ATOM   675  O  OG    . SER A 1 89  ? -0.897  -1.843  -13.671 1.00 42.94  ? 88  SER A OG    1 
ATOM   676  N  N     . PRO A 1 90  ? -2.221  -5.296  -13.697 1.00 19.82  ? 89  PRO A N     1 
ATOM   677  C  CA    . PRO A 1 90  ? -1.475  -6.529  -13.423 1.00 22.58  ? 89  PRO A CA    1 
ATOM   678  C  C     . PRO A 1 90  ? 0.047   -6.328  -13.408 1.00 28.07  ? 89  PRO A C     1 
ATOM   679  O  O     . PRO A 1 90  ? 0.775   -7.072  -12.736 1.00 28.78  ? 89  PRO A O     1 
ATOM   680  C  CB    . PRO A 1 90  ? -1.886  -7.436  -14.580 1.00 12.02  ? 89  PRO A CB    1 
ATOM   681  C  CG    . PRO A 1 90  ? -3.264  -6.998  -14.879 1.00 21.82  ? 89  PRO A CG    1 
ATOM   682  C  CD    . PRO A 1 90  ? -3.138  -5.493  -14.832 1.00 16.06  ? 89  PRO A CD    1 
ATOM   683  N  N     . ASP A 1 91  ? 0.536   -5.337  -14.142 1.00 24.75  ? 90  ASP A N     1 
ATOM   684  C  CA    . ASP A 1 91  ? 1.968   -5.101  -14.165 1.00 24.67  ? 90  ASP A CA    1 
ATOM   685  C  C     . ASP A 1 91  ? 2.483   -4.619  -12.816 1.00 23.28  ? 90  ASP A C     1 
ATOM   686  O  O     . ASP A 1 91  ? 3.550   -5.052  -12.371 1.00 26.92  ? 90  ASP A O     1 
ATOM   687  C  CB    . ASP A 1 91  ? 2.367   -4.127  -15.268 1.00 38.07  ? 90  ASP A CB    1 
ATOM   688  C  CG    . ASP A 1 91  ? 3.877   -4.055  -15.445 1.00 49.73  ? 90  ASP A CG    1 
ATOM   689  O  OD1   . ASP A 1 91  ? 4.470   -5.097  -15.801 1.00 49.14  ? 90  ASP A OD1   1 
ATOM   690  O  OD2   . ASP A 1 91  ? 4.465   -2.970  -15.215 1.00 50.30  ? 90  ASP A OD2   1 
ATOM   691  N  N     . SER A 1 92  ? 1.705   -3.780  -12.131 1.00 18.18  ? 91  SER A N     1 
ATOM   692  C  CA    . SER A 1 92  ? 2.101   -3.260  -10.819 1.00 5.57   ? 91  SER A CA    1 
ATOM   693  C  C     . SER A 1 92  ? 2.269   -4.389  -9.790  1.00 12.17  ? 91  SER A C     1 
ATOM   694  O  O     . SER A 1 92  ? 2.918   -4.232  -8.752  1.00 6.08   ? 91  SER A O     1 
ATOM   695  C  CB    . SER A 1 92  ? 1.108   -2.201  -10.318 1.00 20.84  ? 91  SER A CB    1 
ATOM   696  O  OG    . SER A 1 92  ? -0.239  -2.633  -10.395 1.00 21.07  ? 91  SER A OG    1 
ATOM   697  N  N     . LEU A 1 93  ? 1.678   -5.539  -10.096 1.00 7.65   ? 92  LEU A N     1 
ATOM   698  C  CA    . LEU A 1 93  ? 1.804   -6.691  -9.218  1.00 18.54  ? 92  LEU A CA    1 
ATOM   699  C  C     . LEU A 1 93  ? 3.119   -7.382  -9.601  1.00 22.97  ? 92  LEU A C     1 
ATOM   700  O  O     . LEU A 1 93  ? 3.858   -7.846  -8.732  1.00 17.20  ? 92  LEU A O     1 
ATOM   701  C  CB    . LEU A 1 93  ? 0.590   -7.625  -9.374  1.00 17.04  ? 92  LEU A CB    1 
ATOM   702  C  CG    . LEU A 1 93  ? 0.432   -8.881  -8.500  1.00 14.68  ? 92  LEU A CG    1 
ATOM   703  C  CD1   . LEU A 1 93  ? 1.112   -10.064 -9.154  1.00 31.81  ? 92  LEU A CD1   1 
ATOM   704  C  CD2   . LEU A 1 93  ? 0.947   -8.657  -7.083  1.00 6.63   ? 92  LEU A CD2   1 
ATOM   705  N  N     . GLU A 1 94  ? 3.437   -7.391  -10.897 1.00 25.25  ? 93  GLU A N     1 
ATOM   706  C  CA    . GLU A 1 94  ? 4.679   -8.001  -11.370 1.00 23.86  ? 93  GLU A CA    1 
ATOM   707  C  C     . GLU A 1 94  ? 5.895   -7.276  -10.813 1.00 20.11  ? 93  GLU A C     1 
ATOM   708  O  O     . GLU A 1 94  ? 6.849   -7.915  -10.368 1.00 21.16  ? 93  GLU A O     1 
ATOM   709  C  CB    . GLU A 1 94  ? 4.756   -8.013  -12.898 1.00 27.53  ? 93  GLU A CB    1 
ATOM   710  C  CG    . GLU A 1 94  ? 4.250   -9.288  -13.545 1.00 42.37  ? 93  GLU A CG    1 
ATOM   711  C  CD    . GLU A 1 94  ? 4.980   -10.536 -13.068 1.00 54.22  ? 93  GLU A CD    1 
ATOM   712  O  OE1   . GLU A 1 94  ? 6.087   -10.417 -12.483 1.00 59.36  ? 93  GLU A OE1   1 
ATOM   713  O  OE2   . GLU A 1 94  ? 4.435   -11.644 -13.289 1.00 59.33  ? 93  GLU A OE2   1 
ATOM   714  N  N     . ASN A 1 95  ? 5.799   -5.949  -10.726 1.00 12.42  ? 94  ASN A N     1 
ATOM   715  C  CA    . ASN A 1 95  ? 6.905   -5.135  -10.218 1.00 10.05  ? 94  ASN A CA    1 
ATOM   716  C  C     . ASN A 1 95  ? 7.067   -5.239  -8.703  1.00 13.90  ? 94  ASN A C     1 
ATOM   717  O  O     . ASN A 1 95  ? 7.835   -4.485  -8.094  1.00 21.83  ? 94  ASN A O     1 
ATOM   718  C  CB    . ASN A 1 95  ? 6.725   -3.661  -10.615 1.00 7.95   ? 94  ASN A CB    1 
ATOM   719  C  CG    . ASN A 1 95  ? 6.731   -3.435  -12.131 1.00 19.75  ? 94  ASN A CG    1 
ATOM   720  O  OD1   . ASN A 1 95  ? 7.245   -4.253  -12.902 1.00 22.89  ? 94  ASN A OD1   1 
ATOM   721  N  ND2   . ASN A 1 95  ? 6.144   -2.324  -12.562 1.00 15.88  ? 94  ASN A ND2   1 
ATOM   722  N  N     . ILE A 1 96  ? 6.341   -6.143  -8.062  1.00 11.40  ? 95  ILE A N     1 
ATOM   723  C  CA    . ILE A 1 96  ? 6.491   -6.252  -6.621  1.00 16.51  ? 95  ILE A CA    1 
ATOM   724  C  C     . ILE A 1 96  ? 7.822   -6.923  -6.310  1.00 18.05  ? 95  ILE A C     1 
ATOM   725  O  O     . ILE A 1 96  ? 8.657   -6.339  -5.612  1.00 20.06  ? 95  ILE A O     1 
ATOM   726  C  CB    . ILE A 1 96  ? 5.275   -6.935  -5.931  1.00 14.84  ? 95  ILE A CB    1 
ATOM   727  C  CG1   . ILE A 1 96  ? 4.031   -6.044  -6.070  1.00 8.92   ? 95  ILE A CG1   1 
ATOM   728  C  CG2   . ILE A 1 96  ? 5.566   -7.149  -4.445  1.00 12.52  ? 95  ILE A CG2   1 
ATOM   729  C  CD1   . ILE A 1 96  ? 4.147   -4.687  -5.341  1.00 6.64   ? 95  ILE A CD1   1 
ATOM   730  N  N     . PRO A 1 97  ? 8.065   -8.130  -6.858  1.00 21.18  ? 96  PRO A N     1 
ATOM   731  C  CA    . PRO A 1 97  ? 9.350   -8.780  -6.574  1.00 23.76  ? 96  PRO A CA    1 
ATOM   732  C  C     . PRO A 1 97  ? 10.509  -8.134  -7.360  1.00 31.32  ? 96  PRO A C     1 
ATOM   733  O  O     . PRO A 1 97  ? 11.659  -8.164  -6.906  1.00 32.19  ? 96  PRO A O     1 
ATOM   734  C  CB    . PRO A 1 97  ? 9.098   -10.228 -6.983  1.00 17.36  ? 96  PRO A CB    1 
ATOM   735  C  CG    . PRO A 1 97  ? 8.114   -10.091 -8.125  1.00 24.80  ? 96  PRO A CG    1 
ATOM   736  C  CD    . PRO A 1 97  ? 7.169   -9.038  -7.606  1.00 21.14  ? 96  PRO A CD    1 
ATOM   737  N  N     . GLU A 1 98  ? 10.192  -7.512  -8.499  1.00 27.31  ? 97  GLU A N     1 
ATOM   738  C  CA    . GLU A 1 98  ? 11.188  -6.839  -9.342  1.00 25.54  ? 97  GLU A CA    1 
ATOM   739  C  C     . GLU A 1 98  ? 11.857  -5.626  -8.696  1.00 29.44  ? 97  GLU A C     1 
ATOM   740  O  O     . GLU A 1 98  ? 13.059  -5.629  -8.426  1.00 33.09  ? 97  GLU A O     1 
ATOM   741  C  CB    . GLU A 1 98  ? 10.566  -6.341  -10.641 1.00 9.19   ? 97  GLU A CB    1 
ATOM   742  C  CG    . GLU A 1 98  ? 10.172  -7.401  -11.643 1.00 2.00   ? 97  GLU A CG    1 
ATOM   743  C  CD    . GLU A 1 98  ? 9.597   -6.797  -12.924 1.00 14.69  ? 97  GLU A CD    1 
ATOM   744  O  OE1   . GLU A 1 98  ? 9.596   -5.530  -13.067 1.00 6.78   ? 97  GLU A OE1   1 
ATOM   745  O  OE2   . GLU A 1 98  ? 9.160   -7.588  -13.791 1.00 13.56  ? 97  GLU A OE2   1 
ATOM   746  N  N     . LYS A 1 99  ? 11.072  -4.580  -8.494  1.00 21.41  ? 98  LYS A N     1 
ATOM   747  C  CA    . LYS A 1 99  ? 11.578  -3.321  -7.949  1.00 24.45  ? 98  LYS A CA    1 
ATOM   748  C  C     . LYS A 1 99  ? 11.422  -3.068  -6.437  1.00 26.08  ? 98  LYS A C     1 
ATOM   749  O  O     . LYS A 1 99  ? 12.411  -2.845  -5.731  1.00 28.08  ? 98  LYS A O     1 
ATOM   750  C  CB    . LYS A 1 99  ? 10.955  -2.164  -8.756  1.00 19.55  ? 98  LYS A CB    1 
ATOM   751  C  CG    . LYS A 1 99  ? 11.393  -0.753  -8.366  1.00 33.20  ? 98  LYS A CG    1 
ATOM   752  C  CD    . LYS A 1 99  ? 10.682  0.316   -9.219  1.00 27.08  ? 98  LYS A CD    1 
ATOM   753  C  CE    . LYS A 1 99  ? 11.104  1.749   -8.829  1.00 44.83  ? 98  LYS A CE    1 
ATOM   754  N  NZ    . LYS A 1 99  ? 12.438  2.167   -9.337  1.00 59.07  ? 98  LYS A NZ    1 
ATOM   755  N  N     . TRP A 1 100 ? 10.191  -3.151  -5.938  1.00 28.54  ? 99  TRP A N     1 
ATOM   756  C  CA    . TRP A 1 100 ? 9.898   -2.852  -4.528  1.00 16.54  ? 99  TRP A CA    1 
ATOM   757  C  C     . TRP A 1 100 ? 10.399  -3.816  -3.475  1.00 11.27  ? 99  TRP A C     1 
ATOM   758  O  O     . TRP A 1 100 ? 10.923  -3.390  -2.438  1.00 5.48   ? 99  TRP A O     1 
ATOM   759  C  CB    . TRP A 1 100 ? 8.405   -2.571  -4.349  1.00 10.32  ? 99  TRP A CB    1 
ATOM   760  C  CG    . TRP A 1 100 ? 7.893   -1.584  -5.364  1.00 2.00   ? 99  TRP A CG    1 
ATOM   761  C  CD1   . TRP A 1 100 ? 7.107   -1.855  -6.439  1.00 4.88   ? 99  TRP A CD1   1 
ATOM   762  C  CD2   . TRP A 1 100 ? 8.181   -0.172  -5.418  1.00 4.34   ? 99  TRP A CD2   1 
ATOM   763  N  NE1   . TRP A 1 100 ? 6.882   -0.702  -7.170  1.00 10.69  ? 99  TRP A NE1   1 
ATOM   764  C  CE2   . TRP A 1 100 ? 7.523   0.342   -6.563  1.00 3.02   ? 99  TRP A CE2   1 
ATOM   765  C  CE3   . TRP A 1 100 ? 8.917   0.704   -4.608  1.00 2.00   ? 99  TRP A CE3   1 
ATOM   766  C  CZ2   . TRP A 1 100 ? 7.593   1.694   -6.921  1.00 2.00   ? 99  TRP A CZ2   1 
ATOM   767  C  CZ3   . TRP A 1 100 ? 8.985   2.041   -4.962  1.00 9.78   ? 99  TRP A CZ3   1 
ATOM   768  C  CH2   . TRP A 1 100 ? 8.321   2.529   -6.111  1.00 14.53  ? 99  TRP A CH2   1 
ATOM   769  N  N     . THR A 1 101 ? 10.262  -5.113  -3.728  1.00 13.16  ? 100 THR A N     1 
ATOM   770  C  CA    . THR A 1 101 ? 10.749  -6.089  -2.764  1.00 18.41  ? 100 THR A CA    1 
ATOM   771  C  C     . THR A 1 101 ? 12.254  -5.914  -2.514  1.00 25.61  ? 100 THR A C     1 
ATOM   772  O  O     . THR A 1 101 ? 12.663  -5.720  -1.368  1.00 26.87  ? 100 THR A O     1 
ATOM   773  C  CB    . THR A 1 101 ? 10.480  -7.509  -3.221  1.00 23.32  ? 100 THR A CB    1 
ATOM   774  O  OG1   . THR A 1 101 ? 9.088   -7.646  -3.508  1.00 36.91  ? 100 THR A OG1   1 
ATOM   775  C  CG2   . THR A 1 101 ? 10.876  -8.496  -2.135  1.00 19.47  ? 100 THR A CG2   1 
ATOM   776  N  N     . PRO A 1 102 ? 13.088  -5.917  -3.583  1.00 23.05  ? 101 PRO A N     1 
ATOM   777  C  CA    . PRO A 1 102 ? 14.541  -5.753  -3.404  1.00 21.17  ? 101 PRO A CA    1 
ATOM   778  C  C     . PRO A 1 102 ? 14.916  -4.456  -2.687  1.00 22.82  ? 101 PRO A C     1 
ATOM   779  O  O     . PRO A 1 102 ? 15.653  -4.472  -1.693  1.00 22.19  ? 101 PRO A O     1 
ATOM   780  C  CB    . PRO A 1 102 ? 15.066  -5.759  -4.845  1.00 22.76  ? 101 PRO A CB    1 
ATOM   781  C  CG    . PRO A 1 102 ? 14.073  -6.580  -5.575  1.00 22.02  ? 101 PRO A CG    1 
ATOM   782  C  CD    . PRO A 1 102 ? 12.771  -6.054  -5.016  1.00 21.73  ? 101 PRO A CD    1 
ATOM   783  N  N     . GLU A 1 103 ? 14.379  -3.339  -3.174  1.00 21.02  ? 102 GLU A N     1 
ATOM   784  C  CA    . GLU A 1 103 ? 14.667  -2.023  -2.593  1.00 21.68  ? 102 GLU A CA    1 
ATOM   785  C  C     . GLU A 1 103 ? 14.393  -1.993  -1.103  1.00 24.57  ? 102 GLU A C     1 
ATOM   786  O  O     . GLU A 1 103 ? 15.259  -1.644  -0.302  1.00 30.09  ? 102 GLU A O     1 
ATOM   787  C  CB    . GLU A 1 103 ? 13.859  -0.914  -3.290  1.00 15.48  ? 102 GLU A CB    1 
ATOM   788  C  CG    . GLU A 1 103 ? 14.032  0.458   -2.633  1.00 13.67  ? 102 GLU A CG    1 
ATOM   789  C  CD    . GLU A 1 103 ? 13.443  1.611   -3.442  1.00 28.28  ? 102 GLU A CD    1 
ATOM   790  O  OE1   . GLU A 1 103 ? 13.271  1.477   -4.678  1.00 30.44  ? 102 GLU A OE1   1 
ATOM   791  O  OE2   . GLU A 1 103 ? 13.161  2.670   -2.837  1.00 20.25  ? 102 GLU A OE2   1 
ATOM   792  N  N     . VAL A 1 104 ? 13.178  -2.377  -0.737  1.00 36.77  ? 103 VAL A N     1 
ATOM   793  C  CA    . VAL A 1 104 ? 12.763  -2.411  0.658   1.00 36.72  ? 103 VAL A CA    1 
ATOM   794  C  C     . VAL A 1 104 ? 13.555  -3.433  1.469   1.00 38.02  ? 103 VAL A C     1 
ATOM   795  O  O     . VAL A 1 104 ? 14.035  -3.125  2.560   1.00 35.97  ? 103 VAL A O     1 
ATOM   796  C  CB    . VAL A 1 104 ? 11.254  -2.694  0.758   1.00 30.02  ? 103 VAL A CB    1 
ATOM   797  C  CG1   . VAL A 1 104 ? 10.896  -3.231  2.133   1.00 32.68  ? 103 VAL A CG1   1 
ATOM   798  C  CG2   . VAL A 1 104 ? 10.490  -1.410  0.467   1.00 37.89  ? 103 VAL A CG2   1 
ATOM   799  N  N     . LYS A 1 105 ? 13.719  -4.626  0.909   1.00 38.90  ? 104 LYS A N     1 
ATOM   800  C  CA    . LYS A 1 105 ? 14.436  -5.712  1.570   1.00 45.37  ? 104 LYS A CA    1 
ATOM   801  C  C     . LYS A 1 105 ? 15.879  -5.327  1.918   1.00 48.61  ? 104 LYS A C     1 
ATOM   802  O  O     . LYS A 1 105 ? 16.492  -5.912  2.817   1.00 51.78  ? 104 LYS A O     1 
ATOM   803  C  CB    . LYS A 1 105 ? 14.410  -6.959  0.687   1.00 45.94  ? 104 LYS A CB    1 
ATOM   804  C  CG    . LYS A 1 105 ? 13.922  -8.208  1.403   1.00 54.10  ? 104 LYS A CG    1 
ATOM   805  C  CD    . LYS A 1 105 ? 15.052  -8.908  2.149   1.00 66.85  ? 104 LYS A CD    1 
ATOM   806  C  CE    . LYS A 1 105 ? 16.122  -9.442  1.189   1.00 68.39  ? 104 LYS A CE    1 
ATOM   807  N  NZ    . LYS A 1 105 ? 17.193  -10.204 1.895   1.00 66.62  ? 104 LYS A NZ    1 
ATOM   808  N  N     . HIS A 1 106 ? 16.422  -4.359  1.189   1.00 46.56  ? 105 HIS A N     1 
ATOM   809  C  CA    . HIS A 1 106 ? 17.773  -3.907  1.450   1.00 45.16  ? 105 HIS A CA    1 
ATOM   810  C  C     . HIS A 1 106 ? 17.724  -2.915  2.598   1.00 44.78  ? 105 HIS A C     1 
ATOM   811  O  O     . HIS A 1 106 ? 18.202  -3.202  3.688   1.00 48.00  ? 105 HIS A O     1 
ATOM   812  C  CB    . HIS A 1 106 ? 18.378  -3.249  0.205   1.00 55.52  ? 105 HIS A CB    1 
ATOM   813  C  CG    . HIS A 1 106 ? 19.766  -2.733  0.407   1.00 62.34  ? 105 HIS A CG    1 
ATOM   814  N  ND1   . HIS A 1 106 ? 20.057  -1.385  0.483   1.00 65.68  ? 105 HIS A ND1   1 
ATOM   815  C  CD2   . HIS A 1 106 ? 20.948  -3.380  0.564   1.00 63.47  ? 105 HIS A CD2   1 
ATOM   816  C  CE1   . HIS A 1 106 ? 21.354  -1.231  0.676   1.00 67.14  ? 105 HIS A CE1   1 
ATOM   817  N  NE2   . HIS A 1 106 ? 21.920  -2.418  0.727   1.00 64.31  ? 105 HIS A NE2   1 
ATOM   818  N  N     . PHE A 1 107 ? 17.112  -1.760  2.354   1.00 45.35  ? 106 PHE A N     1 
ATOM   819  C  CA    . PHE A 1 107 ? 17.007  -0.697  3.356   1.00 46.31  ? 106 PHE A CA    1 
ATOM   820  C  C     . PHE A 1 107 ? 16.342  -1.049  4.689   1.00 48.30  ? 106 PHE A C     1 
ATOM   821  O  O     . PHE A 1 107 ? 16.736  -0.528  5.730   1.00 45.98  ? 106 PHE A O     1 
ATOM   822  C  CB    . PHE A 1 107 ? 16.293  0.519   2.760   1.00 40.50  ? 106 PHE A CB    1 
ATOM   823  C  CG    . PHE A 1 107 ? 17.056  1.195   1.662   1.00 44.13  ? 106 PHE A CG    1 
ATOM   824  C  CD1   . PHE A 1 107 ? 18.002  2.174   1.951   1.00 46.96  ? 106 PHE A CD1   1 
ATOM   825  C  CD2   . PHE A 1 107 ? 16.820  0.871   0.331   1.00 50.92  ? 106 PHE A CD2   1 
ATOM   826  C  CE1   . PHE A 1 107 ? 18.704  2.817   0.935   1.00 47.41  ? 106 PHE A CE1   1 
ATOM   827  C  CE2   . PHE A 1 107 ? 17.518  1.512   -0.696  1.00 46.97  ? 106 PHE A CE2   1 
ATOM   828  C  CZ    . PHE A 1 107 ? 18.456  2.488   -0.393  1.00 45.50  ? 106 PHE A CZ    1 
ATOM   829  N  N     . CYS A 1 108 ? 15.333  -1.921  4.658   1.00 51.17  ? 107 CYS A N     1 
ATOM   830  C  CA    . CYS A 1 108 ? 14.602  -2.285  5.870   1.00 55.82  ? 107 CYS A CA    1 
ATOM   831  C  C     . CYS A 1 108 ? 14.352  -3.772  6.053   1.00 58.69  ? 107 CYS A C     1 
ATOM   832  O  O     . CYS A 1 108 ? 13.240  -4.261  5.823   1.00 60.11  ? 107 CYS A O     1 
ATOM   833  C  CB    . CYS A 1 108 ? 13.252  -1.557  5.920   1.00 55.21  ? 107 CYS A CB    1 
ATOM   834  S  SG    . CYS A 1 108 ? 13.326  0.239   6.003   1.00 55.39  ? 107 CYS A SG    1 
ATOM   835  N  N     . PRO A 1 109 ? 15.386  -4.528  6.448   1.00 63.25  ? 108 PRO A N     1 
ATOM   836  C  CA    . PRO A 1 109 ? 15.208  -5.967  6.654   1.00 62.90  ? 108 PRO A CA    1 
ATOM   837  C  C     . PRO A 1 109 ? 14.663  -6.197  8.072   1.00 64.42  ? 108 PRO A C     1 
ATOM   838  O  O     . PRO A 1 109 ? 14.803  -5.328  8.945   1.00 59.05  ? 108 PRO A O     1 
ATOM   839  C  CB    . PRO A 1 109 ? 16.626  -6.501  6.494   1.00 63.60  ? 108 PRO A CB    1 
ATOM   840  C  CG    . PRO A 1 109 ? 17.444  -5.404  7.121   1.00 64.49  ? 108 PRO A CG    1 
ATOM   841  C  CD    . PRO A 1 109 ? 16.805  -4.144  6.566   1.00 63.02  ? 108 PRO A CD    1 
ATOM   842  N  N     . ASN A 1 110 ? 14.046  -7.354  8.297   1.00 61.34  ? 109 ASN A N     1 
ATOM   843  C  CA    . ASN A 1 110 ? 13.481  -7.691  9.609   1.00 61.40  ? 109 ASN A CA    1 
ATOM   844  C  C     . ASN A 1 110 ? 12.289  -6.806  9.955   1.00 57.83  ? 109 ASN A C     1 
ATOM   845  O  O     . ASN A 1 110 ? 11.912  -6.680  11.122  1.00 60.10  ? 109 ASN A O     1 
ATOM   846  C  CB    . ASN A 1 110 ? 14.533  -7.561  10.720  1.00 66.65  ? 109 ASN A CB    1 
ATOM   847  C  CG    . ASN A 1 110 ? 15.719  -8.482  10.521  1.00 71.86  ? 109 ASN A CG    1 
ATOM   848  O  OD1   . ASN A 1 110 ? 15.563  -9.692  10.342  1.00 72.48  ? 109 ASN A OD1   1 
ATOM   849  N  ND2   . ASN A 1 110 ? 16.919  -7.913  10.558  1.00 73.80  ? 109 ASN A ND2   1 
ATOM   850  N  N     . VAL A 1 111 ? 11.718  -6.164  8.946   1.00 51.36  ? 110 VAL A N     1 
ATOM   851  C  CA    . VAL A 1 111 ? 10.566  -5.296  9.144   1.00 45.35  ? 110 VAL A CA    1 
ATOM   852  C  C     . VAL A 1 111 ? 9.368   -5.887  8.405   1.00 43.90  ? 110 VAL A C     1 
ATOM   853  O  O     . VAL A 1 111 ? 9.466   -6.242  7.226   1.00 46.08  ? 110 VAL A O     1 
ATOM   854  C  CB    . VAL A 1 111 ? 10.879  -3.858  8.684   1.00 38.85  ? 110 VAL A CB    1 
ATOM   855  C  CG1   . VAL A 1 111 ? 9.625   -3.014  8.605   1.00 28.90  ? 110 VAL A CG1   1 
ATOM   856  C  CG2   . VAL A 1 111 ? 11.853  -3.230  9.663   1.00 37.12  ? 110 VAL A CG2   1 
ATOM   857  N  N     . PRO A 1 112 ? 8.233   -6.065  9.119   1.00 44.73  ? 111 PRO A N     1 
ATOM   858  C  CA    . PRO A 1 112 ? 6.987   -6.628  8.586   1.00 33.23  ? 111 PRO A CA    1 
ATOM   859  C  C     . PRO A 1 112 ? 6.450   -5.880  7.373   1.00 32.31  ? 111 PRO A C     1 
ATOM   860  O  O     . PRO A 1 112 ? 6.445   -4.643  7.332   1.00 29.45  ? 111 PRO A O     1 
ATOM   861  C  CB    . PRO A 1 112 ? 6.042   -6.546  9.780   1.00 36.12  ? 111 PRO A CB    1 
ATOM   862  C  CG    . PRO A 1 112 ? 6.541   -5.350  10.525  1.00 45.26  ? 111 PRO A CG    1 
ATOM   863  C  CD    . PRO A 1 112 ? 8.029   -5.582  10.496  1.00 46.82  ? 111 PRO A CD    1 
ATOM   864  N  N     . ILE A 1 113 ? 5.980   -6.651  6.397   1.00 29.04  ? 112 ILE A N     1 
ATOM   865  C  CA    . ILE A 1 113 ? 5.445   -6.113  5.151   1.00 30.21  ? 112 ILE A CA    1 
ATOM   866  C  C     . ILE A 1 113 ? 4.008   -6.597  4.932   1.00 33.55  ? 112 ILE A C     1 
ATOM   867  O  O     . ILE A 1 113 ? 3.744   -7.805  4.975   1.00 29.06  ? 112 ILE A O     1 
ATOM   868  C  CB    . ILE A 1 113 ? 6.294   -6.602  3.943   1.00 27.65  ? 112 ILE A CB    1 
ATOM   869  C  CG1   . ILE A 1 113 ? 7.736   -6.097  4.056   1.00 32.10  ? 112 ILE A CG1   1 
ATOM   870  C  CG2   . ILE A 1 113 ? 5.652   -6.181  2.623   1.00 15.18  ? 112 ILE A CG2   1 
ATOM   871  C  CD1   . ILE A 1 113 ? 8.675   -6.700  3.019   1.00 30.34  ? 112 ILE A CD1   1 
ATOM   872  N  N     . ILE A 1 114 ? 3.096   -5.660  4.678   1.00 27.49  ? 113 ILE A N     1 
ATOM   873  C  CA    . ILE A 1 114 ? 1.694   -5.994  4.427   1.00 22.74  ? 113 ILE A CA    1 
ATOM   874  C  C     . ILE A 1 114 ? 1.423   -5.740  2.943   1.00 22.26  ? 113 ILE A C     1 
ATOM   875  O  O     . ILE A 1 114 ? 1.467   -4.593  2.495   1.00 14.43  ? 113 ILE A O     1 
ATOM   876  C  CB    . ILE A 1 114 ? 0.722   -5.087  5.239   1.00 17.95  ? 113 ILE A CB    1 
ATOM   877  C  CG1   . ILE A 1 114 ? 1.156   -4.974  6.706   1.00 10.31  ? 113 ILE A CG1   1 
ATOM   878  C  CG2   . ILE A 1 114 ? -0.693  -5.620  5.129   1.00 12.34  ? 113 ILE A CG2   1 
ATOM   879  C  CD1   . ILE A 1 114 ? 1.073   -6.255  7.482   1.00 21.55  ? 113 ILE A CD1   1 
ATOM   880  N  N     . LEU A 1 115 ? 1.215   -6.799  2.169   1.00 15.24  ? 114 LEU A N     1 
ATOM   881  C  CA    . LEU A 1 115 ? 0.933   -6.621  0.756   1.00 17.63  ? 114 LEU A CA    1 
ATOM   882  C  C     . LEU A 1 115 ? -0.519  -6.140  0.622   1.00 17.62  ? 114 LEU A C     1 
ATOM   883  O  O     . LEU A 1 115 ? -1.428  -6.764  1.168   1.00 17.60  ? 114 LEU A O     1 
ATOM   884  C  CB    . LEU A 1 115 ? 1.170   -7.918  -0.011  1.00 13.02  ? 114 LEU A CB    1 
ATOM   885  C  CG    . LEU A 1 115 ? 1.050   -7.772  -1.532  1.00 21.37  ? 114 LEU A CG    1 
ATOM   886  C  CD1   . LEU A 1 115 ? 2.060   -6.757  -2.055  1.00 20.37  ? 114 LEU A CD1   1 
ATOM   887  C  CD2   . LEU A 1 115 ? 1.257   -9.121  -2.198  1.00 17.56  ? 114 LEU A CD2   1 
ATOM   888  N  N     . VAL A 1 116 ? -0.724  -5.053  -0.125  1.00 12.89  ? 115 VAL A N     1 
ATOM   889  C  CA    . VAL A 1 116 ? -2.048  -4.455  -0.294  1.00 4.50   ? 115 VAL A CA    1 
ATOM   890  C  C     . VAL A 1 116 ? -2.548  -4.232  -1.734  1.00 12.64  ? 115 VAL A C     1 
ATOM   891  O  O     . VAL A 1 116 ? -1.955  -3.467  -2.500  1.00 19.99  ? 115 VAL A O     1 
ATOM   892  C  CB    . VAL A 1 116 ? -2.116  -3.075  0.445   1.00 4.07   ? 115 VAL A CB    1 
ATOM   893  C  CG1   . VAL A 1 116 ? -3.513  -2.471  0.318   1.00 17.11  ? 115 VAL A CG1   1 
ATOM   894  C  CG2   . VAL A 1 116 ? -1.751  -3.230  1.919   1.00 4.38   ? 115 VAL A CG2   1 
ATOM   895  N  N     . GLY A 1 117 ? -3.624  -4.924  -2.105  1.00 16.27  ? 116 GLY A N     1 
ATOM   896  C  CA    . GLY A 1 117 ? -4.218  -4.733  -3.420  1.00 14.11  ? 116 GLY A CA    1 
ATOM   897  C  C     . GLY A 1 117 ? -5.169  -3.541  -3.274  1.00 18.83  ? 116 GLY A C     1 
ATOM   898  O  O     . GLY A 1 117 ? -5.992  -3.516  -2.358  1.00 24.78  ? 116 GLY A O     1 
ATOM   899  N  N     . ASN A 1 118 ? -5.051  -2.551  -4.154  1.00 7.73   ? 117 ASN A N     1 
ATOM   900  C  CA    . ASN A 1 118 ? -5.881  -1.353  -4.079  1.00 11.13  ? 117 ASN A CA    1 
ATOM   901  C  C     . ASN A 1 118 ? -6.860  -1.273  -5.218  1.00 21.09  ? 117 ASN A C     1 
ATOM   902  O  O     . ASN A 1 118 ? -6.752  -2.028  -6.193  1.00 19.76  ? 117 ASN A O     1 
ATOM   903  C  CB    . ASN A 1 118 ? -5.020  -0.085  -4.109  1.00 12.42  ? 117 ASN A CB    1 
ATOM   904  C  CG    . ASN A 1 118 ? -4.196  0.087   -2.864  1.00 24.87  ? 117 ASN A CG    1 
ATOM   905  O  OD1   . ASN A 1 118 ? -4.262  -0.730  -1.942  1.00 36.10  ? 117 ASN A OD1   1 
ATOM   906  N  ND2   . ASN A 1 118 ? -3.410  1.155   -2.816  1.00 30.90  ? 117 ASN A ND2   1 
ATOM   907  N  N     . LYS A 1 119 ? -7.793  -0.326  -5.112  1.00 22.16  ? 118 LYS A N     1 
ATOM   908  C  CA    . LYS A 1 119 ? -8.793  -0.107  -6.157  1.00 22.42  ? 118 LYS A CA    1 
ATOM   909  C  C     . LYS A 1 119 ? -9.664  -1.345  -6.383  1.00 26.45  ? 118 LYS A C     1 
ATOM   910  O  O     . LYS A 1 119 ? -10.040 -1.664  -7.515  1.00 28.15  ? 118 LYS A O     1 
ATOM   911  C  CB    . LYS A 1 119 ? -8.105  0.304   -7.472  1.00 27.87  ? 118 LYS A CB    1 
ATOM   912  C  CG    . LYS A 1 119 ? -7.123  1.474   -7.344  1.00 31.44  ? 118 LYS A CG    1 
ATOM   913  C  CD    . LYS A 1 119 ? -6.719  2.029   -8.699  1.00 36.83  ? 118 LYS A CD    1 
ATOM   914  C  CE    . LYS A 1 119 ? -5.632  3.084   -8.566  1.00 41.39  ? 118 LYS A CE    1 
ATOM   915  N  NZ    . LYS A 1 119 ? -5.328  3.713   -9.878  1.00 45.74  ? 118 LYS A NZ    1 
ATOM   916  N  N     . LYS A 1 120 ? -9.976  -2.023  -5.280  1.00 27.71  ? 119 LYS A N     1 
ATOM   917  C  CA    . LYS A 1 120 ? -10.807 -3.228  -5.261  1.00 25.51  ? 119 LYS A CA    1 
ATOM   918  C  C     . LYS A 1 120 ? -12.121 -3.063  -6.029  1.00 22.82  ? 119 LYS A C     1 
ATOM   919  O  O     . LYS A 1 120 ? -12.642 -4.023  -6.588  1.00 24.73  ? 119 LYS A O     1 
ATOM   920  C  CB    . LYS A 1 120 ? -11.083 -3.594  -3.798  1.00 24.95  ? 119 LYS A CB    1 
ATOM   921  C  CG    . LYS A 1 120 ? -11.998 -4.778  -3.530  1.00 30.05  ? 119 LYS A CG    1 
ATOM   922  C  CD    . LYS A 1 120 ? -11.887 -5.163  -2.040  1.00 35.00  ? 119 LYS A CD    1 
ATOM   923  C  CE    . LYS A 1 120 ? -13.004 -6.087  -1.552  1.00 20.59  ? 119 LYS A CE    1 
ATOM   924  N  NZ    . LYS A 1 120 ? -13.083 -7.366  -2.327  1.00 26.99  ? 119 LYS A NZ    1 
ATOM   925  N  N     . ASP A 1 121 ? -12.647 -1.840  -6.058  1.00 18.47  ? 120 ASP A N     1 
ATOM   926  C  CA    . ASP A 1 121 ? -13.897 -1.549  -6.751  1.00 32.12  ? 120 ASP A CA    1 
ATOM   927  C  C     . ASP A 1 121 ? -13.852 -1.736  -8.269  1.00 37.60  ? 120 ASP A C     1 
ATOM   928  O  O     . ASP A 1 121 ? -14.838 -2.159  -8.889  1.00 42.98  ? 120 ASP A O     1 
ATOM   929  C  CB    . ASP A 1 121 ? -14.373 -0.127  -6.409  1.00 31.63  ? 120 ASP A CB    1 
ATOM   930  C  CG    . ASP A 1 121 ? -13.308 0.932   -6.648  1.00 38.41  ? 120 ASP A CG    1 
ATOM   931  O  OD1   . ASP A 1 121 ? -12.337 0.981   -5.865  1.00 28.06  ? 120 ASP A OD1   1 
ATOM   932  O  OD2   . ASP A 1 121 ? -13.456 1.724   -7.605  1.00 31.58  ? 120 ASP A OD2   1 
ATOM   933  N  N     . LEU A 1 122 ? -12.684 -1.485  -8.843  1.00 42.19  ? 121 LEU A N     1 
ATOM   934  C  CA    . LEU A 1 122 ? -12.483 -1.582  -10.285 1.00 34.47  ? 121 LEU A CA    1 
ATOM   935  C  C     . LEU A 1 122 ? -12.457 -2.995  -10.838 1.00 34.64  ? 121 LEU A C     1 
ATOM   936  O  O     . LEU A 1 122 ? -12.363 -3.191  -12.048 1.00 36.82  ? 121 LEU A O     1 
ATOM   937  C  CB    . LEU A 1 122 ? -11.205 -0.847  -10.657 1.00 35.21  ? 121 LEU A CB    1 
ATOM   938  C  CG    . LEU A 1 122 ? -11.267 0.633   -10.298 1.00 23.74  ? 121 LEU A CG    1 
ATOM   939  C  CD1   . LEU A 1 122 ? -9.901  1.280   -10.428 1.00 29.53  ? 121 LEU A CD1   1 
ATOM   940  C  CD2   . LEU A 1 122 ? -12.274 1.306   -11.197 1.00 26.01  ? 121 LEU A CD2   1 
ATOM   941  N  N     . ARG A 1 123 ? -12.555 -3.982  -9.962  1.00 37.38  ? 122 ARG A N     1 
ATOM   942  C  CA    . ARG A 1 123 ? -12.552 -5.376  -10.396 1.00 41.52  ? 122 ARG A CA    1 
ATOM   943  C  C     . ARG A 1 123 ? -13.853 -5.707  -11.125 1.00 47.14  ? 122 ARG A C     1 
ATOM   944  O  O     . ARG A 1 123 ? -13.881 -6.564  -12.014 1.00 53.24  ? 122 ARG A O     1 
ATOM   945  C  CB    . ARG A 1 123 ? -12.364 -6.302  -9.188  1.00 39.11  ? 122 ARG A CB    1 
ATOM   946  C  CG    . ARG A 1 123 ? -12.141 -7.758  -9.540  1.00 39.06  ? 122 ARG A CG    1 
ATOM   947  C  CD    . ARG A 1 123 ? -10.952 -8.319  -8.772  1.00 40.03  ? 122 ARG A CD    1 
ATOM   948  N  NE    . ARG A 1 123 ? -11.200 -8.403  -7.342  1.00 31.96  ? 122 ARG A NE    1 
ATOM   949  C  CZ    . ARG A 1 123 ? -10.292 -8.728  -6.434  1.00 37.70  ? 122 ARG A CZ    1 
ATOM   950  N  NH1   . ARG A 1 123 ? -9.041  -9.010  -6.779  1.00 35.94  ? 122 ARG A NH1   1 
ATOM   951  N  NH2   . ARG A 1 123 ? -10.654 -8.826  -5.175  1.00 42.12  ? 122 ARG A NH2   1 
ATOM   952  N  N     . ASN A 1 124 ? -14.931 -5.030  -10.734 1.00 54.32  ? 123 ASN A N     1 
ATOM   953  C  CA    . ASN A 1 124 ? -16.235 -5.246  -11.349 1.00 58.42  ? 123 ASN A CA    1 
ATOM   954  C  C     . ASN A 1 124 ? -16.529 -4.250  -12.451 1.00 59.21  ? 123 ASN A C     1 
ATOM   955  O  O     . ASN A 1 124 ? -17.360 -4.510  -13.318 1.00 60.32  ? 123 ASN A O     1 
ATOM   956  C  CB    . ASN A 1 124 ? -17.340 -5.191  -10.298 1.00 59.71  ? 123 ASN A CB    1 
ATOM   957  C  CG    . ASN A 1 124 ? -17.398 -6.440  -9.447  1.00 64.76  ? 123 ASN A CG    1 
ATOM   958  O  OD1   . ASN A 1 124 ? -17.159 -7.554  -9.933  1.00 58.55  ? 123 ASN A OD1   1 
ATOM   959  N  ND2   . ASN A 1 124 ? -17.716 -6.272  -8.166  1.00 70.51  ? 123 ASN A ND2   1 
ATOM   960  N  N     . ASP A 1 125 ? -15.850 -3.105  -12.409 1.00 60.53  ? 124 ASP A N     1 
ATOM   961  C  CA    . ASP A 1 125 ? -16.040 -2.057  -13.408 1.00 62.25  ? 124 ASP A CA    1 
ATOM   962  C  C     . ASP A 1 125 ? -15.937 -2.609  -14.837 1.00 61.54  ? 124 ASP A C     1 
ATOM   963  O  O     . ASP A 1 125 ? -14.955 -3.274  -15.194 1.00 62.58  ? 124 ASP A O     1 
ATOM   964  C  CB    . ASP A 1 125 ? -15.026 -0.927  -13.188 1.00 58.69  ? 124 ASP A CB    1 
ATOM   965  C  CG    . ASP A 1 125 ? -15.409 0.348   -13.918 1.00 55.63  ? 124 ASP A CG    1 
ATOM   966  O  OD1   . ASP A 1 125 ? -15.427 0.345   -15.163 1.00 55.16  ? 124 ASP A OD1   1 
ATOM   967  O  OD2   . ASP A 1 125 ? -15.701 1.359   -13.249 1.00 61.30  ? 124 ASP A OD2   1 
ATOM   968  N  N     . GLU A 1 126 ? -16.970 -2.341  -15.633 1.00 61.97  ? 125 GLU A N     1 
ATOM   969  C  CA    . GLU A 1 126 ? -17.062 -2.804  -17.018 1.00 63.01  ? 125 GLU A CA    1 
ATOM   970  C  C     . GLU A 1 126 ? -16.082 -2.075  -17.944 1.00 60.46  ? 125 GLU A C     1 
ATOM   971  O  O     . GLU A 1 126 ? -15.474 -2.689  -18.827 1.00 56.07  ? 125 GLU A O     1 
ATOM   972  C  CB    . GLU A 1 126 ? -18.509 -2.656  -17.513 1.00 62.74  ? 125 GLU A CB    1 
ATOM   973  C  CG    . GLU A 1 126 ? -18.833 -3.342  -18.844 1.00 71.13  ? 125 GLU A CG    1 
ATOM   974  C  CD    . GLU A 1 126 ? -18.817 -2.397  -20.047 1.00 77.88  ? 125 GLU A CD    1 
ATOM   975  O  OE1   . GLU A 1 126 ? -18.842 -1.155  -19.863 1.00 78.57  ? 125 GLU A OE1   1 
ATOM   976  O  OE2   . GLU A 1 126 ? -18.783 -2.900  -21.194 1.00 80.52  ? 125 GLU A OE2   1 
ATOM   977  N  N     . HIS A 1 127 ? -15.925 -0.771  -17.735 1.00 62.85  ? 126 HIS A N     1 
ATOM   978  C  CA    . HIS A 1 127 ? -15.008 0.036   -18.538 1.00 63.00  ? 126 HIS A CA    1 
ATOM   979  C  C     . HIS A 1 127 ? -13.599 -0.527  -18.400 1.00 60.64  ? 126 HIS A C     1 
ATOM   980  O  O     . HIS A 1 127 ? -12.882 -0.684  -19.388 1.00 60.55  ? 126 HIS A O     1 
ATOM   981  C  CB    . HIS A 1 127 ? -15.032 1.485   -18.065 1.00 68.34  ? 126 HIS A CB    1 
ATOM   982  C  CG    . HIS A 1 127 ? -14.889 2.478   -19.173 1.00 82.51  ? 126 HIS A CG    1 
ATOM   983  N  ND1   . HIS A 1 127 ? -15.967 3.196   -19.665 1.00 87.10  ? 126 HIS A ND1   1 
ATOM   984  C  CD2   . HIS A 1 127 ? -13.813 2.881   -19.883 1.00 87.94  ? 126 HIS A CD2   1 
ATOM   985  C  CE1   . HIS A 1 127 ? -15.548 3.994   -20.632 1.00 91.53  ? 126 HIS A CE1   1 
ATOM   986  N  NE2   . HIS A 1 127 ? -14.252 3.827   -20.783 1.00 94.03  ? 126 HIS A NE2   1 
ATOM   987  N  N     . THR A 1 128 ? -13.232 -0.855  -17.166 1.00 58.96  ? 127 THR A N     1 
ATOM   988  C  CA    . THR A 1 128 ? -11.936 -1.432  -16.840 1.00 55.75  ? 127 THR A CA    1 
ATOM   989  C  C     . THR A 1 128 ? -11.720 -2.760  -17.560 1.00 55.62  ? 127 THR A C     1 
ATOM   990  O  O     . THR A 1 128 ? -10.730 -2.932  -18.265 1.00 58.45  ? 127 THR A O     1 
ATOM   991  C  CB    . THR A 1 128 ? -11.807 -1.645  -15.317 1.00 52.99  ? 127 THR A CB    1 
ATOM   992  O  OG1   . THR A 1 128 ? -11.705 -0.370  -14.674 1.00 56.55  ? 127 THR A OG1   1 
ATOM   993  C  CG2   . THR A 1 128 ? -10.586 -2.493  -14.980 1.00 48.10  ? 127 THR A CG2   1 
ATOM   994  N  N     . ARG A 1 129 ? -12.655 -3.692  -17.400 1.00 55.55  ? 128 ARG A N     1 
ATOM   995  C  CA    . ARG A 1 129 ? -12.535 -4.995  -18.041 1.00 57.22  ? 128 ARG A CA    1 
ATOM   996  C  C     . ARG A 1 129 ? -12.440 -4.912  -19.554 1.00 60.73  ? 128 ARG A C     1 
ATOM   997  O  O     . ARG A 1 129 ? -11.751 -5.718  -20.180 1.00 60.67  ? 128 ARG A O     1 
ATOM   998  C  CB    . ARG A 1 129 ? -13.696 -5.898  -17.638 1.00 60.09  ? 128 ARG A CB    1 
ATOM   999  C  CG    . ARG A 1 129 ? -13.604 -6.368  -16.208 1.00 62.02  ? 128 ARG A CG    1 
ATOM   1000 C  CD    . ARG A 1 129 ? -14.746 -7.293  -15.845 1.00 63.10  ? 128 ARG A CD    1 
ATOM   1001 N  NE    . ARG A 1 129 ? -14.454 -7.987  -14.599 1.00 64.68  ? 128 ARG A NE    1 
ATOM   1002 C  CZ    . ARG A 1 129 ? -13.805 -9.148  -14.529 1.00 63.47  ? 128 ARG A CZ    1 
ATOM   1003 N  NH1   . ARG A 1 129 ? -13.385 -9.741  -15.633 1.00 61.47  ? 128 ARG A NH1   1 
ATOM   1004 N  NH2   . ARG A 1 129 ? -13.523 -9.675  -13.351 1.00 60.18  ? 128 ARG A NH2   1 
ATOM   1005 N  N     . ARG A 1 130 ? -13.099 -3.919  -20.144 1.00 66.40  ? 129 ARG A N     1 
ATOM   1006 C  CA    . ARG A 1 130 ? -13.073 -3.757  -21.594 1.00 70.81  ? 129 ARG A CA    1 
ATOM   1007 C  C     . ARG A 1 130 ? -11.710 -3.275  -22.093 1.00 72.05  ? 129 ARG A C     1 
ATOM   1008 O  O     . ARG A 1 130 ? -11.191 -3.799  -23.079 1.00 74.88  ? 129 ARG A O     1 
ATOM   1009 C  CB    . ARG A 1 130 ? -14.187 -2.818  -22.059 1.00 72.74  ? 129 ARG A CB    1 
ATOM   1010 C  CG    . ARG A 1 130 ? -14.476 -2.918  -23.550 1.00 75.26  ? 129 ARG A CG    1 
ATOM   1011 C  CD    . ARG A 1 130 ? -15.743 -2.175  -23.927 1.00 77.85  ? 129 ARG A CD    1 
ATOM   1012 N  NE    . ARG A 1 130 ? -15.655 -0.761  -23.575 1.00 80.29  ? 129 ARG A NE    1 
ATOM   1013 C  CZ    . ARG A 1 130 ? -16.513 -0.126  -22.787 1.00 83.73  ? 129 ARG A CZ    1 
ATOM   1014 N  NH1   . ARG A 1 130 ? -17.531 -0.785  -22.266 1.00 84.62  ? 129 ARG A NH1   1 
ATOM   1015 N  NH2   . ARG A 1 130 ? -16.349 1.149   -22.495 1.00 83.05  ? 129 ARG A NH2   1 
ATOM   1016 N  N     . GLU A 1 131 ? -11.122 -2.294  -21.411 1.00 72.82  ? 130 GLU A N     1 
ATOM   1017 C  CA    . GLU A 1 131 ? -9.810  -1.771  -21.796 1.00 69.82  ? 130 GLU A CA    1 
ATOM   1018 C  C     . GLU A 1 131 ? -8.707  -2.826  -21.672 1.00 66.58  ? 130 GLU A C     1 
ATOM   1019 O  O     . GLU A 1 131 ? -7.853  -2.943  -22.554 1.00 67.84  ? 130 GLU A O     1 
ATOM   1020 C  CB    . GLU A 1 131 ? -9.447  -0.534  -20.967 1.00 73.53  ? 130 GLU A CB    1 
ATOM   1021 C  CG    . GLU A 1 131 ? -10.083 0.761   -21.456 1.00 80.24  ? 130 GLU A CG    1 
ATOM   1022 C  CD    . GLU A 1 131 ? -9.591  1.166   -22.837 1.00 82.31  ? 130 GLU A CD    1 
ATOM   1023 O  OE1   . GLU A 1 131 ? -8.484  1.733   -22.934 1.00 83.04  ? 130 GLU A OE1   1 
ATOM   1024 O  OE2   . GLU A 1 131 ? -10.305 0.901   -23.833 1.00 81.01  ? 130 GLU A OE2   1 
ATOM   1025 N  N     . LEU A 1 132 ? -8.751  -3.616  -20.603 1.00 61.66  ? 131 LEU A N     1 
ATOM   1026 C  CA    . LEU A 1 132 ? -7.752  -4.658  -20.376 1.00 61.29  ? 131 LEU A CA    1 
ATOM   1027 C  C     . LEU A 1 132 ? -7.886  -5.837  -21.337 1.00 61.39  ? 131 LEU A C     1 
ATOM   1028 O  O     . LEU A 1 132 ? -6.934  -6.592  -21.536 1.00 57.74  ? 131 LEU A O     1 
ATOM   1029 C  CB    . LEU A 1 132 ? -7.810  -5.161  -18.929 1.00 62.97  ? 131 LEU A CB    1 
ATOM   1030 C  CG    . LEU A 1 132 ? -7.413  -4.179  -17.825 1.00 63.48  ? 131 LEU A CG    1 
ATOM   1031 C  CD1   . LEU A 1 132 ? -7.564  -4.845  -16.472 1.00 62.63  ? 131 LEU A CD1   1 
ATOM   1032 C  CD2   . LEU A 1 132 ? -5.982  -3.705  -18.028 1.00 67.98  ? 131 LEU A CD2   1 
ATOM   1033 N  N     . ALA A 1 133 ? -9.062  -5.986  -21.940 1.00 62.66  ? 132 ALA A N     1 
ATOM   1034 C  CA    . ALA A 1 133 ? -9.310  -7.074  -22.884 1.00 63.73  ? 132 ALA A CA    1 
ATOM   1035 C  C     . ALA A 1 133 ? -8.456  -6.893  -24.140 1.00 66.72  ? 132 ALA A C     1 
ATOM   1036 O  O     . ALA A 1 133 ? -8.032  -7.878  -24.751 1.00 67.80  ? 132 ALA A O     1 
ATOM   1037 C  CB    . ALA A 1 133 ? -10.790 -7.140  -23.251 1.00 64.15  ? 132 ALA A CB    1 
ATOM   1038 N  N     . LYS A 1 134 ? -8.208  -5.638  -24.520 1.00 70.17  ? 133 LYS A N     1 
ATOM   1039 C  CA    . LYS A 1 134 ? -7.373  -5.330  -25.688 1.00 71.21  ? 133 LYS A CA    1 
ATOM   1040 C  C     . LYS A 1 134 ? -6.012  -5.966  -25.425 1.00 74.95  ? 133 LYS A C     1 
ATOM   1041 O  O     . LYS A 1 134 ? -5.498  -6.727  -26.241 1.00 80.32  ? 133 LYS A O     1 
ATOM   1042 C  CB    . LYS A 1 134 ? -7.172  -3.813  -25.862 1.00 62.52  ? 133 LYS A CB    1 
ATOM   1043 C  CG    . LYS A 1 134 ? -8.350  -3.036  -26.430 1.00 62.70  ? 133 LYS A CG    1 
ATOM   1044 C  CD    . LYS A 1 134 ? -9.511  -2.977  -25.450 1.00 64.68  ? 133 LYS A CD    1 
ATOM   1045 C  CE    . LYS A 1 134 ? -10.628 -2.051  -25.920 1.00 61.36  ? 133 LYS A CE    1 
ATOM   1046 N  NZ    . LYS A 1 134 ? -10.211 -0.635  -25.909 1.00 61.29  ? 133 LYS A NZ    1 
ATOM   1047 N  N     . MET A 1 135 ? -5.473  -5.687  -24.239 1.00 74.57  ? 134 MET A N     1 
ATOM   1048 C  CA    . MET A 1 135 ? -4.175  -6.201  -23.814 1.00 77.16  ? 134 MET A CA    1 
ATOM   1049 C  C     . MET A 1 135 ? -4.209  -7.693  -23.467 1.00 76.60  ? 134 MET A C     1 
ATOM   1050 O  O     . MET A 1 135 ? -3.216  -8.237  -22.980 1.00 78.29  ? 134 MET A O     1 
ATOM   1051 C  CB    . MET A 1 135 ? -3.671  -5.407  -22.601 1.00 81.90  ? 134 MET A CB    1 
ATOM   1052 C  CG    . MET A 1 135 ? -3.661  -3.892  -22.772 1.00 85.76  ? 134 MET A CG    1 
ATOM   1053 S  SD    . MET A 1 135 ? -2.659  -3.332  -24.166 1.00 97.53  ? 134 MET A SD    1 
ATOM   1054 C  CE    . MET A 1 135 ? -3.926  -2.668  -25.278 1.00 93.21  ? 134 MET A CE    1 
ATOM   1055 N  N     . LYS A 1 136 ? -5.346  -8.341  -23.700 1.00 77.00  ? 135 LYS A N     1 
ATOM   1056 C  CA    . LYS A 1 136 ? -5.528  -9.765  -23.404 1.00 76.22  ? 135 LYS A CA    1 
ATOM   1057 C  C     . LYS A 1 136 ? -5.185  -10.066 -21.938 1.00 75.65  ? 135 LYS A C     1 
ATOM   1058 O  O     . LYS A 1 136 ? -4.512  -11.053 -21.618 1.00 68.22  ? 135 LYS A O     1 
ATOM   1059 C  CB    . LYS A 1 136 ? -4.708  -10.635 -24.368 1.00 77.99  ? 135 LYS A CB    1 
ATOM   1060 C  CG    . LYS A 1 136 ? -5.416  -11.924 -24.795 1.00 80.77  ? 135 LYS A CG    1 
ATOM   1061 C  CD    . LYS A 1 136 ? -4.661  -12.672 -25.897 1.00 75.50  ? 135 LYS A CD    1 
ATOM   1062 C  CE    . LYS A 1 136 ? -3.360  -13.285 -25.387 1.00 74.35  ? 135 LYS A CE    1 
ATOM   1063 N  NZ    . LYS A 1 136 ? -2.589  -13.962 -26.471 1.00 65.63  ? 135 LYS A NZ    1 
ATOM   1064 N  N     . GLN A 1 137 ? -5.649  -9.178  -21.063 1.00 79.63  ? 136 GLN A N     1 
ATOM   1065 C  CA    . GLN A 1 137 ? -5.448  -9.279  -19.620 1.00 78.39  ? 136 GLN A CA    1 
ATOM   1066 C  C     . GLN A 1 137 ? -6.786  -9.111  -18.912 1.00 78.58  ? 136 GLN A C     1 
ATOM   1067 O  O     . GLN A 1 137 ? -7.833  -8.908  -19.539 1.00 76.77  ? 136 GLN A O     1 
ATOM   1068 C  CB    . GLN A 1 137 ? -4.531  -8.163  -19.118 1.00 78.60  ? 136 GLN A CB    1 
ATOM   1069 C  CG    . GLN A 1 137 ? -3.120  -8.172  -19.647 1.00 76.95  ? 136 GLN A CG    1 
ATOM   1070 C  CD    . GLN A 1 137 ? -2.299  -7.028  -19.077 1.00 74.81  ? 136 GLN A CD    1 
ATOM   1071 O  OE1   . GLN A 1 137 ? -2.709  -5.866  -19.133 1.00 72.63  ? 136 GLN A OE1   1 
ATOM   1072 N  NE2   . GLN A 1 137 ? -1.143  -7.356  -18.511 1.00 71.05  ? 136 GLN A NE2   1 
ATOM   1073 N  N     . GLU A 1 138 ? -6.721  -9.111  -17.585 1.00 74.97  ? 137 GLU A N     1 
ATOM   1074 C  CA    . GLU A 1 138 ? -7.889  -8.950  -16.736 1.00 69.34  ? 137 GLU A CA    1 
ATOM   1075 C  C     . GLU A 1 138 ? -7.397  -8.521  -15.356 1.00 61.90  ? 137 GLU A C     1 
ATOM   1076 O  O     . GLU A 1 138 ? -6.202  -8.621  -15.067 1.00 59.60  ? 137 GLU A O     1 
ATOM   1077 C  CB    . GLU A 1 138 ? -8.659  -10.269 -16.637 1.00 74.08  ? 137 GLU A CB    1 
ATOM   1078 C  CG    . GLU A 1 138 ? -7.857  -11.405 -16.043 1.00 77.71  ? 137 GLU A CG    1 
ATOM   1079 C  CD    . GLU A 1 138 ? -8.632  -12.701 -15.989 1.00 79.61  ? 137 GLU A CD    1 
ATOM   1080 O  OE1   . GLU A 1 138 ? -9.715  -12.732 -15.365 1.00 78.07  ? 137 GLU A OE1   1 
ATOM   1081 O  OE2   . GLU A 1 138 ? -8.135  -13.710 -16.531 1.00 81.90  ? 137 GLU A OE2   1 
ATOM   1082 N  N     . PRO A 1 139 ? -8.295  -7.967  -14.524 1.00 54.00  ? 138 PRO A N     1 
ATOM   1083 C  CA    . PRO A 1 139 ? -7.938  -7.519  -13.175 1.00 43.01  ? 138 PRO A CA    1 
ATOM   1084 C  C     . PRO A 1 139 ? -7.298  -8.634  -12.369 1.00 38.75  ? 138 PRO A C     1 
ATOM   1085 O  O     . PRO A 1 139 ? -7.466  -9.815  -12.676 1.00 43.33  ? 138 PRO A O     1 
ATOM   1086 C  CB    . PRO A 1 139 ? -9.284  -7.115  -12.596 1.00 42.97  ? 138 PRO A CB    1 
ATOM   1087 C  CG    . PRO A 1 139 ? -9.988  -6.553  -13.784 1.00 46.43  ? 138 PRO A CG    1 
ATOM   1088 C  CD    . PRO A 1 139 ? -9.685  -7.591  -14.839 1.00 51.72  ? 138 PRO A CD    1 
ATOM   1089 N  N     . VAL A 1 140 ? -6.579  -8.251  -11.325 1.00 32.56  ? 139 VAL A N     1 
ATOM   1090 C  CA    . VAL A 1 140 ? -5.903  -9.226  -10.480 1.00 34.28  ? 139 VAL A CA    1 
ATOM   1091 C  C     . VAL A 1 140 ? -6.906  -10.017 -9.628  1.00 37.26  ? 139 VAL A C     1 
ATOM   1092 O  O     . VAL A 1 140 ? -7.840  -9.446  -9.063  1.00 34.58  ? 139 VAL A O     1 
ATOM   1093 C  CB    . VAL A 1 140 ? -4.898  -8.519  -9.539  1.00 34.26  ? 139 VAL A CB    1 
ATOM   1094 C  CG1   . VAL A 1 140 ? -4.052  -9.539  -8.797  1.00 27.93  ? 139 VAL A CG1   1 
ATOM   1095 C  CG2   . VAL A 1 140 ? -4.031  -7.556  -10.321 1.00 30.00  ? 139 VAL A CG2   1 
ATOM   1096 N  N     . LYS A 1 141 ? -6.723  -11.330 -9.576  1.00 35.56  ? 140 LYS A N     1 
ATOM   1097 C  CA    . LYS A 1 141 ? -7.576  -12.195 -8.772  1.00 34.38  ? 140 LYS A CA    1 
ATOM   1098 C  C     . LYS A 1 141 ? -6.995  -12.265 -7.362  1.00 37.85  ? 140 LYS A C     1 
ATOM   1099 O  O     . LYS A 1 141 ? -5.779  -12.337 -7.167  1.00 35.09  ? 140 LYS A O     1 
ATOM   1100 C  CB    . LYS A 1 141 ? -7.636  -13.599 -9.367  1.00 34.05  ? 140 LYS A CB    1 
ATOM   1101 C  CG    . LYS A 1 141 ? -8.202  -13.654 -10.762 1.00 42.64  ? 140 LYS A CG    1 
ATOM   1102 C  CD    . LYS A 1 141 ? -8.155  -15.061 -11.312 1.00 50.43  ? 140 LYS A CD    1 
ATOM   1103 C  CE    . LYS A 1 141 ? -8.670  -15.098 -12.732 1.00 53.60  ? 140 LYS A CE    1 
ATOM   1104 N  NZ    . LYS A 1 141 ? -7.897  -14.169 -13.584 1.00 64.90  ? 140 LYS A NZ    1 
ATOM   1105 N  N     . PRO A 1 142 ? -7.869  -12.287 -6.350  1.00 39.60  ? 141 PRO A N     1 
ATOM   1106 C  CA    . PRO A 1 142 ? -7.429  -12.349 -4.958  1.00 36.82  ? 141 PRO A CA    1 
ATOM   1107 C  C     . PRO A 1 142 ? -6.414  -13.459 -4.689  1.00 32.61  ? 141 PRO A C     1 
ATOM   1108 O  O     . PRO A 1 142 ? -5.546  -13.312 -3.828  1.00 27.74  ? 141 PRO A O     1 
ATOM   1109 C  CB    . PRO A 1 142 ? -8.734  -12.610 -4.203  1.00 38.90  ? 141 PRO A CB    1 
ATOM   1110 C  CG    . PRO A 1 142 ? -9.758  -11.948 -5.063  1.00 43.30  ? 141 PRO A CG    1 
ATOM   1111 C  CD    . PRO A 1 142 ? -9.336  -12.366 -6.443  1.00 45.78  ? 141 PRO A CD    1 
ATOM   1112 N  N     . GLU A 1 143 ? -6.516  -14.563 -5.427  1.00 31.46  ? 142 GLU A N     1 
ATOM   1113 C  CA    . GLU A 1 143 ? -5.601  -15.677 -5.218  1.00 36.45  ? 142 GLU A CA    1 
ATOM   1114 C  C     . GLU A 1 143 ? -4.178  -15.287 -5.567  1.00 35.86  ? 142 GLU A C     1 
ATOM   1115 O  O     . GLU A 1 143 ? -3.298  -15.344 -4.713  1.00 37.13  ? 142 GLU A O     1 
ATOM   1116 C  CB    . GLU A 1 143 ? -6.003  -16.915 -6.031  1.00 42.69  ? 142 GLU A CB    1 
ATOM   1117 C  CG    . GLU A 1 143 ? -7.298  -17.569 -5.604  1.00 56.85  ? 142 GLU A CG    1 
ATOM   1118 C  CD    . GLU A 1 143 ? -8.507  -16.719 -5.941  1.00 63.31  ? 142 GLU A CD    1 
ATOM   1119 O  OE1   . GLU A 1 143 ? -8.726  -16.433 -7.140  1.00 63.31  ? 142 GLU A OE1   1 
ATOM   1120 O  OE2   . GLU A 1 143 ? -9.215  -16.305 -4.999  1.00 65.26  ? 142 GLU A OE2   1 
ATOM   1121 N  N     . GLU A 1 144 ? -3.970  -14.841 -6.803  1.00 32.61  ? 143 GLU A N     1 
ATOM   1122 C  CA    . GLU A 1 144 ? -2.638  -14.458 -7.261  1.00 35.43  ? 143 GLU A CA    1 
ATOM   1123 C  C     . GLU A 1 144 ? -1.965  -13.388 -6.386  1.00 37.64  ? 143 GLU A C     1 
ATOM   1124 O  O     . GLU A 1 144 ? -0.737  -13.391 -6.208  1.00 40.10  ? 143 GLU A O     1 
ATOM   1125 C  CB    . GLU A 1 144 ? -2.659  -14.082 -8.752  1.00 27.43  ? 143 GLU A CB    1 
ATOM   1126 C  CG    . GLU A 1 144 ? -3.827  -13.219 -9.170  1.00 36.00  ? 143 GLU A CG    1 
ATOM   1127 C  CD    . GLU A 1 144 ? -4.153  -13.310 -10.653 1.00 41.45  ? 143 GLU A CD    1 
ATOM   1128 O  OE1   . GLU A 1 144 ? -4.186  -14.435 -11.203 1.00 36.20  ? 143 GLU A OE1   1 
ATOM   1129 O  OE2   . GLU A 1 144 ? -4.424  -12.251 -11.263 1.00 44.81  ? 143 GLU A OE2   1 
ATOM   1130 N  N     . GLY A 1 145 ? -2.770  -12.528 -5.774  1.00 30.81  ? 144 GLY A N     1 
ATOM   1131 C  CA    . GLY A 1 145 ? -2.199  -11.519 -4.896  1.00 32.54  ? 144 GLY A CA    1 
ATOM   1132 C  C     . GLY A 1 145 ? -1.708  -12.170 -3.607  1.00 35.35  ? 144 GLY A C     1 
ATOM   1133 O  O     . GLY A 1 145 ? -0.707  -11.749 -3.025  1.00 39.71  ? 144 GLY A O     1 
ATOM   1134 N  N     . ARG A 1 146 ? -2.415  -13.202 -3.152  1.00 39.96  ? 145 ARG A N     1 
ATOM   1135 C  CA    . ARG A 1 146 ? -2.046  -13.918 -1.927  1.00 43.24  ? 145 ARG A CA    1 
ATOM   1136 C  C     . ARG A 1 146 ? -0.781  -14.741 -2.147  1.00 44.00  ? 145 ARG A C     1 
ATOM   1137 O  O     . ARG A 1 146 ? 0.057   -14.871 -1.252  1.00 40.33  ? 145 ARG A O     1 
ATOM   1138 C  CB    . ARG A 1 146 ? -3.181  -14.845 -1.489  1.00 45.93  ? 145 ARG A CB    1 
ATOM   1139 C  CG    . ARG A 1 146 ? -3.692  -14.583 -0.084  1.00 53.75  ? 145 ARG A CG    1 
ATOM   1140 C  CD    . ARG A 1 146 ? -4.673  -15.669 0.366   1.00 59.83  ? 145 ARG A CD    1 
ATOM   1141 N  NE    . ARG A 1 146 ? -5.829  -15.785 -0.521  1.00 60.18  ? 145 ARG A NE    1 
ATOM   1142 C  CZ    . ARG A 1 146 ? -6.944  -15.068 -0.408  1.00 57.81  ? 145 ARG A CZ    1 
ATOM   1143 N  NH1   . ARG A 1 146 ? -7.074  -14.165 0.554   1.00 55.48  ? 145 ARG A NH1   1 
ATOM   1144 N  NH2   . ARG A 1 146 ? -7.919  -15.231 -1.281  1.00 53.88  ? 145 ARG A NH2   1 
ATOM   1145 N  N     . ASP A 1 147 ? -0.675  -15.308 -3.347  1.00 46.34  ? 146 ASP A N     1 
ATOM   1146 C  CA    . ASP A 1 147 ? 0.472   -16.118 -3.750  1.00 46.37  ? 146 ASP A CA    1 
ATOM   1147 C  C     . ASP A 1 147 ? 1.701   -15.219 -3.687  1.00 46.09  ? 146 ASP A C     1 
ATOM   1148 O  O     . ASP A 1 147 ? 2.687   -15.523 -3.003  1.00 46.22  ? 146 ASP A O     1 
ATOM   1149 C  CB    . ASP A 1 147 ? 0.264   -16.625 -5.184  1.00 48.21  ? 146 ASP A CB    1 
ATOM   1150 C  CG    . ASP A 1 147 ? 1.382   -17.549 -5.664  1.00 54.76  ? 146 ASP A CG    1 
ATOM   1151 O  OD1   . ASP A 1 147 ? 2.223   -17.998 -4.847  1.00 58.47  ? 146 ASP A OD1   1 
ATOM   1152 O  OD2   . ASP A 1 147 ? 1.416   -17.822 -6.887  1.00 53.15  ? 146 ASP A OD2   1 
ATOM   1153 N  N     . MET A 1 148 ? 1.590   -14.057 -4.325  1.00 40.95  ? 147 MET A N     1 
ATOM   1154 C  CA    . MET A 1 148 ? 2.681   -13.101 -4.346  1.00 34.29  ? 147 MET A CA    1 
ATOM   1155 C  C     . MET A 1 148 ? 3.083   -12.710 -2.934  1.00 33.69  ? 147 MET A C     1 
ATOM   1156 O  O     . MET A 1 148 ? 4.268   -12.540 -2.651  1.00 36.48  ? 147 MET A O     1 
ATOM   1157 C  CB    . MET A 1 148 ? 2.290   -11.859 -5.132  1.00 31.32  ? 147 MET A CB    1 
ATOM   1158 C  CG    . MET A 1 148 ? 3.463   -10.914 -5.359  1.00 43.52  ? 147 MET A CG    1 
ATOM   1159 S  SD    . MET A 1 148 ? 4.856   -11.755 -6.160  1.00 37.39  ? 147 MET A SD    1 
ATOM   1160 C  CE    . MET A 1 148 ? 4.332   -11.686 -7.895  1.00 41.00  ? 147 MET A CE    1 
ATOM   1161 N  N     . ALA A 1 149 ? 2.106   -12.594 -2.044  1.00 34.27  ? 148 ALA A N     1 
ATOM   1162 C  CA    . ALA A 1 149 ? 2.391   -12.220 -0.662  1.00 31.94  ? 148 ALA A CA    1 
ATOM   1163 C  C     . ALA A 1 149 ? 3.198   -13.302 0.028   1.00 33.65  ? 148 ALA A C     1 
ATOM   1164 O  O     . ALA A 1 149 ? 4.103   -13.000 0.804   1.00 35.31  ? 148 ALA A O     1 
ATOM   1165 C  CB    . ALA A 1 149 ? 1.104   -11.957 0.095   1.00 34.25  ? 148 ALA A CB    1 
ATOM   1166 N  N     . ASN A 1 150 ? 2.883   -14.560 -0.258  1.00 37.67  ? 149 ASN A N     1 
ATOM   1167 C  CA    . ASN A 1 150 ? 3.595   -15.674 0.361   1.00 41.95  ? 149 ASN A CA    1 
ATOM   1168 C  C     . ASN A 1 150 ? 5.011   -15.792 -0.192  1.00 40.39  ? 149 ASN A C     1 
ATOM   1169 O  O     . ASN A 1 150 ? 5.971   -16.013 0.546   1.00 35.10  ? 149 ASN A O     1 
ATOM   1170 C  CB    . ASN A 1 150 ? 2.844   -16.992 0.147   1.00 54.05  ? 149 ASN A CB    1 
ATOM   1171 C  CG    . ASN A 1 150 ? 3.595   -18.189 0.724   1.00 67.06  ? 149 ASN A CG    1 
ATOM   1172 O  OD1   . ASN A 1 150 ? 3.976   -19.109 -0.001  1.00 73.28  ? 149 ASN A OD1   1 
ATOM   1173 N  ND2   . ASN A 1 150 ? 3.826   -18.170 2.034   1.00 68.68  ? 149 ASN A ND2   1 
ATOM   1174 N  N     . ARG A 1 151 ? 5.118   -15.598 -1.496  1.00 35.75  ? 150 ARG A N     1 
ATOM   1175 C  CA    . ARG A 1 151 ? 6.378   -15.663 -2.219  1.00 33.67  ? 150 ARG A CA    1 
ATOM   1176 C  C     . ARG A 1 151 ? 7.438   -14.720 -1.628  1.00 30.67  ? 150 ARG A C     1 
ATOM   1177 O  O     . ARG A 1 151 ? 8.611   -15.068 -1.537  1.00 34.28  ? 150 ARG A O     1 
ATOM   1178 C  CB    . ARG A 1 151 ? 6.096   -15.303 -3.677  1.00 44.08  ? 150 ARG A CB    1 
ATOM   1179 C  CG    . ARG A 1 151 ? 7.238   -15.466 -4.639  1.00 50.65  ? 150 ARG A CG    1 
ATOM   1180 C  CD    . ARG A 1 151 ? 6.698   -15.420 -6.053  1.00 61.07  ? 150 ARG A CD    1 
ATOM   1181 N  NE    . ARG A 1 151 ? 5.687   -16.453 -6.272  1.00 69.39  ? 150 ARG A NE    1 
ATOM   1182 C  CZ    . ARG A 1 151 ? 4.879   -16.495 -7.327  1.00 74.99  ? 150 ARG A CZ    1 
ATOM   1183 N  NH1   . ARG A 1 151 ? 4.941   -15.564 -8.262  1.00 72.66  ? 150 ARG A NH1   1 
ATOM   1184 N  NH2   . ARG A 1 151 ? 4.029   -17.495 -7.467  1.00 72.49  ? 150 ARG A NH2   1 
ATOM   1185 N  N     . ILE A 1 152 ? 7.017   -13.539 -1.195  1.00 24.32  ? 151 ILE A N     1 
ATOM   1186 C  CA    . ILE A 1 152 ? 7.936   -12.559 -0.631  1.00 18.84  ? 151 ILE A CA    1 
ATOM   1187 C  C     . ILE A 1 152 ? 7.884   -12.528 0.888   1.00 27.63  ? 151 ILE A C     1 
ATOM   1188 O  O     . ILE A 1 152 ? 8.344   -11.573 1.513   1.00 29.28  ? 151 ILE A O     1 
ATOM   1189 C  CB    . ILE A 1 152 ? 7.632   -11.148 -1.164  1.00 12.44  ? 151 ILE A CB    1 
ATOM   1190 C  CG1   . ILE A 1 152 ? 6.327   -10.618 -0.565  1.00 12.93  ? 151 ILE A CG1   1 
ATOM   1191 C  CG2   . ILE A 1 152 ? 7.486   -11.200 -2.673  1.00 7.66   ? 151 ILE A CG2   1 
ATOM   1192 C  CD1   . ILE A 1 152 ? 5.941   -9.214  -1.038  1.00 11.23  ? 151 ILE A CD1   1 
ATOM   1193 N  N     . GLY A 1 153 ? 7.264   -13.551 1.476   1.00 29.54  ? 152 GLY A N     1 
ATOM   1194 C  CA    . GLY A 1 153 ? 7.166   -13.630 2.924   1.00 27.36  ? 152 GLY A CA    1 
ATOM   1195 C  C     . GLY A 1 153 ? 6.501   -12.441 3.595   1.00 26.80  ? 152 GLY A C     1 
ATOM   1196 O  O     . GLY A 1 153 ? 7.018   -11.907 4.581   1.00 24.61  ? 152 GLY A O     1 
ATOM   1197 N  N     . ALA A 1 154 ? 5.370   -12.005 3.051   1.00 30.28  ? 153 ALA A N     1 
ATOM   1198 C  CA    . ALA A 1 154 ? 4.632   -10.889 3.639   1.00 30.50  ? 153 ALA A CA    1 
ATOM   1199 C  C     . ALA A 1 154 ? 3.934   -11.366 4.915   1.00 29.89  ? 153 ALA A C     1 
ATOM   1200 O  O     . ALA A 1 154 ? 3.671   -12.556 5.079   1.00 27.33  ? 153 ALA A O     1 
ATOM   1201 C  CB    . ALA A 1 154 ? 3.614   -10.337 2.653   1.00 22.36  ? 153 ALA A CB    1 
ATOM   1202 N  N     . PHE A 1 155 ? 3.700   -10.442 5.836   1.00 35.98  ? 154 PHE A N     1 
ATOM   1203 C  CA    . PHE A 1 155 ? 3.035   -10.755 7.092   1.00 37.13  ? 154 PHE A CA    1 
ATOM   1204 C  C     . PHE A 1 155 ? 1.572   -11.084 6.805   1.00 41.84  ? 154 PHE A C     1 
ATOM   1205 O  O     . PHE A 1 155 ? 0.929   -11.825 7.548   1.00 44.07  ? 154 PHE A O     1 
ATOM   1206 C  CB    . PHE A 1 155 ? 3.137   -9.566  8.044   1.00 40.03  ? 154 PHE A CB    1 
ATOM   1207 C  CG    . PHE A 1 155 ? 2.437   -9.775  9.352   1.00 44.31  ? 154 PHE A CG    1 
ATOM   1208 C  CD1   . PHE A 1 155 ? 3.031   -10.521 10.360  1.00 49.15  ? 154 PHE A CD1   1 
ATOM   1209 C  CD2   . PHE A 1 155 ? 1.189   -9.207  9.585   1.00 54.50  ? 154 PHE A CD2   1 
ATOM   1210 C  CE1   . PHE A 1 155 ? 2.392   -10.702 11.584  1.00 53.13  ? 154 PHE A CE1   1 
ATOM   1211 C  CE2   . PHE A 1 155 ? 0.539   -9.381  10.805  1.00 57.89  ? 154 PHE A CE2   1 
ATOM   1212 C  CZ    . PHE A 1 155 ? 1.143   -10.130 11.808  1.00 56.46  ? 154 PHE A CZ    1 
ATOM   1213 N  N     . GLY A 1 156 ? 1.052   -10.520 5.725   1.00 38.36  ? 155 GLY A N     1 
ATOM   1214 C  CA    . GLY A 1 156 ? -0.321  -10.782 5.364   1.00 40.70  ? 155 GLY A CA    1 
ATOM   1215 C  C     . GLY A 1 156 ? -0.743  -9.993  4.148   1.00 40.71  ? 155 GLY A C     1 
ATOM   1216 O  O     . GLY A 1 156 ? -0.153  -8.956  3.830   1.00 44.36  ? 155 GLY A O     1 
ATOM   1217 N  N     . TYR A 1 157 ? -1.724  -10.528 3.435   1.00 40.55  ? 156 TYR A N     1 
ATOM   1218 C  CA    . TYR A 1 157 ? -2.278  -9.894  2.249   1.00 33.14  ? 156 TYR A CA    1 
ATOM   1219 C  C     . TYR A 1 157 ? -3.637  -9.299  2.622   1.00 33.56  ? 156 TYR A C     1 
ATOM   1220 O  O     . TYR A 1 157 ? -4.353  -9.847  3.460   1.00 43.93  ? 156 TYR A O     1 
ATOM   1221 C  CB    . TYR A 1 157 ? -2.441  -10.920 1.141   1.00 19.60  ? 156 TYR A CB    1 
ATOM   1222 C  CG    . TYR A 1 157 ? -3.126  -10.407 -0.096  1.00 18.55  ? 156 TYR A CG    1 
ATOM   1223 C  CD1   . TYR A 1 157 ? -2.644  -9.294  -0.774  1.00 14.36  ? 156 TYR A CD1   1 
ATOM   1224 C  CD2   . TYR A 1 157 ? -4.224  -11.079 -0.629  1.00 18.21  ? 156 TYR A CD2   1 
ATOM   1225 C  CE1   . TYR A 1 157 ? -3.245  -8.866  -1.965  1.00 18.63  ? 156 TYR A CE1   1 
ATOM   1226 C  CE2   . TYR A 1 157 ? -4.820  -10.668 -1.808  1.00 21.56  ? 156 TYR A CE2   1 
ATOM   1227 C  CZ    . TYR A 1 157 ? -4.326  -9.565  -2.475  1.00 18.20  ? 156 TYR A CZ    1 
ATOM   1228 O  OH    . TYR A 1 157 ? -4.909  -9.183  -3.662  1.00 21.66  ? 156 TYR A OH    1 
ATOM   1229 N  N     . MET A 1 158 ? -4.006  -8.226  1.939   1.00 26.18  ? 157 MET A N     1 
ATOM   1230 C  CA    . MET A 1 158 ? -5.248  -7.533  2.210   1.00 26.13  ? 157 MET A CA    1 
ATOM   1231 C  C     . MET A 1 158 ? -5.655  -6.794  0.949   1.00 29.61  ? 157 MET A C     1 
ATOM   1232 O  O     . MET A 1 158 ? -4.809  -6.466  0.123   1.00 34.86  ? 157 MET A O     1 
ATOM   1233 C  CB    . MET A 1 158 ? -5.008  -6.505  3.321   1.00 29.43  ? 157 MET A CB    1 
ATOM   1234 C  CG    . MET A 1 158 ? -6.235  -6.161  4.129   1.00 48.66  ? 157 MET A CG    1 
ATOM   1235 S  SD    . MET A 1 158 ? -6.659  -7.489  5.276   1.00 46.81  ? 157 MET A SD    1 
ATOM   1236 C  CE    . MET A 1 158 ? -6.181  -6.723  6.829   1.00 51.42  ? 157 MET A CE    1 
ATOM   1237 N  N     . GLU A 1 159 ? -6.954  -6.565  0.782   1.00 25.91  ? 158 GLU A N     1 
ATOM   1238 C  CA    . GLU A 1 159 ? -7.475  -5.821  -0.369  1.00 22.57  ? 158 GLU A CA    1 
ATOM   1239 C  C     . GLU A 1 159 ? -8.376  -4.690  0.151   1.00 27.57  ? 158 GLU A C     1 
ATOM   1240 O  O     . GLU A 1 159 ? -8.793  -4.718  1.318   1.00 29.24  ? 158 GLU A O     1 
ATOM   1241 C  CB    . GLU A 1 159 ? -8.266  -6.725  -1.296  1.00 15.31  ? 158 GLU A CB    1 
ATOM   1242 C  CG    . GLU A 1 159 ? -7.452  -7.745  -2.078  1.00 14.01  ? 158 GLU A CG    1 
ATOM   1243 C  CD    . GLU A 1 159 ? -8.302  -8.449  -3.131  1.00 32.21  ? 158 GLU A CD    1 
ATOM   1244 O  OE1   . GLU A 1 159 ? -9.552  -8.449  -2.987  1.00 37.22  ? 158 GLU A OE1   1 
ATOM   1245 O  OE2   . GLU A 1 159 ? -7.746  -9.013  -4.106  1.00 33.63  ? 158 GLU A OE2   1 
ATOM   1246 N  N     . CYS A 1 160 ? -8.670  -3.698  -0.690  1.00 24.44  ? 159 CYS A N     1 
ATOM   1247 C  CA    . CYS A 1 160 ? -9.501  -2.580  -0.249  1.00 24.01  ? 159 CYS A CA    1 
ATOM   1248 C  C     . CYS A 1 160 ? -9.807  -1.573  -1.348  1.00 25.11  ? 159 CYS A C     1 
ATOM   1249 O  O     . CYS A 1 160 ? -9.307  -1.671  -2.468  1.00 30.91  ? 159 CYS A O     1 
ATOM   1250 C  CB    . CYS A 1 160 ? -8.802  -1.834  0.891   1.00 23.49  ? 159 CYS A CB    1 
ATOM   1251 S  SG    . CYS A 1 160 ? -7.360  -0.927  0.325   1.00 22.19  ? 159 CYS A SG    1 
ATOM   1252 N  N     . SER A 1 161 ? -10.646 -0.600  -1.012  1.00 24.86  ? 160 SER A N     1 
ATOM   1253 C  CA    . SER A 1 161 ? -11.014 0.470   -1.922  1.00 23.88  ? 160 SER A CA    1 
ATOM   1254 C  C     . SER A 1 161 ? -11.097 1.764   -1.129  1.00 25.77  ? 160 SER A C     1 
ATOM   1255 O  O     . SER A 1 161 ? -11.858 1.864   -0.171  1.00 32.51  ? 160 SER A O     1 
ATOM   1256 C  CB    . SER A 1 161 ? -12.356 0.211   -2.588  1.00 15.20  ? 160 SER A CB    1 
ATOM   1257 O  OG    . SER A 1 161 ? -12.745 1.383   -3.287  1.00 20.36  ? 160 SER A OG    1 
ATOM   1258 N  N     . ALA A 1 162 ? -10.277 2.740   -1.497  1.00 22.11  ? 161 ALA A N     1 
ATOM   1259 C  CA    . ALA A 1 162 ? -10.273 4.025   -0.811  1.00 20.57  ? 161 ALA A CA    1 
ATOM   1260 C  C     . ALA A 1 162 ? -11.470 4.843   -1.285  1.00 26.27  ? 161 ALA A C     1 
ATOM   1261 O  O     . ALA A 1 162 ? -11.918 5.769   -0.608  1.00 25.93  ? 161 ALA A O     1 
ATOM   1262 C  CB    . ALA A 1 162 ? -8.984  4.765   -1.099  1.00 16.02  ? 161 ALA A CB    1 
ATOM   1263 N  N     . LYS A 1 163 ? -11.980 4.495   -2.462  1.00 19.38  ? 162 LYS A N     1 
ATOM   1264 C  CA    . LYS A 1 163 ? -13.120 5.190   -3.031  1.00 22.69  ? 162 LYS A CA    1 
ATOM   1265 C  C     . LYS A 1 163 ? -14.426 4.870   -2.280  1.00 26.78  ? 162 LYS A C     1 
ATOM   1266 O  O     . LYS A 1 163 ? -15.153 5.787   -1.900  1.00 17.16  ? 162 LYS A O     1 
ATOM   1267 C  CB    . LYS A 1 163 ? -13.269 4.850   -4.513  1.00 18.28  ? 162 LYS A CB    1 
ATOM   1268 C  CG    . LYS A 1 163 ? -14.101 5.849   -5.274  1.00 14.65  ? 162 LYS A CG    1 
ATOM   1269 C  CD    . LYS A 1 163 ? -14.372 5.373   -6.699  1.00 38.19  ? 162 LYS A CD    1 
ATOM   1270 C  CE    . LYS A 1 163 ? -15.196 6.388   -7.487  1.00 42.49  ? 162 LYS A CE    1 
ATOM   1271 N  NZ    . LYS A 1 163 ? -14.517 7.719   -7.524  1.00 43.60  ? 162 LYS A NZ    1 
ATOM   1272 N  N     . THR A 1 164 ? -14.706 3.580   -2.065  1.00 23.90  ? 163 THR A N     1 
ATOM   1273 C  CA    . THR A 1 164 ? -15.922 3.141   -1.369  1.00 18.77  ? 163 THR A CA    1 
ATOM   1274 C  C     . THR A 1 164 ? -15.718 2.957   0.135   1.00 24.34  ? 163 THR A C     1 
ATOM   1275 O  O     . THR A 1 164 ? -16.686 2.851   0.880   1.00 33.51  ? 163 THR A O     1 
ATOM   1276 C  CB    . THR A 1 164 ? -16.436 1.804   -1.909  1.00 15.02  ? 163 THR A CB    1 
ATOM   1277 O  OG1   . THR A 1 164 ? -15.548 0.757   -1.504  1.00 18.39  ? 163 THR A OG1   1 
ATOM   1278 C  CG2   . THR A 1 164 ? -16.529 1.822   -3.421  1.00 9.62   ? 163 THR A CG2   1 
ATOM   1279 N  N     . LYS A 1 165 ? -14.454 2.927   0.556   1.00 21.80  ? 164 LYS A N     1 
ATOM   1280 C  CA    . LYS A 1 165 ? -14.031 2.736   1.948   1.00 8.79   ? 164 LYS A CA    1 
ATOM   1281 C  C     . LYS A 1 165 ? -13.981 1.266   2.356   1.00 10.86  ? 164 LYS A C     1 
ATOM   1282 O  O     . LYS A 1 165 ? -13.534 0.933   3.466   1.00 10.51  ? 164 LYS A O     1 
ATOM   1283 C  CB    . LYS A 1 165 ? -14.872 3.541   2.939   1.00 22.41  ? 164 LYS A CB    1 
ATOM   1284 C  CG    . LYS A 1 165 ? -14.469 5.008   3.103   1.00 31.50  ? 164 LYS A CG    1 
ATOM   1285 C  CD    . LYS A 1 165 ? -15.020 5.561   4.429   1.00 38.63  ? 164 LYS A CD    1 
ATOM   1286 C  CE    . LYS A 1 165 ? -14.749 7.053   4.608   1.00 42.92  ? 164 LYS A CE    1 
ATOM   1287 N  NZ    . LYS A 1 165 ? -15.498 7.882   3.597   1.00 39.87  ? 164 LYS A NZ    1 
ATOM   1288 N  N     . ASP A 1 166 ? -14.363 0.387   1.423   1.00 5.12   ? 165 ASP A N     1 
ATOM   1289 C  CA    . ASP A 1 166 ? -14.370 -1.060  1.642   1.00 10.84  ? 165 ASP A CA    1 
ATOM   1290 C  C     . ASP A 1 166 ? -13.034 -1.614  2.133   1.00 17.13  ? 165 ASP A C     1 
ATOM   1291 O  O     . ASP A 1 166 ? -12.050 -1.610  1.400   1.00 28.11  ? 165 ASP A O     1 
ATOM   1292 C  CB    . ASP A 1 166 ? -14.771 -1.757  0.332   1.00 16.57  ? 165 ASP A CB    1 
ATOM   1293 C  CG    . ASP A 1 166 ? -14.946 -3.263  0.473   1.00 14.35  ? 165 ASP A CG    1 
ATOM   1294 O  OD1   . ASP A 1 166 ? -14.851 -3.782  1.601   1.00 20.90  ? 165 ASP A OD1   1 
ATOM   1295 O  OD2   . ASP A 1 166 ? -15.188 -3.932  -0.563  1.00 20.31  ? 165 ASP A OD2   1 
ATOM   1296 N  N     . GLY A 1 167 ? -12.967 -2.007  3.400   1.00 21.56  ? 166 GLY A N     1 
ATOM   1297 C  CA    . GLY A 1 167 ? -11.743 -2.593  3.929   1.00 24.85  ? 166 GLY A CA    1 
ATOM   1298 C  C     . GLY A 1 167 ? -10.571 -1.697  4.309   1.00 24.66  ? 166 GLY A C     1 
ATOM   1299 O  O     . GLY A 1 167 ? -9.518  -2.201  4.728   1.00 35.27  ? 166 GLY A O     1 
ATOM   1300 N  N     . VAL A 1 168 ? -10.727 -0.384  4.193   1.00 22.81  ? 167 VAL A N     1 
ATOM   1301 C  CA    . VAL A 1 168 ? -9.636  0.530   4.548   1.00 20.61  ? 167 VAL A CA    1 
ATOM   1302 C  C     . VAL A 1 168 ? -9.200  0.405   6.016   1.00 24.62  ? 167 VAL A C     1 
ATOM   1303 O  O     . VAL A 1 168 ? -8.006  0.400   6.319   1.00 32.76  ? 167 VAL A O     1 
ATOM   1304 C  CB    . VAL A 1 168 ? -10.016 1.993   4.246   1.00 18.17  ? 167 VAL A CB    1 
ATOM   1305 C  CG1   . VAL A 1 168 ? -9.058  2.956   4.934   1.00 17.82  ? 167 VAL A CG1   1 
ATOM   1306 C  CG2   . VAL A 1 168 ? -10.008 2.226   2.748   1.00 19.83  ? 167 VAL A CG2   1 
ATOM   1307 N  N     . ARG A 1 169 ? -10.163 0.308   6.922   1.00 20.36  ? 168 ARG A N     1 
ATOM   1308 C  CA    . ARG A 1 169 ? -9.871  0.214   8.348   1.00 24.03  ? 168 ARG A CA    1 
ATOM   1309 C  C     . ARG A 1 169 ? -9.130  -1.064  8.735   1.00 23.06  ? 168 ARG A C     1 
ATOM   1310 O  O     . ARG A 1 169 ? -8.197  -1.027  9.544   1.00 15.38  ? 168 ARG A O     1 
ATOM   1311 C  CB    . ARG A 1 169 ? -11.181 0.351   9.146   1.00 36.30  ? 168 ARG A CB    1 
ATOM   1312 C  CG    . ARG A 1 169 ? -11.085 0.125   10.648  1.00 42.78  ? 168 ARG A CG    1 
ATOM   1313 C  CD    . ARG A 1 169 ? -10.155 1.109   11.320  1.00 67.71  ? 168 ARG A CD    1 
ATOM   1314 N  NE    . ARG A 1 169 ? -10.526 2.497   11.062  1.00 84.74  ? 168 ARG A NE    1 
ATOM   1315 C  CZ    . ARG A 1 169 ? -10.178 3.525   11.837  1.00 91.57  ? 168 ARG A CZ    1 
ATOM   1316 N  NH1   . ARG A 1 169 ? -9.456  3.333   12.931  1.00 92.89  ? 168 ARG A NH1   1 
ATOM   1317 N  NH2   . ARG A 1 169 ? -10.540 4.750   11.504  1.00 92.63  ? 168 ARG A NH2   1 
ATOM   1318 N  N     . GLU A 1 170 ? -9.479  -2.174  8.091   1.00 23.17  ? 169 GLU A N     1 
ATOM   1319 C  CA    . GLU A 1 170 ? -8.856  -3.454  8.408   1.00 28.21  ? 169 GLU A CA    1 
ATOM   1320 C  C     . GLU A 1 170 ? -7.372  -3.439  8.031   1.00 30.76  ? 169 GLU A C     1 
ATOM   1321 O  O     . GLU A 1 170 ? -6.537  -4.019  8.737   1.00 27.33  ? 169 GLU A O     1 
ATOM   1322 C  CB    . GLU A 1 170 ? -9.606  -4.610  7.717   1.00 31.48  ? 169 GLU A CB    1 
ATOM   1323 C  CG    . GLU A 1 170 ? -11.059 -4.818  8.200   1.00 28.90  ? 169 GLU A CG    1 
ATOM   1324 C  CD    . GLU A 1 170 ? -12.073 -3.929  7.487   1.00 34.59  ? 169 GLU A CD    1 
ATOM   1325 O  OE1   . GLU A 1 170 ? -12.095 -2.698  7.702   1.00 40.94  ? 169 GLU A OE1   1 
ATOM   1326 O  OE2   . GLU A 1 170 ? -12.860 -4.461  6.686   1.00 44.62  ? 169 GLU A OE2   1 
ATOM   1327 N  N     . VAL A 1 171 ? -7.054  -2.731  6.941   1.00 28.65  ? 170 VAL A N     1 
ATOM   1328 C  CA    . VAL A 1 171 ? -5.683  -2.590  6.442   1.00 24.23  ? 170 VAL A CA    1 
ATOM   1329 C  C     . VAL A 1 171 ? -4.766  -2.039  7.531   1.00 21.03  ? 170 VAL A C     1 
ATOM   1330 O  O     . VAL A 1 171 ? -3.731  -2.630  7.848   1.00 19.85  ? 170 VAL A O     1 
ATOM   1331 C  CB    . VAL A 1 171 ? -5.618  -1.636  5.206   1.00 21.69  ? 170 VAL A CB    1 
ATOM   1332 C  CG1   . VAL A 1 171 ? -4.174  -1.303  4.862   1.00 21.65  ? 170 VAL A CG1   1 
ATOM   1333 C  CG2   . VAL A 1 171 ? -6.285  -2.270  3.994   1.00 26.83  ? 170 VAL A CG2   1 
ATOM   1334 N  N     . PHE A 1 172 ? -5.159  -0.926  8.134   1.00 21.53  ? 171 PHE A N     1 
ATOM   1335 C  CA    . PHE A 1 172 ? -4.337  -0.319  9.172   1.00 27.94  ? 171 PHE A CA    1 
ATOM   1336 C  C     . PHE A 1 172 ? -4.307  -1.070  10.493  1.00 30.27  ? 171 PHE A C     1 
ATOM   1337 O  O     . PHE A 1 172 ? -3.289  -1.079  11.188  1.00 26.70  ? 171 PHE A O     1 
ATOM   1338 C  CB    . PHE A 1 172 ? -4.700  1.147   9.349   1.00 24.52  ? 171 PHE A CB    1 
ATOM   1339 C  CG    . PHE A 1 172 ? -4.385  1.979   8.140   1.00 34.22  ? 171 PHE A CG    1 
ATOM   1340 C  CD1   . PHE A 1 172 ? -5.193  1.919   7.010   1.00 34.40  ? 171 PHE A CD1   1 
ATOM   1341 C  CD2   . PHE A 1 172 ? -3.252  2.791   8.113   1.00 35.36  ? 171 PHE A CD2   1 
ATOM   1342 C  CE1   . PHE A 1 172 ? -4.881  2.654   5.868   1.00 28.67  ? 171 PHE A CE1   1 
ATOM   1343 C  CE2   . PHE A 1 172 ? -2.936  3.529   6.974   1.00 30.61  ? 171 PHE A CE2   1 
ATOM   1344 C  CZ    . PHE A 1 172 ? -3.752  3.459   5.853   1.00 27.69  ? 171 PHE A CZ    1 
ATOM   1345 N  N     . GLU A 1 173 ? -5.402  -1.737  10.831  1.00 37.76  ? 172 GLU A N     1 
ATOM   1346 C  CA    . GLU A 1 173 ? -5.424  -2.494  12.075  1.00 39.73  ? 172 GLU A CA    1 
ATOM   1347 C  C     . GLU A 1 173 ? -4.399  -3.622  11.941  1.00 34.60  ? 172 GLU A C     1 
ATOM   1348 O  O     . GLU A 1 173 ? -3.606  -3.865  12.852  1.00 27.59  ? 172 GLU A O     1 
ATOM   1349 C  CB    . GLU A 1 173 ? -6.834  -3.031  12.374  1.00 45.49  ? 172 GLU A CB    1 
ATOM   1350 C  CG    . GLU A 1 173 ? -7.798  -1.955  12.892  1.00 52.22  ? 172 GLU A CG    1 
ATOM   1351 C  CD    . GLU A 1 173 ? -9.239  -2.437  13.069  1.00 56.77  ? 172 GLU A CD    1 
ATOM   1352 O  OE1   . GLU A 1 173 ? -9.499  -3.664  12.994  1.00 54.70  ? 172 GLU A OE1   1 
ATOM   1353 O  OE2   . GLU A 1 173 ? -10.114 -1.571  13.299  1.00 55.95  ? 172 GLU A OE2   1 
ATOM   1354 N  N     . MET A 1 174 ? -4.367  -4.267  10.781  1.00 25.97  ? 173 MET A N     1 
ATOM   1355 C  CA    . MET A 1 174 ? -3.405  -5.331  10.571  1.00 28.65  ? 173 MET A CA    1 
ATOM   1356 C  C     . MET A 1 174 ? -1.983  -4.753  10.651  1.00 29.19  ? 173 MET A C     1 
ATOM   1357 O  O     . MET A 1 174 ? -1.087  -5.366  11.238  1.00 22.38  ? 173 MET A O     1 
ATOM   1358 C  CB    . MET A 1 174 ? -3.642  -6.013  9.230   1.00 26.95  ? 173 MET A CB    1 
ATOM   1359 C  CG    . MET A 1 174 ? -2.697  -7.166  8.967   1.00 34.84  ? 173 MET A CG    1 
ATOM   1360 S  SD    . MET A 1 174 ? -3.057  -8.028  7.428   1.00 52.73  ? 173 MET A SD    1 
ATOM   1361 C  CE    . MET A 1 174 ? -2.851  -9.717  7.950   1.00 43.01  ? 173 MET A CE    1 
ATOM   1362 N  N     . ALA A 1 175 ? -1.793  -3.549  10.113  1.00 28.41  ? 174 ALA A N     1 
ATOM   1363 C  CA    . ALA A 1 175 ? -0.481  -2.902  10.147  1.00 30.57  ? 174 ALA A CA    1 
ATOM   1364 C  C     . ALA A 1 175 ? -0.047  -2.644  11.585  1.00 31.49  ? 174 ALA A C     1 
ATOM   1365 O  O     . ALA A 1 175 ? 1.054   -3.021  11.979  1.00 33.76  ? 174 ALA A O     1 
ATOM   1366 C  CB    . ALA A 1 175 ? -0.498  -1.595  9.358   1.00 27.86  ? 174 ALA A CB    1 
ATOM   1367 N  N     . THR A 1 176 ? -0.942  -2.068  12.380  1.00 34.71  ? 175 THR A N     1 
ATOM   1368 C  CA    . THR A 1 176 ? -0.644  -1.757  13.780  1.00 34.76  ? 175 THR A CA    1 
ATOM   1369 C  C     . THR A 1 176 ? -0.359  -3.034  14.564  1.00 38.06  ? 175 THR A C     1 
ATOM   1370 O  O     . THR A 1 176 ? 0.613   -3.122  15.312  1.00 37.40  ? 175 THR A O     1 
ATOM   1371 C  CB    . THR A 1 176 ? -1.813  -1.010  14.441  1.00 29.69  ? 175 THR A CB    1 
ATOM   1372 O  OG1   . THR A 1 176 ? -2.155  0.143   13.652  1.00 38.04  ? 175 THR A OG1   1 
ATOM   1373 C  CG2   . THR A 1 176 ? -1.426  -0.557  15.828  1.00 25.51  ? 175 THR A CG2   1 
ATOM   1374 N  N     . ARG A 1 177 ? -1.195  -4.036  14.342  1.00 43.22  ? 176 ARG A N     1 
ATOM   1375 C  CA    . ARG A 1 177 ? -1.061  -5.326  15.005  1.00 50.72  ? 176 ARG A CA    1 
ATOM   1376 C  C     . ARG A 1 177 ? 0.336   -5.903  14.739  1.00 52.31  ? 176 ARG A C     1 
ATOM   1377 O  O     . ARG A 1 177 ? 0.954   -6.489  15.630  1.00 53.11  ? 176 ARG A O     1 
ATOM   1378 C  CB    . ARG A 1 177 ? -2.138  -6.276  14.476  1.00 53.84  ? 176 ARG A CB    1 
ATOM   1379 C  CG    . ARG A 1 177 ? -2.477  -7.441  15.387  1.00 62.18  ? 176 ARG A CG    1 
ATOM   1380 C  CD    . ARG A 1 177 ? -3.649  -8.248  14.819  1.00 63.97  ? 176 ARG A CD    1 
ATOM   1381 N  NE    . ARG A 1 177 ? -4.818  -7.407  14.556  1.00 65.30  ? 176 ARG A NE    1 
ATOM   1382 C  CZ    . ARG A 1 177 ? -5.798  -7.190  15.420  1.00 64.57  ? 176 ARG A CZ    1 
ATOM   1383 N  NH1   . ARG A 1 177 ? -5.759  -7.742  16.617  1.00 68.63  ? 176 ARG A NH1   1 
ATOM   1384 N  NH2   . ARG A 1 177 ? -6.816  -6.415  15.097  1.00 67.45  ? 176 ARG A NH2   1 
ATOM   1385 N  N     . ALA A 1 178 ? 0.837   -5.696  13.526  1.00 53.58  ? 177 ALA A N     1 
ATOM   1386 C  CA    . ALA A 1 178 ? 2.160   -6.186  13.134  1.00 53.64  ? 177 ALA A CA    1 
ATOM   1387 C  C     . ALA A 1 178 ? 3.309   -5.304  13.631  1.00 50.87  ? 177 ALA A C     1 
ATOM   1388 O  O     . ALA A 1 178 ? 4.408   -5.786  13.859  1.00 50.09  ? 177 ALA A O     1 
ATOM   1389 C  CB    . ALA A 1 178 ? 2.235   -6.334  11.624  1.00 47.68  ? 177 ALA A CB    1 
ATOM   1390 N  N     . ALA A 1 179 ? 3.046   -4.011  13.795  1.00 49.88  ? 178 ALA A N     1 
ATOM   1391 C  CA    . ALA A 1 179 ? 4.070   -3.074  14.254  1.00 50.81  ? 178 ALA A CA    1 
ATOM   1392 C  C     . ALA A 1 179 ? 4.346   -3.203  15.751  1.00 54.76  ? 178 ALA A C     1 
ATOM   1393 O  O     . ALA A 1 179 ? 5.379   -2.733  16.246  1.00 55.43  ? 178 ALA A O     1 
ATOM   1394 C  CB    . ALA A 1 179 ? 3.656   -1.645  13.917  1.00 48.20  ? 178 ALA A CB    1 
ATOM   1395 N  N     . LEU A 1 180 ? 3.394   -3.767  16.481  1.00 58.10  ? 179 LEU A N     1 
ATOM   1396 C  CA    . LEU A 1 180 ? 3.541   -3.946  17.924  1.00 58.41  ? 179 LEU A CA    1 
ATOM   1397 C  C     . LEU A 1 180 ? 4.268   -5.239  18.228  1.00 63.19  ? 179 LEU A C     1 
ATOM   1398 O  O     . LEU A 1 180 ? 5.261   -5.252  18.956  1.00 64.23  ? 179 LEU A O     1 
ATOM   1399 C  CB    . LEU A 1 180 ? 2.174   -3.953  18.613  1.00 54.75  ? 179 LEU A CB    1 
ATOM   1400 C  CG    . LEU A 1 180 ? 1.626   -2.633  19.151  1.00 53.60  ? 179 LEU A CG    1 
ATOM   1401 C  CD1   . LEU A 1 180 ? 1.662   -1.557  18.083  1.00 55.93  ? 179 LEU A CD1   1 
ATOM   1402 C  CD2   . LEU A 1 180 ? 0.215   -2.845  19.651  1.00 50.20  ? 179 LEU A CD2   1 
ATOM   1403 N  N     . GLN A 1 181 ? 3.735   -6.341  17.718  1.00 66.64  ? 180 GLN A N     1 
ATOM   1404 C  CA    . GLN A 1 181 ? 4.329   -7.642  17.940  1.00 71.95  ? 180 GLN A CA    1 
ATOM   1405 C  C     . GLN A 1 181 ? 5.434   -7.878  16.931  1.00 76.88  ? 180 GLN A C     1 
ATOM   1406 O  O     . GLN A 1 181 ? 5.803   -6.967  16.192  1.00 76.40  ? 180 GLN A O     1 
ATOM   1407 C  CB    . GLN A 1 181 ? 3.275   -8.733  17.819  1.00 76.06  ? 180 GLN A CB    1 
ATOM   1408 C  CG    . GLN A 1 181 ? 2.723   -8.906  16.418  1.00 83.94  ? 180 GLN A CG    1 
ATOM   1409 C  CD    . GLN A 1 181 ? 1.720   -10.029 16.340  1.00 91.43  ? 180 GLN A CD    1 
ATOM   1410 O  OE1   . GLN A 1 181 ? 2.039   -11.176 16.656  1.00 94.79  ? 180 GLN A OE1   1 
ATOM   1411 N  NE2   . GLN A 1 181 ? 0.492   -9.709  15.935  1.00 94.79  ? 180 GLN A NE2   1 
ATOM   1412 N  N     . ALA A 1 182 ? 5.904   -9.123  16.872  1.00 86.18  ? 181 ALA A N     1 
ATOM   1413 C  CA    . ALA A 1 182 ? 6.967   -9.541  15.965  1.00 92.13  ? 181 ALA A CA    1 
ATOM   1414 C  C     . ALA A 1 182 ? 8.263   -8.767  16.239  1.00 95.06  ? 181 ALA A C     1 
ATOM   1415 O  O     . ALA A 1 182 ? 8.832   -8.975  17.331  1.00 97.37  ? 181 ALA A O     1 
ATOM   1416 C  CB    . ALA A 1 182 ? 6.522   -9.387  14.497  1.00 92.74  ? 181 ALA A CB    1 
ATOM   1417 O  OXT   . ALA A 1 182 ? 8.693   -7.961  15.388  1.00 94.14  ? 181 ALA A OXT   1 
HETATM 1418 MG MG    . MG  B 2 .   ? 0.838   9.985   -3.989  1.00 29.34  ? 550 MG  A MG    1 
HETATM 1419 P  PG    . GSP C 3 .   ? 2.189   8.587   -6.953  1.00 39.52  ? 538 GSP A PG    1 
HETATM 1420 O  O3B   . GSP C 3 .   ? 0.695   7.780   -7.073  1.00 44.15  ? 538 GSP A O3B   1 
HETATM 1421 S  S1G   . GSP C 3 .   ? 2.420   9.332   -8.695  1.00 37.23  ? 538 GSP A S1G   1 
HETATM 1422 O  O2G   . GSP C 3 .   ? 2.011   9.632   -5.900  1.00 31.59  ? 538 GSP A O2G   1 
HETATM 1423 O  O3G   . GSP C 3 .   ? 3.134   7.483   -6.572  1.00 32.62  ? 538 GSP A O3G   1 
HETATM 1424 P  PB    . GSP C 3 .   ? -0.269  7.139   -5.958  1.00 33.59  ? 538 GSP A PB    1 
HETATM 1425 O  O1B   . GSP C 3 .   ? -0.009  5.710   -5.978  1.00 33.83  ? 538 GSP A O1B   1 
HETATM 1426 O  O2B   . GSP C 3 .   ? -0.127  7.792   -4.598  1.00 2.00   ? 538 GSP A O2B   1 
HETATM 1427 P  PA    . GSP C 3 .   ? -3.022  8.269   -6.001  1.00 20.33  ? 538 GSP A PA    1 
HETATM 1428 O  O1A   . GSP C 3 .   ? -3.305  7.785   -4.639  1.00 24.55  ? 538 GSP A O1A   1 
HETATM 1429 O  O2A   . GSP C 3 .   ? -2.656  9.708   -6.155  1.00 18.85  ? 538 GSP A O2A   1 
HETATM 1430 O  O3A   . GSP C 3 .   ? -1.788  7.313   -6.511  1.00 25.44  ? 538 GSP A O3A   1 
HETATM 1431 O  "O5'" . GSP C 3 .   ? -4.243  7.890   -7.011  1.00 13.81  ? 538 GSP A "O5'" 1 
HETATM 1432 C  "C5'" . GSP C 3 .   ? -4.107  7.484   -8.361  1.00 22.41  ? 538 GSP A "C5'" 1 
HETATM 1433 C  "C4'" . GSP C 3 .   ? -5.384  7.664   -9.132  1.00 33.47  ? 538 GSP A "C4'" 1 
HETATM 1434 O  "O4'" . GSP C 3 .   ? -6.346  6.600   -8.835  1.00 37.98  ? 538 GSP A "O4'" 1 
HETATM 1435 C  "C3'" . GSP C 3 .   ? -6.075  8.964   -8.721  1.00 37.74  ? 538 GSP A "C3'" 1 
HETATM 1436 O  "O3'" . GSP C 3 .   ? -6.751  9.572   -9.831  1.00 29.97  ? 538 GSP A "O3'" 1 
HETATM 1437 C  "C2'" . GSP C 3 .   ? -7.109  8.530   -7.656  1.00 40.05  ? 538 GSP A "C2'" 1 
HETATM 1438 O  "O2'" . GSP C 3 .   ? -8.229  9.386   -7.565  1.00 42.99  ? 538 GSP A "O2'" 1 
HETATM 1439 C  "C1'" . GSP C 3 .   ? -7.525  7.117   -8.123  1.00 41.64  ? 538 GSP A "C1'" 1 
HETATM 1440 N  N9    . GSP C 3 .   ? -7.807  6.208   -6.978  1.00 32.95  ? 538 GSP A N9    1 
HETATM 1441 C  C8    . GSP C 3 .   ? -7.193  6.129   -5.734  1.00 29.47  ? 538 GSP A C8    1 
HETATM 1442 N  N7    . GSP C 3 .   ? -7.663  5.218   -4.956  1.00 18.41  ? 538 GSP A N7    1 
HETATM 1443 C  C5    . GSP C 3 .   ? -8.673  4.633   -5.723  1.00 24.25  ? 538 GSP A C5    1 
HETATM 1444 C  C6    . GSP C 3 .   ? -9.582  3.526   -5.404  1.00 22.76  ? 538 GSP A C6    1 
HETATM 1445 O  O6    . GSP C 3 .   ? -9.667  2.846   -4.370  1.00 29.55  ? 538 GSP A O6    1 
HETATM 1446 N  N1    . GSP C 3 .   ? -10.449 3.252   -6.468  1.00 14.38  ? 538 GSP A N1    1 
HETATM 1447 C  C2    . GSP C 3 .   ? -10.452 3.938   -7.666  1.00 19.45  ? 538 GSP A C2    1 
HETATM 1448 N  N2    . GSP C 3 .   ? -11.321 3.594   -8.597  1.00 12.26  ? 538 GSP A N2    1 
HETATM 1449 N  N3    . GSP C 3 .   ? -9.613  4.951   -7.955  1.00 13.65  ? 538 GSP A N3    1 
HETATM 1450 C  C4    . GSP C 3 .   ? -8.757  5.238   -6.946  1.00 24.16  ? 538 GSP A C4    1 
HETATM 1451 O  O     . HOH D 4 .   ? -6.681  3.691   -2.915  1.00 15.15  ? 601 HOH A O     1 
HETATM 1452 O  O     . HOH D 4 .   ? -7.238  11.379  -5.963  1.00 22.19  ? 602 HOH A O     1 
HETATM 1453 O  O     . HOH D 4 .   ? 5.313   10.241  -7.309  1.00 18.34  ? 603 HOH A O     1 
HETATM 1454 O  O     . HOH D 4 .   ? 2.046   8.933   -2.879  1.00 10.90  ? 604 HOH A O     1 
HETATM 1455 O  O     . HOH D 4 .   ? -0.495  10.802  -5.206  1.00 27.34  ? 605 HOH A O     1 
HETATM 1456 O  O     . HOH D 4 .   ? 8.831   -3.345  -14.532 1.00 13.66  ? 606 HOH A O     1 
HETATM 1457 O  O     . HOH D 4 .   ? 1.165   -10.641 -14.447 1.00 58.86  ? 607 HOH A O     1 
HETATM 1458 O  O     . HOH D 4 .   ? 8.714   -13.763 -8.520  1.00 52.98  ? 608 HOH A O     1 
HETATM 1459 O  O     . HOH D 4 .   ? -10.557 -21.265 -4.636  1.00 30.35  ? 609 HOH A O     1 
HETATM 1460 O  O     . HOH D 4 .   ? -18.844 5.405   2.483   1.00 22.91  ? 610 HOH A O     1 
HETATM 1461 O  O     . HOH D 4 .   ? -8.492  21.480  1.588   1.00 60.41  ? 611 HOH A O     1 
HETATM 1462 O  O     . HOH D 4 .   ? -14.842 -6.880  0.960   1.00 36.29  ? 612 HOH A O     1 
HETATM 1463 O  O     . HOH D 4 .   ? -13.949 8.179   0.926   1.00 42.53  ? 613 HOH A O     1 
HETATM 1464 O  O     . HOH D 4 .   ? 2.851   -7.199  -17.711 1.00 29.77  ? 614 HOH A O     1 
HETATM 1465 O  O     . HOH D 4 .   ? -14.134 -8.907  -5.069  1.00 58.07  ? 615 HOH A O     1 
HETATM 1466 O  O     . HOH D 4 .   ? 10.561  10.383  -0.115  1.00 23.23  ? 616 HOH A O     1 
HETATM 1467 O  O     . HOH D 4 .   ? -13.122 -1.746  11.539  1.00 26.40  ? 617 HOH A O     1 
HETATM 1468 O  O     . HOH D 4 .   ? 9.291   9.766   -2.319  1.00 26.96  ? 618 HOH A O     1 
HETATM 1469 O  O     . HOH D 4 .   ? 14.805  -9.797  -1.962  1.00 18.49  ? 619 HOH A O     1 
HETATM 1470 O  O     . HOH D 4 .   ? -12.619 -13.892 -3.495  1.00 25.57  ? 620 HOH A O     1 
HETATM 1471 O  O     . HOH D 4 .   ? -7.931  8.370   11.039  1.00 40.96  ? 621 HOH A O     1 
HETATM 1472 O  O     . HOH D 4 .   ? -17.835 -13.119 -11.212 1.00 43.66  ? 622 HOH A O     1 
HETATM 1473 O  O     . HOH D 4 .   ? -15.855 -1.989  -3.239  1.00 35.57  ? 623 HOH A O     1 
HETATM 1474 O  O     . HOH D 4 .   ? 8.614   4.023   18.331  1.00 34.79  ? 624 HOH A O     1 
HETATM 1475 O  O     . HOH D 4 .   ? -12.552 -10.874 -2.807  1.00 24.99  ? 625 HOH A O     1 
HETATM 1476 O  O     . HOH D 4 .   ? 12.192  -13.309 1.700   1.00 51.96  ? 626 HOH A O     1 
HETATM 1477 O  O     . HOH D 4 .   ? 16.087  10.344  -7.900  1.00 39.40  ? 627 HOH A O     1 
HETATM 1478 O  O     . HOH D 4 .   ? -15.965 9.831   -7.873  1.00 45.86  ? 628 HOH A O     1 
HETATM 1479 O  O     . HOH D 4 .   ? -16.109 -0.888  7.005   1.00 8.73   ? 629 HOH A O     1 
HETATM 1480 O  O     . HOH D 4 .   ? 8.385   -1.825  16.309  1.00 41.57  ? 630 HOH A O     1 
HETATM 1481 O  O     . HOH D 4 .   ? 3.907   7.225   24.133  1.00 66.13  ? 631 HOH A O     1 
HETATM 1482 O  O     . HOH D 4 .   ? -12.413 -16.240 -10.605 1.00 52.06  ? 632 HOH A O     1 
HETATM 1483 O  O     . HOH D 4 .   ? 6.813   4.272   -4.070  1.00 19.10  ? 633 HOH A O     1 
HETATM 1484 O  O     . HOH D 4 .   ? 22.388  -5.329  -1.739  1.00 45.02  ? 634 HOH A O     1 
HETATM 1485 O  O     . HOH D 4 .   ? 6.434   -14.214 -10.765 1.00 50.74  ? 635 HOH A O     1 
HETATM 1486 O  O     . HOH D 4 .   ? -11.525 5.191   8.966   1.00 46.35  ? 636 HOH A O     1 
HETATM 1487 O  O     . HOH D 4 .   ? -3.963  17.329  2.747   1.00 58.68  ? 637 HOH A O     1 
HETATM 1488 O  O     . HOH D 4 .   ? -15.477 1.582   -9.507  1.00 27.22  ? 638 HOH A O     1 
# 
